data_3PMK
#
_entry.id   3PMK
#
_cell.length_a   74.560
_cell.length_b   171.970
_cell.length_c   239.860
_cell.angle_alpha   90.00
_cell.angle_beta   90.00
_cell.angle_gamma   90.00
#
_symmetry.space_group_name_H-M   'P 2 21 21'
#
loop_
_entity.id
_entity.type
_entity.pdbx_description
1 polymer 'Nucleocapsid protein'
2 polymer Phosphoprotein
3 water water
#
loop_
_entity_poly.entity_id
_entity_poly.type
_entity_poly.pdbx_seq_one_letter_code
_entity_poly.pdbx_strand_id
1 'polypeptide(L)'
;GAMEDPVEYPADYFRKSKEIPLYINTTKSLSDLRGYVYQGLKSGNVSIIHVNSYLYGALKDIRGKLDKDWSSFGINIGKA
GDTIGIFDLVSLKALDGVLPDGVSDASRTSADDKWLPLYLLGLYRVGRTQMPEYRKKLMDGLTNQCKMINEQFEPLVPEG
RDIFDVWGNDSNYTKIVAAVDMFFHMFKKHECASFRYGTIVSRFKDCAALATFGHLCKITGMSTEDVTTWILNREVADEM
VQMMLPGQEIDKADSYMPYLIDFGLSSKSPYSSVKNPAFHFWGQLTALLLRSTRARNARQPDDIEYTSLTTAGLLYAYAV
GSSADLAQQFCVGDNKYTPDDSTGGLTTNAPPQGRDVVEWLGWFEDQNRKPTPDMMQYAKRAVMSLQGLREKTIGKYAKS
EFDK
;
A,B,C,D,E
2 'polypeptide(L)' MDNLTKVREYLKSYSRLDQAVGEIDEIEAQRAEKSNYELFQEDGVEEHTKPSYFQAADDSLEHHHHHH N,O,P,Q,R
#
# COMPACT_ATOMS: atom_id res chain seq x y z
N GLY A 1 -58.53 -28.68 23.75
CA GLY A 1 -59.63 -29.64 24.06
C GLY A 1 -60.22 -29.43 25.44
N ALA A 2 -61.50 -29.74 25.58
CA ALA A 2 -62.25 -29.66 26.84
C ALA A 2 -62.51 -28.23 27.36
N MET A 3 -61.44 -27.44 27.54
CA MET A 3 -61.53 -26.11 28.16
C MET A 3 -62.05 -25.04 27.19
N GLU A 4 -61.35 -23.91 27.11
CA GLU A 4 -61.67 -22.85 26.15
C GLU A 4 -60.90 -23.09 24.85
N ASP A 5 -60.16 -24.20 24.82
CA ASP A 5 -59.26 -24.54 23.73
C ASP A 5 -59.84 -25.37 22.57
N PRO A 6 -60.98 -26.08 22.78
CA PRO A 6 -61.56 -26.84 21.67
C PRO A 6 -61.48 -26.08 20.36
N VAL A 7 -60.76 -26.65 19.40
CA VAL A 7 -60.53 -26.03 18.09
C VAL A 7 -61.82 -25.93 17.29
N GLU A 8 -61.91 -24.89 16.46
CA GLU A 8 -63.06 -24.68 15.60
C GLU A 8 -62.60 -24.68 14.15
N TYR A 9 -63.01 -25.70 13.40
CA TYR A 9 -62.63 -25.84 11.99
C TYR A 9 -63.47 -24.95 11.09
N PRO A 10 -62.87 -24.42 10.01
CA PRO A 10 -63.56 -23.52 9.08
C PRO A 10 -64.79 -24.13 8.41
N ALA A 11 -64.78 -25.45 8.23
CA ALA A 11 -65.88 -26.17 7.58
C ALA A 11 -67.16 -26.13 8.41
N ASP A 12 -67.00 -26.20 9.73
CA ASP A 12 -68.13 -26.25 10.68
C ASP A 12 -68.93 -24.96 10.72
N TYR A 13 -68.28 -23.84 10.40
CA TYR A 13 -68.95 -22.54 10.33
C TYR A 13 -70.05 -22.54 9.28
N PHE A 14 -69.72 -23.05 8.09
CA PHE A 14 -70.61 -23.01 6.94
C PHE A 14 -71.75 -24.04 6.97
N ARG A 15 -71.64 -25.02 7.87
CA ARG A 15 -72.73 -25.96 8.09
C ARG A 15 -73.84 -25.30 8.91
N LYS A 16 -73.47 -24.30 9.69
CA LYS A 16 -74.41 -23.56 10.54
C LYS A 16 -75.00 -22.34 9.84
N SER A 17 -74.16 -21.62 9.11
CA SER A 17 -74.60 -20.43 8.38
C SER A 17 -73.92 -20.32 7.01
N LYS A 18 -74.66 -19.81 6.03
CA LYS A 18 -74.15 -19.65 4.66
C LYS A 18 -73.67 -18.22 4.38
N GLU A 19 -73.63 -17.40 5.43
CA GLU A 19 -73.27 -15.99 5.31
C GLU A 19 -72.07 -15.60 6.18
N ILE A 20 -71.28 -14.66 5.68
CA ILE A 20 -70.30 -13.95 6.50
C ILE A 20 -70.78 -12.50 6.66
N PRO A 21 -71.44 -12.20 7.79
CA PRO A 21 -72.08 -10.90 8.01
C PRO A 21 -71.09 -9.75 8.25
N LEU A 22 -71.09 -8.79 7.32
CA LEU A 22 -70.31 -7.56 7.47
C LEU A 22 -71.25 -6.42 7.83
N TYR A 23 -71.15 -5.96 9.07
CA TYR A 23 -72.01 -4.89 9.58
C TYR A 23 -71.40 -3.53 9.28
N ILE A 24 -71.40 -3.16 7.99
CA ILE A 24 -70.97 -1.83 7.58
C ILE A 24 -71.97 -0.78 8.06
N ASN A 25 -71.41 0.31 8.56
CA ASN A 25 -72.12 1.21 9.45
C ASN A 25 -73.07 2.19 8.77
N THR A 26 -73.58 3.12 9.57
CA THR A 26 -74.58 4.10 9.14
C THR A 26 -74.23 4.69 7.77
N THR A 27 -75.21 4.71 6.87
CA THR A 27 -75.01 5.23 5.53
C THR A 27 -75.20 6.75 5.52
N LYS A 28 -74.14 7.45 5.08
CA LYS A 28 -74.15 8.90 4.97
C LYS A 28 -73.04 9.46 4.06
N SER A 29 -73.11 9.09 2.78
CA SER A 29 -72.27 9.68 1.72
C SER A 29 -70.77 9.35 1.77
N LEU A 30 -70.16 9.20 0.61
CA LEU A 30 -68.72 8.98 0.51
C LEU A 30 -67.93 10.27 0.74
N SER A 31 -68.43 11.36 0.17
CA SER A 31 -67.79 12.68 0.28
C SER A 31 -67.63 13.14 1.72
N ASP A 32 -68.65 12.87 2.54
CA ASP A 32 -68.63 13.18 3.97
C ASP A 32 -67.59 12.35 4.72
N LEU A 33 -67.58 11.04 4.44
CA LEU A 33 -66.71 10.08 5.12
C LEU A 33 -65.23 10.31 4.82
N ARG A 34 -64.94 10.75 3.60
CA ARG A 34 -63.58 11.07 3.18
C ARG A 34 -63.03 12.23 4.01
N GLY A 35 -63.90 13.20 4.30
CA GLY A 35 -63.57 14.31 5.19
C GLY A 35 -63.37 13.86 6.62
N TYR A 36 -64.19 12.91 7.07
CA TYR A 36 -64.09 12.34 8.41
C TYR A 36 -62.80 11.57 8.62
N VAL A 37 -62.52 10.64 7.69
CA VAL A 37 -61.34 9.79 7.76
C VAL A 37 -60.05 10.59 7.60
N TYR A 38 -60.02 11.48 6.61
CA TYR A 38 -58.83 12.27 6.29
C TYR A 38 -58.42 13.20 7.44
N GLN A 39 -59.33 14.07 7.85
CA GLN A 39 -59.06 15.03 8.93
C GLN A 39 -58.90 14.32 10.28
N GLY A 40 -59.77 13.37 10.56
CA GLY A 40 -59.70 12.58 11.78
C GLY A 40 -58.40 11.81 11.91
N LEU A 41 -57.88 11.37 10.77
CA LEU A 41 -56.58 10.70 10.70
C LEU A 41 -55.47 11.70 11.03
N LYS A 42 -55.50 12.85 10.36
CA LYS A 42 -54.51 13.92 10.56
C LYS A 42 -54.45 14.44 12.00
N SER A 43 -55.61 14.47 12.66
CA SER A 43 -55.72 15.03 14.00
C SER A 43 -55.49 14.00 15.11
N GLY A 44 -55.61 12.72 14.77
CA GLY A 44 -55.43 11.64 15.74
C GLY A 44 -56.72 11.20 16.41
N ASN A 45 -57.83 11.71 15.91
CA ASN A 45 -59.16 11.33 16.39
C ASN A 45 -60.02 10.82 15.25
N VAL A 46 -60.11 9.51 15.10
CA VAL A 46 -60.94 8.91 14.06
C VAL A 46 -61.71 7.70 14.61
N SER A 47 -62.96 7.57 14.17
CA SER A 47 -63.81 6.45 14.55
C SER A 47 -63.68 5.33 13.52
N ILE A 48 -63.55 4.10 14.02
CA ILE A 48 -63.49 2.90 13.16
C ILE A 48 -64.82 2.74 12.40
N ILE A 49 -65.90 3.21 13.02
CA ILE A 49 -67.22 3.27 12.40
C ILE A 49 -67.15 4.08 11.10
N HIS A 50 -66.48 5.23 11.16
CA HIS A 50 -66.25 6.07 9.98
C HIS A 50 -65.22 5.44 9.03
N VAL A 51 -64.21 4.80 9.60
CA VAL A 51 -63.14 4.14 8.83
C VAL A 51 -63.70 3.00 7.97
N ASN A 52 -64.52 2.16 8.58
CA ASN A 52 -65.16 1.04 7.88
C ASN A 52 -66.11 1.48 6.78
N SER A 53 -66.97 2.44 7.10
CA SER A 53 -67.97 2.95 6.16
C SER A 53 -67.33 3.60 4.94
N TYR A 54 -66.25 4.36 5.15
CA TYR A 54 -65.49 4.92 4.05
C TYR A 54 -64.80 3.82 3.25
N LEU A 55 -64.21 2.87 3.98
CA LEU A 55 -63.49 1.75 3.37
C LEU A 55 -64.42 0.92 2.48
N TYR A 56 -65.67 0.79 2.90
CA TYR A 56 -66.69 0.11 2.10
C TYR A 56 -67.04 0.90 0.84
N GLY A 57 -67.38 2.18 1.03
CA GLY A 57 -67.78 3.05 -0.07
C GLY A 57 -66.73 3.25 -1.15
N ALA A 58 -65.47 3.33 -0.74
CA ALA A 58 -64.35 3.52 -1.66
C ALA A 58 -64.01 2.24 -2.45
N LEU A 59 -64.13 1.10 -1.79
CA LEU A 59 -63.71 -0.18 -2.37
C LEU A 59 -64.80 -0.93 -3.15
N LYS A 60 -65.86 -0.23 -3.55
CA LYS A 60 -66.93 -0.85 -4.33
C LYS A 60 -66.61 -0.90 -5.83
N ASP A 61 -65.43 -1.42 -6.16
CA ASP A 61 -65.06 -1.66 -7.56
C ASP A 61 -65.48 -3.06 -7.99
N ILE A 62 -66.55 -3.11 -8.77
CA ILE A 62 -67.04 -4.37 -9.34
C ILE A 62 -66.17 -4.71 -10.57
N ARG A 63 -64.87 -4.71 -10.34
CA ARG A 63 -63.90 -5.04 -11.38
C ARG A 63 -63.37 -6.44 -11.14
N GLY A 64 -62.88 -7.07 -12.19
CA GLY A 64 -62.38 -8.44 -12.11
C GLY A 64 -63.43 -9.42 -12.58
N LYS A 65 -63.27 -9.86 -13.83
CA LYS A 65 -64.11 -10.89 -14.42
C LYS A 65 -63.54 -12.25 -14.08
N LEU A 66 -64.39 -13.12 -13.55
CA LEU A 66 -63.98 -14.44 -13.11
C LEU A 66 -63.60 -15.31 -14.31
N ASP A 67 -62.48 -16.02 -14.19
CA ASP A 67 -61.94 -16.80 -15.30
C ASP A 67 -62.33 -18.27 -15.21
N LYS A 68 -62.65 -18.71 -14.00
CA LYS A 68 -63.13 -20.07 -13.73
C LYS A 68 -64.08 -20.02 -12.53
N ASP A 69 -64.86 -21.08 -12.36
CA ASP A 69 -65.81 -21.17 -11.24
C ASP A 69 -65.10 -21.03 -9.89
N TRP A 70 -65.68 -20.25 -9.00
CA TRP A 70 -65.09 -19.98 -7.70
C TRP A 70 -66.08 -20.29 -6.58
N SER A 71 -65.74 -21.30 -5.77
CA SER A 71 -66.57 -21.73 -4.65
C SER A 71 -65.72 -22.34 -3.55
N SER A 72 -66.12 -22.09 -2.31
CA SER A 72 -65.42 -22.61 -1.14
C SER A 72 -66.40 -23.05 -0.07
N PHE A 73 -66.19 -24.24 0.47
CA PHE A 73 -67.04 -24.83 1.52
C PHE A 73 -68.52 -24.95 1.14
N GLY A 74 -68.79 -25.05 -0.15
CA GLY A 74 -70.17 -25.18 -0.65
C GLY A 74 -70.83 -23.84 -0.99
N ILE A 75 -70.09 -22.75 -0.80
CA ILE A 75 -70.58 -21.42 -1.13
C ILE A 75 -70.09 -21.03 -2.53
N ASN A 76 -71.03 -20.94 -3.48
CA ASN A 76 -70.70 -20.52 -4.83
C ASN A 76 -70.62 -19.00 -4.93
N ILE A 77 -69.41 -18.47 -4.78
CA ILE A 77 -69.16 -17.03 -4.83
C ILE A 77 -69.38 -16.49 -6.25
N GLY A 78 -68.99 -17.28 -7.24
CA GLY A 78 -69.15 -16.92 -8.65
C GLY A 78 -69.00 -18.09 -9.61
N LYS A 79 -69.34 -17.86 -10.87
CA LYS A 79 -69.31 -18.90 -11.90
C LYS A 79 -68.84 -18.38 -13.26
N ALA A 80 -68.52 -19.32 -14.15
CA ALA A 80 -68.21 -19.05 -15.56
C ALA A 80 -67.37 -17.79 -15.80
N GLY A 81 -68.03 -16.73 -16.26
CA GLY A 81 -67.39 -15.44 -16.50
C GLY A 81 -68.19 -14.32 -15.86
N ASP A 82 -68.50 -14.49 -14.58
CA ASP A 82 -69.24 -13.49 -13.82
C ASP A 82 -68.33 -12.37 -13.34
N THR A 83 -68.79 -11.13 -13.50
CA THR A 83 -68.07 -9.97 -13.00
C THR A 83 -68.52 -9.71 -11.56
N ILE A 84 -67.58 -9.79 -10.62
CA ILE A 84 -67.90 -9.71 -9.20
C ILE A 84 -67.14 -8.60 -8.47
N GLY A 85 -67.79 -8.04 -7.45
CA GLY A 85 -67.17 -7.07 -6.56
C GLY A 85 -66.42 -7.74 -5.44
N ILE A 86 -65.78 -6.93 -4.60
CA ILE A 86 -65.00 -7.42 -3.47
C ILE A 86 -65.88 -7.77 -2.26
N PHE A 87 -67.05 -7.16 -2.19
CA PHE A 87 -68.01 -7.42 -1.10
C PHE A 87 -69.05 -8.47 -1.47
N ASP A 88 -68.78 -9.22 -2.53
CA ASP A 88 -69.57 -10.40 -2.89
C ASP A 88 -69.10 -11.61 -2.08
N LEU A 89 -67.95 -11.44 -1.42
CA LEU A 89 -67.40 -12.45 -0.53
C LEU A 89 -68.03 -12.38 0.85
N VAL A 90 -68.72 -11.27 1.12
CA VAL A 90 -69.41 -11.05 2.40
C VAL A 90 -70.87 -10.68 2.17
N SER A 91 -71.62 -10.51 3.26
CA SER A 91 -73.04 -10.15 3.19
C SER A 91 -73.41 -9.18 4.31
N LEU A 92 -74.40 -8.33 4.03
CA LEU A 92 -75.16 -7.57 5.05
C LEU A 92 -74.83 -6.07 5.20
N LYS A 93 -75.55 -5.43 6.12
CA LYS A 93 -75.52 -3.98 6.34
C LYS A 93 -76.14 -3.67 7.71
N ALA A 94 -75.50 -2.79 8.48
CA ALA A 94 -76.04 -2.37 9.79
C ALA A 94 -75.99 -0.86 9.99
N LEU A 95 -77.14 -0.22 9.78
CA LEU A 95 -77.28 1.23 9.88
C LEU A 95 -77.97 1.62 11.19
N ASP A 96 -77.32 2.50 11.95
CA ASP A 96 -77.88 3.00 13.22
C ASP A 96 -77.69 4.52 13.35
N GLY A 97 -77.13 4.95 14.48
CA GLY A 97 -76.79 6.36 14.71
C GLY A 97 -75.30 6.52 14.95
N VAL A 98 -74.74 7.62 14.46
CA VAL A 98 -73.27 7.82 14.48
C VAL A 98 -72.86 9.16 15.11
N LEU A 99 -71.62 9.21 15.59
CA LEU A 99 -71.10 10.35 16.36
C LEU A 99 -70.35 11.40 15.50
N PRO A 100 -70.14 12.61 16.05
CA PRO A 100 -69.43 13.67 15.31
C PRO A 100 -67.91 13.58 15.46
N ASP A 101 -67.19 14.20 14.53
CA ASP A 101 -65.72 14.17 14.49
C ASP A 101 -65.20 15.34 13.65
N GLY A 102 -63.88 15.40 13.46
CA GLY A 102 -63.27 16.43 12.63
C GLY A 102 -63.46 16.14 11.15
N VAL A 103 -63.73 17.20 10.37
CA VAL A 103 -63.96 17.07 8.93
C VAL A 103 -63.21 18.13 8.12
N SER A 104 -62.56 17.69 7.05
CA SER A 104 -61.98 18.58 6.05
C SER A 104 -62.80 18.48 4.77
N ASP A 105 -63.22 19.63 4.24
CA ASP A 105 -64.03 19.67 3.03
C ASP A 105 -63.20 19.77 1.76
N ALA A 106 -61.95 20.21 1.91
CA ALA A 106 -61.03 20.40 0.79
C ALA A 106 -60.69 19.12 0.02
N SER A 107 -61.02 17.97 0.61
CA SER A 107 -60.68 16.66 0.02
C SER A 107 -61.45 16.37 -1.27
N ARG A 108 -60.72 15.83 -2.25
CA ARG A 108 -61.25 15.62 -3.59
C ARG A 108 -61.92 14.25 -3.77
N THR A 109 -62.94 14.21 -4.63
CA THR A 109 -63.69 12.98 -4.93
C THR A 109 -62.75 11.86 -5.41
N SER A 110 -61.93 12.17 -6.40
CA SER A 110 -60.85 11.27 -6.82
C SER A 110 -59.66 11.43 -5.87
N ALA A 111 -58.45 11.43 -6.42
CA ALA A 111 -57.22 11.68 -5.67
C ALA A 111 -57.06 10.83 -4.41
N ASP A 112 -57.66 11.26 -3.31
CA ASP A 112 -57.54 10.60 -2.02
C ASP A 112 -58.03 9.15 -2.06
N ASP A 113 -59.16 8.93 -2.73
CA ASP A 113 -59.79 7.61 -2.80
C ASP A 113 -58.95 6.51 -3.47
N LYS A 114 -57.88 6.93 -4.17
CA LYS A 114 -57.00 5.99 -4.85
C LYS A 114 -55.93 5.40 -3.92
N TRP A 115 -55.46 6.21 -2.97
CA TRP A 115 -54.40 5.80 -2.05
C TRP A 115 -54.83 5.66 -0.60
N LEU A 116 -55.95 6.27 -0.23
CA LEU A 116 -56.41 6.26 1.16
C LEU A 116 -56.85 4.89 1.69
N PRO A 117 -57.57 4.08 0.87
CA PRO A 117 -57.91 2.74 1.35
C PRO A 117 -56.67 1.88 1.56
N LEU A 118 -55.68 2.03 0.68
CA LEU A 118 -54.38 1.36 0.83
C LEU A 118 -53.71 1.73 2.15
N TYR A 119 -53.82 3.00 2.53
CA TYR A 119 -53.25 3.52 3.78
C TYR A 119 -53.96 2.94 4.99
N LEU A 120 -55.30 2.97 4.96
CA LEU A 120 -56.13 2.46 6.06
C LEU A 120 -55.95 0.96 6.27
N LEU A 121 -55.92 0.20 5.18
CA LEU A 121 -55.71 -1.25 5.23
C LEU A 121 -54.27 -1.58 5.61
N GLY A 122 -53.35 -0.70 5.22
CA GLY A 122 -51.93 -0.86 5.52
C GLY A 122 -51.60 -0.67 6.99
N LEU A 123 -52.42 0.11 7.69
CA LEU A 123 -52.24 0.35 9.12
C LEU A 123 -52.58 -0.86 9.97
N TYR A 124 -53.29 -1.82 9.39
CA TYR A 124 -53.56 -3.10 10.04
C TYR A 124 -52.25 -3.84 10.30
N ARG A 125 -51.41 -3.92 9.27
CA ARG A 125 -50.11 -4.60 9.35
C ARG A 125 -49.15 -3.91 10.32
N VAL A 126 -49.15 -2.58 10.30
CA VAL A 126 -48.29 -1.79 11.18
C VAL A 126 -48.71 -1.96 12.65
N GLY A 127 -50.02 -2.11 12.87
CA GLY A 127 -50.57 -2.30 14.21
C GLY A 127 -50.28 -3.66 14.83
N ARG A 128 -49.91 -4.64 13.99
CA ARG A 128 -49.59 -5.99 14.46
C ARG A 128 -48.24 -6.02 15.15
N THR A 129 -47.28 -5.30 14.57
CA THR A 129 -45.91 -5.25 15.04
C THR A 129 -45.82 -4.54 16.40
N GLN A 130 -44.90 -5.02 17.24
CA GLN A 130 -44.65 -4.41 18.55
C GLN A 130 -43.21 -3.91 18.69
N MET A 131 -42.31 -4.44 17.87
CA MET A 131 -40.94 -3.94 17.78
C MET A 131 -40.90 -2.58 17.06
N PRO A 132 -40.51 -1.51 17.78
CA PRO A 132 -40.57 -0.13 17.28
C PRO A 132 -39.73 0.14 16.04
N GLU A 133 -38.60 -0.55 15.92
CA GLU A 133 -37.71 -0.39 14.76
C GLU A 133 -38.32 -0.97 13.49
N TYR A 134 -38.90 -2.18 13.62
CA TYR A 134 -39.53 -2.87 12.49
C TYR A 134 -40.87 -2.23 12.13
N ARG A 135 -41.55 -1.70 13.15
CA ARG A 135 -42.82 -0.99 12.97
C ARG A 135 -42.64 0.24 12.09
N LYS A 136 -41.43 0.81 12.12
CA LYS A 136 -41.07 1.97 11.30
C LYS A 136 -40.78 1.57 9.85
N LYS A 137 -40.19 0.40 9.66
CA LYS A 137 -39.90 -0.13 8.33
C LYS A 137 -41.19 -0.33 7.53
N LEU A 138 -42.23 -0.79 8.23
CA LEU A 138 -43.54 -1.00 7.62
C LEU A 138 -44.25 0.33 7.33
N MET A 139 -44.03 1.31 8.19
CA MET A 139 -44.59 2.65 8.01
C MET A 139 -43.97 3.35 6.80
N ASP A 140 -42.65 3.24 6.68
CA ASP A 140 -41.91 3.82 5.56
C ASP A 140 -42.22 3.09 4.25
N GLY A 141 -42.43 1.78 4.36
CA GLY A 141 -42.86 0.96 3.23
C GLY A 141 -44.27 1.34 2.78
N LEU A 142 -45.14 1.59 3.75
CA LEU A 142 -46.51 2.04 3.49
C LEU A 142 -46.52 3.43 2.85
N THR A 143 -45.64 4.31 3.32
CA THR A 143 -45.49 5.66 2.76
C THR A 143 -45.09 5.56 1.28
N ASN A 144 -44.05 4.79 1.00
CA ASN A 144 -43.56 4.60 -0.37
C ASN A 144 -44.60 4.00 -1.33
N GLN A 145 -45.46 3.13 -0.81
CA GLN A 145 -46.55 2.55 -1.59
C GLN A 145 -47.58 3.60 -2.00
N CYS A 146 -47.81 4.56 -1.10
CA CYS A 146 -48.75 5.65 -1.36
C CYS A 146 -48.13 6.75 -2.23
N LYS A 147 -46.80 6.87 -2.18
CA LYS A 147 -46.09 7.86 -3.01
C LYS A 147 -46.11 7.46 -4.49
N MET A 148 -46.35 6.17 -4.74
CA MET A 148 -46.50 5.65 -6.10
C MET A 148 -47.83 6.06 -6.73
N ILE A 149 -48.86 6.18 -5.90
CA ILE A 149 -50.16 6.64 -6.36
C ILE A 149 -50.21 8.16 -6.41
N ASN A 150 -49.82 8.81 -5.31
CA ASN A 150 -49.71 10.26 -5.26
C ASN A 150 -48.30 10.70 -4.91
N GLU A 151 -47.66 11.39 -5.85
CA GLU A 151 -46.25 11.80 -5.73
C GLU A 151 -45.98 12.70 -4.52
N GLN A 152 -46.98 13.48 -4.12
CA GLN A 152 -46.86 14.46 -3.05
C GLN A 152 -47.56 13.99 -1.77
N PHE A 153 -47.34 12.73 -1.41
CA PHE A 153 -47.97 12.14 -0.23
C PHE A 153 -47.08 12.23 0.99
N GLU A 154 -47.59 12.87 2.04
CA GLU A 154 -46.96 12.83 3.36
C GLU A 154 -47.89 12.05 4.29
N PRO A 155 -47.32 11.20 5.17
CA PRO A 155 -48.14 10.41 6.08
C PRO A 155 -49.03 11.25 6.98
N LEU A 156 -50.32 10.91 7.00
CA LEU A 156 -51.29 11.47 7.94
C LEU A 156 -51.05 10.80 9.30
N VAL A 157 -51.65 11.36 10.35
CA VAL A 157 -51.52 10.87 11.73
C VAL A 157 -50.17 11.23 12.37
N PRO A 158 -50.20 11.75 13.62
CA PRO A 158 -48.96 12.01 14.35
C PRO A 158 -48.33 10.74 14.93
N GLU A 159 -47.37 10.91 15.83
CA GLU A 159 -46.67 9.77 16.44
C GLU A 159 -47.36 9.23 17.69
N GLY A 160 -48.62 9.63 17.90
CA GLY A 160 -49.49 8.99 18.88
C GLY A 160 -49.52 7.51 18.57
N ARG A 161 -50.00 7.19 17.36
CA ARG A 161 -49.74 5.90 16.72
C ARG A 161 -50.50 4.71 17.32
N ASP A 162 -50.90 4.83 18.58
CA ASP A 162 -51.72 3.80 19.24
C ASP A 162 -53.18 3.86 18.77
N ILE A 163 -53.43 4.71 17.78
CA ILE A 163 -54.76 4.93 17.19
C ILE A 163 -55.26 3.73 16.40
N PHE A 164 -54.38 3.12 15.59
CA PHE A 164 -54.75 2.01 14.72
C PHE A 164 -54.43 0.63 15.30
N ASP A 165 -53.87 0.60 16.52
CA ASP A 165 -53.60 -0.66 17.22
C ASP A 165 -54.89 -1.40 17.59
N VAL A 166 -55.93 -0.64 17.90
CA VAL A 166 -57.20 -1.20 18.35
C VAL A 166 -58.09 -1.64 17.17
N TRP A 167 -57.76 -1.16 15.98
CA TRP A 167 -58.53 -1.45 14.75
C TRP A 167 -58.70 -2.94 14.47
N GLY A 168 -57.62 -3.70 14.67
CA GLY A 168 -57.61 -5.14 14.42
C GLY A 168 -58.51 -5.94 15.35
N ASN A 169 -59.07 -5.27 16.35
CA ASN A 169 -60.00 -5.89 17.29
C ASN A 169 -61.47 -5.66 16.91
N ASP A 170 -61.68 -4.83 15.89
CA ASP A 170 -63.02 -4.63 15.33
C ASP A 170 -63.31 -5.72 14.29
N SER A 171 -64.39 -6.46 14.51
CA SER A 171 -64.72 -7.63 13.70
C SER A 171 -65.04 -7.28 12.24
N ASN A 172 -65.66 -6.12 12.03
CA ASN A 172 -66.02 -5.66 10.69
C ASN A 172 -64.81 -5.17 9.88
N TYR A 173 -63.87 -4.52 10.56
CA TYR A 173 -62.65 -4.03 9.94
C TYR A 173 -61.81 -5.17 9.35
N THR A 174 -61.63 -6.22 10.16
CA THR A 174 -60.86 -7.39 9.76
C THR A 174 -61.52 -8.13 8.60
N LYS A 175 -62.85 -8.09 8.56
CA LYS A 175 -63.62 -8.70 7.48
C LYS A 175 -63.39 -8.00 6.14
N ILE A 176 -63.20 -6.68 6.19
CA ILE A 176 -62.83 -5.92 5.00
C ILE A 176 -61.40 -6.27 4.61
N VAL A 177 -60.50 -6.29 5.60
CA VAL A 177 -59.10 -6.68 5.40
C VAL A 177 -58.99 -8.06 4.73
N ALA A 178 -59.78 -9.02 5.23
CA ALA A 178 -59.79 -10.38 4.70
C ALA A 178 -60.45 -10.46 3.31
N ALA A 179 -61.47 -9.63 3.08
CA ALA A 179 -62.16 -9.59 1.80
C ALA A 179 -61.29 -8.97 0.71
N VAL A 180 -60.57 -7.90 1.07
CA VAL A 180 -59.63 -7.25 0.15
C VAL A 180 -58.54 -8.23 -0.29
N ASP A 181 -57.96 -8.94 0.68
CA ASP A 181 -56.89 -9.89 0.41
C ASP A 181 -57.35 -11.09 -0.41
N MET A 182 -58.49 -11.66 -0.05
CA MET A 182 -59.06 -12.81 -0.76
C MET A 182 -59.42 -12.45 -2.20
N PHE A 183 -59.86 -11.21 -2.40
CA PHE A 183 -60.27 -10.72 -3.71
C PHE A 183 -59.09 -10.53 -4.65
N PHE A 184 -58.05 -9.85 -4.17
CA PHE A 184 -56.88 -9.56 -5.00
C PHE A 184 -55.90 -10.73 -5.11
N HIS A 185 -56.14 -11.77 -4.32
CA HIS A 185 -55.41 -13.02 -4.47
C HIS A 185 -55.87 -13.73 -5.74
N MET A 186 -57.16 -13.65 -6.01
CA MET A 186 -57.74 -14.16 -7.26
C MET A 186 -57.34 -13.27 -8.43
N PHE A 187 -57.58 -11.97 -8.30
CA PHE A 187 -57.24 -11.01 -9.33
C PHE A 187 -55.91 -10.32 -9.01
N LYS A 188 -54.83 -11.11 -9.12
CA LYS A 188 -53.47 -10.63 -8.84
C LYS A 188 -53.04 -9.53 -9.80
N LYS A 189 -53.63 -9.52 -10.99
CA LYS A 189 -53.26 -8.58 -12.03
C LYS A 189 -54.13 -7.33 -12.06
N HIS A 190 -54.97 -7.16 -11.04
CA HIS A 190 -55.84 -5.99 -10.96
C HIS A 190 -55.04 -4.72 -10.67
N GLU A 191 -55.55 -3.59 -11.17
CA GLU A 191 -54.91 -2.28 -11.01
C GLU A 191 -54.75 -1.90 -9.54
N CYS A 192 -55.69 -2.36 -8.71
CA CYS A 192 -55.68 -2.06 -7.27
C CYS A 192 -55.18 -3.23 -6.43
N ALA A 193 -54.27 -4.04 -6.98
CA ALA A 193 -53.70 -5.18 -6.27
C ALA A 193 -52.65 -4.75 -5.24
N SER A 194 -52.27 -3.47 -5.27
CA SER A 194 -51.31 -2.89 -4.33
C SER A 194 -51.82 -2.93 -2.90
N PHE A 195 -53.15 -2.92 -2.77
CA PHE A 195 -53.86 -2.86 -1.48
C PHE A 195 -53.52 -4.03 -0.57
N ARG A 196 -52.89 -5.06 -1.14
CA ARG A 196 -52.46 -6.23 -0.39
C ARG A 196 -51.18 -6.01 0.41
N TYR A 197 -50.71 -4.75 0.46
CA TYR A 197 -49.54 -4.41 1.25
C TYR A 197 -49.77 -4.69 2.74
N GLY A 198 -50.96 -4.35 3.22
CA GLY A 198 -51.30 -4.51 4.63
C GLY A 198 -52.29 -5.62 4.93
N THR A 199 -53.00 -6.07 3.91
CA THR A 199 -54.02 -7.12 4.07
C THR A 199 -53.43 -8.53 4.02
N ILE A 200 -52.17 -8.64 3.59
CA ILE A 200 -51.51 -9.93 3.41
C ILE A 200 -51.34 -10.72 4.72
N VAL A 201 -51.12 -10.01 5.82
CA VAL A 201 -50.88 -10.63 7.13
C VAL A 201 -52.16 -11.22 7.76
N SER A 202 -53.28 -11.07 7.06
CA SER A 202 -54.54 -11.70 7.46
C SER A 202 -54.60 -13.14 6.94
N ARG A 203 -53.83 -13.42 5.90
CA ARG A 203 -53.81 -14.72 5.25
C ARG A 203 -53.00 -15.71 6.08
N PHE A 204 -53.62 -16.84 6.43
CA PHE A 204 -53.05 -17.85 7.31
C PHE A 204 -52.64 -17.27 8.67
N LYS A 205 -53.43 -16.30 9.12
CA LYS A 205 -53.23 -15.68 10.42
C LYS A 205 -53.53 -16.70 11.52
N ASP A 206 -52.61 -16.81 12.48
CA ASP A 206 -52.71 -17.77 13.58
C ASP A 206 -52.72 -19.23 13.07
N CYS A 207 -51.99 -19.45 11.98
CA CYS A 207 -51.81 -20.78 11.40
C CYS A 207 -50.32 -21.13 11.35
N ALA A 208 -49.62 -20.86 12.45
CA ALA A 208 -48.17 -20.97 12.52
C ALA A 208 -47.65 -22.41 12.46
N ALA A 209 -48.43 -23.37 12.95
CA ALA A 209 -48.05 -24.77 12.95
C ALA A 209 -48.02 -25.35 11.54
N LEU A 210 -48.93 -24.88 10.70
CA LEU A 210 -49.01 -25.28 9.30
C LEU A 210 -47.87 -24.62 8.50
N ALA A 211 -47.39 -23.48 8.99
CA ALA A 211 -46.26 -22.77 8.40
C ALA A 211 -44.93 -23.39 8.80
N THR A 212 -44.86 -23.86 10.06
CA THR A 212 -43.70 -24.59 10.57
C THR A 212 -43.54 -25.91 9.81
N PHE A 213 -44.67 -26.56 9.55
CA PHE A 213 -44.72 -27.79 8.76
C PHE A 213 -44.10 -27.58 7.38
N GLY A 214 -44.38 -26.43 6.77
CA GLY A 214 -43.79 -26.05 5.49
C GLY A 214 -42.31 -25.72 5.58
N HIS A 215 -41.92 -25.05 6.66
CA HIS A 215 -40.53 -24.67 6.90
C HIS A 215 -39.62 -25.89 6.97
N LEU A 216 -40.01 -26.86 7.79
CA LEU A 216 -39.26 -28.10 7.96
C LEU A 216 -39.13 -28.86 6.64
N CYS A 217 -40.21 -28.89 5.86
CA CYS A 217 -40.23 -29.55 4.55
C CYS A 217 -39.23 -28.95 3.56
N LYS A 218 -39.09 -27.63 3.59
CA LYS A 218 -38.17 -26.92 2.71
C LYS A 218 -36.72 -27.11 3.15
N ILE A 219 -36.47 -26.98 4.45
CA ILE A 219 -35.12 -27.13 5.03
C ILE A 219 -34.58 -28.55 4.87
N THR A 220 -35.40 -29.55 5.17
CA THR A 220 -35.01 -30.96 5.03
C THR A 220 -34.97 -31.41 3.57
N GLY A 221 -35.75 -30.73 2.73
CA GLY A 221 -35.88 -31.12 1.32
C GLY A 221 -36.75 -32.36 1.16
N MET A 222 -37.51 -32.67 2.21
CA MET A 222 -38.35 -33.87 2.24
C MET A 222 -39.82 -33.52 2.03
N SER A 223 -40.61 -34.53 1.65
CA SER A 223 -42.04 -34.37 1.43
C SER A 223 -42.81 -34.29 2.75
N THR A 224 -44.02 -33.76 2.69
CA THR A 224 -44.94 -33.73 3.83
C THR A 224 -45.14 -35.14 4.38
N GLU A 225 -45.25 -36.11 3.48
CA GLU A 225 -45.38 -37.53 3.84
C GLU A 225 -44.14 -38.05 4.55
N ASP A 226 -42.97 -37.75 4.01
CA ASP A 226 -41.69 -38.17 4.57
C ASP A 226 -41.42 -37.57 5.95
N VAL A 227 -41.82 -36.31 6.14
CA VAL A 227 -41.64 -35.61 7.41
C VAL A 227 -42.56 -36.21 8.49
N THR A 228 -43.79 -36.55 8.10
CA THR A 228 -44.77 -37.17 9.01
C THR A 228 -44.26 -38.51 9.55
N THR A 229 -43.48 -39.21 8.73
CA THR A 229 -42.86 -40.48 9.08
C THR A 229 -41.85 -40.34 10.23
N TRP A 230 -41.17 -39.19 10.28
CA TRP A 230 -40.12 -38.95 11.26
C TRP A 230 -40.61 -38.43 12.62
N ILE A 231 -41.92 -38.35 12.80
CA ILE A 231 -42.52 -37.98 14.07
C ILE A 231 -42.40 -39.16 15.05
N LEU A 232 -41.71 -38.92 16.16
CA LEU A 232 -41.37 -39.99 17.10
C LEU A 232 -42.02 -39.82 18.49
N ASN A 233 -42.70 -38.70 18.68
CA ASN A 233 -43.46 -38.45 19.90
C ASN A 233 -44.96 -38.46 19.63
N ARG A 234 -45.73 -38.97 20.58
CA ARG A 234 -47.18 -39.16 20.42
C ARG A 234 -47.96 -37.84 20.33
N GLU A 235 -47.65 -36.90 21.21
CA GLU A 235 -48.34 -35.61 21.26
C GLU A 235 -48.15 -34.83 19.95
N VAL A 236 -46.95 -34.93 19.37
CA VAL A 236 -46.64 -34.35 18.06
C VAL A 236 -47.49 -35.03 16.98
N ALA A 237 -47.72 -36.34 17.15
CA ALA A 237 -48.52 -37.12 16.21
C ALA A 237 -50.01 -36.80 16.34
N ASP A 238 -50.49 -36.63 17.58
CA ASP A 238 -51.88 -36.25 17.84
C ASP A 238 -52.19 -34.87 17.25
N GLU A 239 -51.20 -33.99 17.30
CA GLU A 239 -51.33 -32.64 16.76
C GLU A 239 -51.34 -32.62 15.24
N MET A 240 -50.59 -33.54 14.63
CA MET A 240 -50.57 -33.68 13.17
C MET A 240 -51.93 -34.12 12.65
N VAL A 241 -52.54 -35.08 13.36
CA VAL A 241 -53.88 -35.57 13.04
C VAL A 241 -54.90 -34.43 13.11
N GLN A 242 -54.78 -33.59 14.13
CA GLN A 242 -55.61 -32.40 14.30
C GLN A 242 -55.46 -31.45 13.10
N MET A 243 -54.22 -31.26 12.66
CA MET A 243 -53.89 -30.36 11.55
C MET A 243 -54.35 -30.90 10.19
N MET A 244 -54.43 -32.21 10.06
CA MET A 244 -54.68 -32.85 8.76
C MET A 244 -56.10 -33.42 8.56
N LEU A 245 -57.04 -32.99 9.41
CA LEU A 245 -58.43 -33.41 9.31
C LEU A 245 -59.02 -33.04 7.95
N PRO A 246 -59.66 -33.99 7.27
CA PRO A 246 -60.19 -33.79 5.91
C PRO A 246 -61.29 -32.72 5.81
N GLY A 247 -61.47 -32.19 4.60
CA GLY A 247 -62.55 -31.24 4.30
C GLY A 247 -62.36 -29.85 4.88
N GLN A 248 -61.11 -29.39 4.96
CA GLN A 248 -60.82 -28.06 5.51
C GLN A 248 -60.17 -27.14 4.48
N GLU A 249 -59.97 -27.66 3.26
CA GLU A 249 -59.44 -26.89 2.12
C GLU A 249 -58.12 -26.17 2.42
N ILE A 250 -57.26 -26.80 3.21
CA ILE A 250 -56.00 -26.18 3.62
C ILE A 250 -54.95 -26.14 2.51
N ASP A 251 -55.24 -26.82 1.40
CA ASP A 251 -54.36 -26.83 0.22
C ASP A 251 -54.94 -26.03 -0.95
N LYS A 252 -56.21 -25.61 -0.81
CA LYS A 252 -56.85 -24.75 -1.82
C LYS A 252 -56.32 -23.32 -1.71
N ALA A 253 -55.83 -22.81 -2.84
CA ALA A 253 -55.32 -21.43 -2.90
C ALA A 253 -56.44 -20.41 -2.80
N ASP A 254 -57.55 -20.71 -3.47
CA ASP A 254 -58.70 -19.81 -3.53
C ASP A 254 -59.80 -20.32 -2.62
N SER A 255 -59.65 -20.03 -1.33
CA SER A 255 -60.56 -20.53 -0.29
C SER A 255 -60.79 -19.51 0.83
N TYR A 256 -61.82 -19.74 1.63
CA TYR A 256 -62.09 -18.93 2.82
C TYR A 256 -61.18 -19.30 3.98
N MET A 257 -60.51 -20.45 3.85
CA MET A 257 -59.77 -21.05 4.97
C MET A 257 -58.60 -20.23 5.52
N PRO A 258 -57.80 -19.56 4.66
CA PRO A 258 -56.69 -18.77 5.21
C PRO A 258 -57.14 -17.65 6.15
N TYR A 259 -58.41 -17.29 6.08
CA TYR A 259 -58.94 -16.16 6.83
C TYR A 259 -59.99 -16.59 7.85
N LEU A 260 -59.74 -17.73 8.51
CA LEU A 260 -60.69 -18.26 9.48
C LEU A 260 -60.83 -17.37 10.73
N ILE A 261 -59.75 -16.68 11.08
CA ILE A 261 -59.77 -15.77 12.23
C ILE A 261 -60.42 -14.43 11.89
N ASP A 262 -59.97 -13.80 10.81
CA ASP A 262 -60.41 -12.44 10.46
C ASP A 262 -61.82 -12.35 9.88
N PHE A 263 -62.31 -13.45 9.32
CA PHE A 263 -63.70 -13.52 8.85
C PHE A 263 -64.65 -13.98 9.95
N GLY A 264 -64.09 -14.29 11.13
CA GLY A 264 -64.88 -14.74 12.27
C GLY A 264 -65.40 -16.16 12.13
N LEU A 265 -64.70 -16.97 11.33
CA LEU A 265 -65.06 -18.36 11.08
C LEU A 265 -64.65 -19.28 12.22
N SER A 266 -63.68 -18.84 13.02
CA SER A 266 -63.14 -19.66 14.11
C SER A 266 -62.61 -18.82 15.27
N SER A 267 -63.00 -19.19 16.49
CA SER A 267 -62.48 -18.58 17.70
C SER A 267 -61.12 -19.16 18.06
N LYS A 268 -61.01 -20.49 17.96
CA LYS A 268 -59.76 -21.18 18.28
C LYS A 268 -59.26 -21.92 17.05
N SER A 269 -58.17 -21.42 16.47
CA SER A 269 -57.56 -22.00 15.28
C SER A 269 -56.95 -23.37 15.57
N PRO A 270 -57.21 -24.34 14.69
CA PRO A 270 -56.61 -25.68 14.81
C PRO A 270 -55.15 -25.71 14.35
N TYR A 271 -54.70 -24.64 13.72
CA TYR A 271 -53.37 -24.60 13.10
C TYR A 271 -52.42 -23.64 13.81
N SER A 272 -52.83 -23.13 14.96
CA SER A 272 -52.02 -22.22 15.75
C SER A 272 -50.88 -22.95 16.46
N SER A 273 -49.79 -22.23 16.71
CA SER A 273 -48.61 -22.79 17.38
C SER A 273 -48.90 -23.12 18.86
N VAL A 274 -49.87 -22.42 19.43
CA VAL A 274 -50.29 -22.67 20.82
C VAL A 274 -51.09 -23.98 20.95
N LYS A 275 -51.88 -24.28 19.91
CA LYS A 275 -52.67 -25.51 19.88
C LYS A 275 -51.88 -26.69 19.32
N ASN A 276 -50.71 -26.40 18.77
CA ASN A 276 -49.78 -27.42 18.30
C ASN A 276 -48.37 -27.16 18.85
N PRO A 277 -48.23 -27.12 20.20
CA PRO A 277 -46.96 -26.72 20.82
C PRO A 277 -45.85 -27.76 20.70
N ALA A 278 -46.20 -29.03 20.80
CA ALA A 278 -45.24 -30.12 20.66
C ALA A 278 -44.63 -30.14 19.26
N PHE A 279 -45.49 -30.09 18.24
CA PHE A 279 -45.04 -30.05 16.85
C PHE A 279 -44.24 -28.79 16.53
N HIS A 280 -44.65 -27.66 17.10
CA HIS A 280 -43.98 -26.39 16.84
C HIS A 280 -42.56 -26.38 17.38
N PHE A 281 -42.39 -26.75 18.66
CA PHE A 281 -41.08 -26.82 19.29
C PHE A 281 -40.18 -27.83 18.57
N TRP A 282 -40.71 -29.03 18.34
CA TRP A 282 -39.97 -30.11 17.69
C TRP A 282 -39.56 -29.76 16.27
N GLY A 283 -40.48 -29.17 15.50
CA GLY A 283 -40.23 -28.81 14.11
C GLY A 283 -39.25 -27.68 13.92
N GLN A 284 -39.40 -26.63 14.73
CA GLN A 284 -38.52 -25.46 14.68
C GLN A 284 -37.12 -25.77 15.21
N LEU A 285 -37.04 -26.65 16.21
CA LEU A 285 -35.75 -27.06 16.78
C LEU A 285 -34.95 -27.86 15.76
N THR A 286 -35.62 -28.78 15.07
CA THR A 286 -35.00 -29.58 14.01
C THR A 286 -34.49 -28.69 12.88
N ALA A 287 -35.28 -27.68 12.52
CA ALA A 287 -34.93 -26.72 11.49
C ALA A 287 -33.72 -25.87 11.90
N LEU A 288 -33.68 -25.47 13.18
CA LEU A 288 -32.57 -24.67 13.71
C LEU A 288 -31.25 -25.44 13.68
N LEU A 289 -31.31 -26.72 14.04
CA LEU A 289 -30.13 -27.60 13.96
C LEU A 289 -29.70 -27.81 12.51
N LEU A 290 -30.66 -27.69 11.60
CA LEU A 290 -30.42 -27.84 10.16
C LEU A 290 -30.21 -26.50 9.45
N ARG A 291 -29.86 -25.47 10.24
CA ARG A 291 -29.33 -24.18 9.74
C ARG A 291 -30.35 -23.13 9.30
N SER A 292 -31.62 -23.28 9.70
CA SER A 292 -32.63 -22.28 9.36
C SER A 292 -32.37 -21.00 10.17
N THR A 293 -32.34 -19.89 9.46
CA THR A 293 -32.01 -18.60 10.07
C THR A 293 -33.20 -17.96 10.80
N ARG A 294 -34.39 -18.49 10.55
CA ARG A 294 -35.62 -17.96 11.12
C ARG A 294 -36.07 -18.69 12.39
N ALA A 295 -35.53 -19.88 12.61
CA ALA A 295 -35.95 -20.73 13.73
C ALA A 295 -35.42 -20.26 15.09
N ARG A 296 -34.47 -19.33 15.07
CA ARG A 296 -33.85 -18.80 16.30
C ARG A 296 -34.88 -18.13 17.21
N ASN A 297 -35.78 -17.36 16.60
CA ASN A 297 -36.71 -16.50 17.34
C ASN A 297 -38.06 -17.14 17.62
N ALA A 298 -38.25 -18.38 17.15
CA ALA A 298 -39.49 -19.11 17.36
C ALA A 298 -39.80 -19.24 18.85
N ARG A 299 -41.02 -18.90 19.21
CA ARG A 299 -41.51 -18.96 20.60
C ARG A 299 -41.36 -20.37 21.18
N GLN A 300 -40.76 -20.45 22.36
CA GLN A 300 -40.68 -21.72 23.08
C GLN A 300 -41.97 -21.94 23.87
N PRO A 301 -42.70 -23.01 23.54
CA PRO A 301 -43.97 -23.32 24.20
C PRO A 301 -43.81 -23.73 25.66
N ASP A 302 -44.88 -23.57 26.43
CA ASP A 302 -44.92 -23.99 27.82
C ASP A 302 -45.67 -25.32 27.92
N ASP A 303 -45.34 -26.10 28.95
CA ASP A 303 -46.03 -27.36 29.26
C ASP A 303 -45.96 -28.42 28.14
N ILE A 304 -44.74 -28.68 27.69
CA ILE A 304 -44.48 -29.76 26.73
C ILE A 304 -43.29 -30.60 27.19
N GLU A 305 -43.09 -31.76 26.56
CA GLU A 305 -41.96 -32.63 26.88
C GLU A 305 -40.71 -32.12 26.17
N TYR A 306 -39.99 -31.21 26.82
CA TYR A 306 -38.78 -30.64 26.23
C TYR A 306 -37.73 -31.72 25.98
N THR A 307 -37.58 -32.64 26.93
CA THR A 307 -36.55 -33.68 26.88
C THR A 307 -36.75 -34.70 25.76
N SER A 308 -37.95 -35.28 25.69
CA SER A 308 -38.26 -36.32 24.69
C SER A 308 -38.22 -35.79 23.26
N LEU A 309 -38.78 -34.59 23.07
CA LEU A 309 -38.88 -33.98 21.76
C LEU A 309 -37.54 -33.46 21.23
N THR A 310 -36.62 -33.14 22.15
CA THR A 310 -35.27 -32.73 21.81
C THR A 310 -34.47 -33.91 21.23
N THR A 311 -34.64 -35.08 21.83
CA THR A 311 -33.98 -36.31 21.38
C THR A 311 -34.46 -36.69 19.97
N ALA A 312 -35.76 -36.49 19.72
CA ALA A 312 -36.35 -36.79 18.42
C ALA A 312 -35.89 -35.81 17.33
N GLY A 313 -35.78 -34.54 17.70
CA GLY A 313 -35.32 -33.49 16.77
C GLY A 313 -33.87 -33.67 16.37
N LEU A 314 -33.05 -34.03 17.35
CA LEU A 314 -31.62 -34.28 17.14
C LEU A 314 -31.40 -35.49 16.23
N LEU A 315 -32.07 -36.60 16.53
CA LEU A 315 -31.97 -37.83 15.75
C LEU A 315 -32.40 -37.60 14.30
N TYR A 316 -33.40 -36.75 14.11
CA TYR A 316 -33.90 -36.39 12.79
C TYR A 316 -32.92 -35.45 12.06
N ALA A 317 -32.48 -34.40 12.75
CA ALA A 317 -31.54 -33.44 12.18
C ALA A 317 -30.19 -34.08 11.86
N TYR A 318 -29.72 -34.94 12.76
CA TYR A 318 -28.47 -35.68 12.56
C TYR A 318 -28.56 -36.59 11.35
N ALA A 319 -29.73 -37.20 11.16
CA ALA A 319 -29.98 -38.07 10.02
C ALA A 319 -29.91 -37.32 8.69
N VAL A 320 -30.55 -36.15 8.66
CA VAL A 320 -30.56 -35.28 7.48
C VAL A 320 -29.16 -34.69 7.25
N GLY A 321 -28.49 -34.31 8.34
CA GLY A 321 -27.16 -33.73 8.28
C GLY A 321 -26.09 -34.69 7.79
N SER A 322 -26.13 -35.92 8.30
CA SER A 322 -25.16 -36.95 7.92
C SER A 322 -25.40 -37.47 6.51
N SER A 323 -26.67 -37.54 6.12
CA SER A 323 -27.04 -38.06 4.80
C SER A 323 -27.49 -36.95 3.84
N ALA A 324 -26.53 -36.38 3.13
CA ALA A 324 -26.83 -35.47 2.03
C ALA A 324 -26.89 -36.32 0.77
N ASP A 325 -28.10 -36.60 0.30
CA ASP A 325 -28.30 -37.53 -0.81
C ASP A 325 -27.83 -36.93 -2.14
N LEU A 326 -26.51 -36.90 -2.32
CA LEU A 326 -25.90 -36.36 -3.53
C LEU A 326 -25.90 -37.41 -4.62
N ALA A 327 -26.42 -37.02 -5.78
CA ALA A 327 -26.50 -37.90 -6.94
C ALA A 327 -26.28 -37.10 -8.23
N GLN A 328 -25.65 -37.74 -9.21
CA GLN A 328 -25.40 -37.12 -10.51
C GLN A 328 -26.72 -36.72 -11.18
N GLN A 329 -26.82 -35.45 -11.54
CA GLN A 329 -28.04 -34.89 -12.14
C GLN A 329 -27.92 -34.71 -13.65
N PHE A 330 -26.70 -34.40 -14.11
CA PHE A 330 -26.42 -34.23 -15.53
C PHE A 330 -25.13 -34.95 -15.91
N CYS A 331 -25.04 -35.40 -17.16
CA CYS A 331 -23.87 -36.12 -17.65
C CYS A 331 -23.55 -35.83 -19.11
N VAL A 332 -22.28 -35.99 -19.48
CA VAL A 332 -21.84 -35.84 -20.86
C VAL A 332 -21.61 -37.23 -21.49
N GLY A 333 -22.57 -37.67 -22.28
CA GLY A 333 -22.48 -38.95 -22.97
C GLY A 333 -22.69 -40.14 -22.07
N ASP A 334 -21.78 -41.11 -22.16
CA ASP A 334 -21.91 -42.39 -21.48
C ASP A 334 -21.39 -42.35 -20.03
N ASN A 335 -20.64 -41.31 -19.70
CA ASN A 335 -20.03 -41.17 -18.37
C ASN A 335 -21.07 -40.95 -17.27
N LYS A 336 -21.62 -42.05 -16.75
CA LYS A 336 -22.65 -42.01 -15.71
C LYS A 336 -22.17 -42.72 -14.45
N TYR A 337 -22.57 -42.18 -13.29
CA TYR A 337 -22.22 -42.76 -12.00
C TYR A 337 -23.35 -43.58 -11.42
N THR A 338 -23.06 -44.85 -11.13
CA THR A 338 -24.00 -45.74 -10.46
C THR A 338 -23.55 -46.01 -9.02
N PRO A 339 -24.40 -45.62 -8.04
CA PRO A 339 -24.07 -45.73 -6.61
C PRO A 339 -24.34 -47.12 -6.06
N ASP A 340 -24.07 -48.14 -6.87
CA ASP A 340 -24.39 -49.53 -6.53
C ASP A 340 -23.42 -50.13 -5.52
N ASP A 341 -22.19 -49.62 -5.52
CA ASP A 341 -21.09 -50.19 -4.74
C ASP A 341 -21.27 -50.16 -3.23
N SER A 342 -20.76 -51.21 -2.57
CA SER A 342 -20.70 -51.34 -1.11
C SER A 342 -22.04 -51.28 -0.37
N THR A 343 -22.65 -50.09 -0.32
CA THR A 343 -23.91 -49.83 0.41
C THR A 343 -23.86 -50.16 1.92
N GLY A 344 -22.64 -50.27 2.46
CA GLY A 344 -22.44 -50.60 3.86
C GLY A 344 -21.06 -50.24 4.40
N GLY A 345 -21.00 -49.91 5.69
CA GLY A 345 -19.75 -49.52 6.35
C GLY A 345 -19.46 -50.32 7.60
N LEU A 346 -19.37 -49.61 8.74
CA LEU A 346 -19.03 -50.20 10.03
C LEU A 346 -20.12 -51.14 10.56
N THR A 347 -19.75 -52.02 11.49
CA THR A 347 -20.61 -53.09 11.99
C THR A 347 -21.93 -52.61 12.63
N THR A 348 -21.81 -51.80 13.67
CA THR A 348 -22.96 -51.42 14.49
C THR A 348 -23.04 -49.90 14.67
N ASN A 349 -21.89 -49.25 14.62
CA ASN A 349 -21.79 -47.81 14.86
C ASN A 349 -21.84 -46.93 13.60
N ALA A 350 -22.02 -47.57 12.44
CA ALA A 350 -22.20 -46.84 11.18
C ALA A 350 -23.64 -46.37 11.03
N PRO A 351 -23.83 -45.05 10.90
CA PRO A 351 -25.15 -44.47 10.70
C PRO A 351 -25.76 -44.92 9.36
N PRO A 352 -27.10 -45.10 9.31
CA PRO A 352 -27.80 -45.53 8.09
C PRO A 352 -27.45 -44.68 6.86
N GLN A 353 -27.58 -45.29 5.68
CA GLN A 353 -27.19 -44.67 4.41
C GLN A 353 -28.11 -43.54 3.98
N GLY A 354 -29.42 -43.76 4.08
CA GLY A 354 -30.40 -42.77 3.64
C GLY A 354 -31.07 -42.04 4.80
N ARG A 355 -32.37 -41.82 4.66
CA ARG A 355 -33.14 -41.10 5.66
C ARG A 355 -34.38 -41.88 6.09
N ASP A 356 -34.32 -43.20 5.98
CA ASP A 356 -35.40 -44.07 6.42
C ASP A 356 -35.48 -44.06 7.95
N VAL A 357 -36.65 -43.75 8.48
CA VAL A 357 -36.86 -43.64 9.93
C VAL A 357 -36.68 -44.98 10.64
N VAL A 358 -37.06 -46.06 9.97
CA VAL A 358 -36.99 -47.41 10.53
C VAL A 358 -35.55 -47.88 10.70
N GLU A 359 -34.67 -47.44 9.79
CA GLU A 359 -33.25 -47.75 9.86
C GLU A 359 -32.55 -46.98 10.96
N TRP A 360 -32.96 -45.73 11.18
CA TRP A 360 -32.38 -44.89 12.22
C TRP A 360 -32.88 -45.26 13.61
N LEU A 361 -34.12 -45.74 13.68
CA LEU A 361 -34.69 -46.23 14.93
C LEU A 361 -33.97 -47.48 15.42
N GLY A 362 -33.66 -48.39 14.48
CA GLY A 362 -32.89 -49.59 14.76
C GLY A 362 -31.46 -49.28 15.14
N TRP A 363 -30.89 -48.27 14.50
CA TRP A 363 -29.54 -47.80 14.81
C TRP A 363 -29.49 -47.12 16.18
N PHE A 364 -30.49 -46.31 16.48
CA PHE A 364 -30.58 -45.59 17.75
C PHE A 364 -30.77 -46.57 18.92
N GLU A 365 -31.35 -47.73 18.62
CA GLU A 365 -31.49 -48.80 19.61
C GLU A 365 -30.15 -49.46 19.90
N ASP A 366 -29.31 -49.58 18.87
CA ASP A 366 -27.96 -50.15 19.01
C ASP A 366 -27.05 -49.24 19.84
N GLN A 367 -27.33 -47.94 19.83
CA GLN A 367 -26.60 -46.99 20.65
C GLN A 367 -27.21 -46.85 22.04
N ASN A 368 -27.95 -47.89 22.45
CA ASN A 368 -28.62 -47.95 23.75
C ASN A 368 -29.60 -46.79 24.03
N ARG A 369 -30.14 -46.21 22.96
CA ARG A 369 -31.06 -45.06 23.03
C ARG A 369 -30.47 -43.86 23.77
N LYS A 370 -29.17 -43.64 23.56
CA LYS A 370 -28.47 -42.48 24.10
C LYS A 370 -27.81 -41.73 22.96
N PRO A 371 -28.04 -40.40 22.87
CA PRO A 371 -27.40 -39.57 21.86
C PRO A 371 -25.89 -39.82 21.77
N THR A 372 -25.44 -40.15 20.57
CA THR A 372 -24.03 -40.43 20.27
C THR A 372 -23.17 -39.17 20.48
N PRO A 373 -21.90 -39.35 20.92
CA PRO A 373 -20.92 -38.26 20.99
C PRO A 373 -20.85 -37.42 19.70
N ASP A 374 -20.98 -38.07 18.55
CA ASP A 374 -20.98 -37.37 17.27
C ASP A 374 -22.28 -36.59 17.05
N MET A 375 -23.38 -37.15 17.55
CA MET A 375 -24.69 -36.49 17.52
C MET A 375 -24.67 -35.22 18.36
N MET A 376 -24.08 -35.31 19.55
CA MET A 376 -23.96 -34.19 20.46
C MET A 376 -23.05 -33.10 19.90
N GLN A 377 -21.98 -33.52 19.22
CA GLN A 377 -21.06 -32.60 18.57
C GLN A 377 -21.66 -31.94 17.33
N TYR A 378 -22.53 -32.67 16.63
CA TYR A 378 -23.23 -32.12 15.47
C TYR A 378 -24.10 -30.95 15.90
N ALA A 379 -24.76 -31.11 17.05
CA ALA A 379 -25.64 -30.09 17.60
C ALA A 379 -24.86 -28.96 18.28
N LYS A 380 -23.80 -29.32 19.00
CA LYS A 380 -22.95 -28.33 19.67
C LYS A 380 -22.41 -27.31 18.66
N ARG A 381 -21.98 -27.82 17.51
CA ARG A 381 -21.47 -26.98 16.42
C ARG A 381 -22.58 -26.19 15.74
N ALA A 382 -23.81 -26.73 15.77
CA ALA A 382 -24.95 -26.09 15.14
C ALA A 382 -25.45 -24.86 15.90
N VAL A 383 -25.22 -24.83 17.22
CA VAL A 383 -25.78 -23.79 18.09
C VAL A 383 -24.74 -22.81 18.66
N MET A 384 -23.46 -23.12 18.49
CA MET A 384 -22.40 -22.14 18.73
C MET A 384 -22.31 -21.25 17.49
N SER A 385 -21.71 -20.08 17.63
CA SER A 385 -21.69 -19.05 16.58
C SER A 385 -23.04 -18.33 16.48
N LEU A 386 -24.01 -18.80 17.27
CA LEU A 386 -25.35 -18.22 17.33
C LEU A 386 -25.37 -17.18 18.45
N GLN A 387 -25.39 -15.90 18.07
CA GLN A 387 -25.23 -14.80 19.01
C GLN A 387 -26.46 -13.90 19.13
N GLY A 388 -26.59 -13.25 20.29
CA GLY A 388 -27.65 -12.28 20.54
C GLY A 388 -29.05 -12.85 20.59
N LEU A 389 -29.19 -13.98 21.29
CA LEU A 389 -30.47 -14.68 21.38
C LEU A 389 -31.41 -14.09 22.43
N ARG A 390 -32.64 -13.81 22.01
CA ARG A 390 -33.70 -13.34 22.91
C ARG A 390 -34.15 -14.49 23.81
N GLU A 391 -34.49 -14.18 25.06
CA GLU A 391 -34.88 -15.21 26.02
C GLU A 391 -36.22 -15.88 25.68
N LYS A 392 -36.37 -17.12 26.14
CA LYS A 392 -37.60 -17.92 25.96
C LYS A 392 -37.91 -18.23 24.49
N THR A 393 -36.86 -18.39 23.70
CA THR A 393 -36.98 -18.76 22.29
C THR A 393 -36.32 -20.12 22.04
N ILE A 394 -36.62 -20.71 20.89
CA ILE A 394 -36.05 -22.00 20.51
C ILE A 394 -34.54 -21.91 20.23
N GLY A 395 -34.09 -20.76 19.75
CA GLY A 395 -32.67 -20.48 19.56
C GLY A 395 -31.91 -20.45 20.88
N LYS A 396 -32.48 -19.75 21.86
CA LYS A 396 -31.91 -19.66 23.20
C LYS A 396 -31.85 -21.03 23.88
N TYR A 397 -32.92 -21.81 23.73
CA TYR A 397 -33.02 -23.15 24.31
C TYR A 397 -31.90 -24.06 23.79
N ALA A 398 -31.77 -24.12 22.46
CA ALA A 398 -30.83 -25.02 21.80
C ALA A 398 -29.37 -24.74 22.12
N LYS A 399 -29.02 -23.46 22.30
CA LYS A 399 -27.66 -23.09 22.68
C LYS A 399 -27.34 -23.51 24.12
N SER A 400 -28.30 -23.28 25.02
CA SER A 400 -28.17 -23.70 26.41
C SER A 400 -28.11 -25.21 26.52
N GLU A 401 -28.82 -25.90 25.63
CA GLU A 401 -28.92 -27.35 25.65
C GLU A 401 -27.66 -28.04 25.12
N PHE A 402 -27.17 -27.59 23.96
CA PHE A 402 -26.11 -28.30 23.25
C PHE A 402 -24.71 -27.68 23.33
N ASP A 403 -24.63 -26.39 23.64
CA ASP A 403 -23.35 -25.70 23.73
C ASP A 403 -22.73 -25.84 25.13
N LYS A 404 -22.38 -27.08 25.48
CA LYS A 404 -21.80 -27.40 26.78
C LYS A 404 -20.70 -28.45 26.66
N GLY B 1 45.47 6.62 5.50
CA GLY B 1 45.33 8.09 5.31
C GLY B 1 46.23 8.61 4.21
N ALA B 2 45.61 9.10 3.12
CA ALA B 2 46.33 9.65 1.98
C ALA B 2 45.74 10.97 1.48
N MET B 3 44.60 11.36 2.06
CA MET B 3 43.90 12.59 1.66
C MET B 3 43.30 13.30 2.87
N GLU B 4 43.85 14.49 3.16
CA GLU B 4 43.53 15.29 4.37
C GLU B 4 43.81 14.55 5.68
N ASP B 5 43.79 13.22 5.60
CA ASP B 5 44.10 12.34 6.72
C ASP B 5 45.59 12.30 7.08
N PRO B 6 46.50 12.48 6.10
CA PRO B 6 47.93 12.46 6.43
C PRO B 6 48.20 13.12 7.76
N VAL B 7 48.63 12.31 8.73
CA VAL B 7 48.89 12.78 10.08
C VAL B 7 50.09 13.72 10.14
N GLU B 8 50.02 14.68 11.05
CA GLU B 8 51.13 15.61 11.26
C GLU B 8 51.66 15.43 12.67
N TYR B 9 52.93 15.04 12.75
CA TYR B 9 53.59 14.79 14.04
C TYR B 9 54.15 16.08 14.64
N PRO B 10 54.19 16.15 15.99
CA PRO B 10 54.70 17.33 16.70
C PRO B 10 56.15 17.65 16.35
N ALA B 11 56.98 16.61 16.18
CA ALA B 11 58.40 16.77 15.89
C ALA B 11 58.68 17.37 14.50
N ASP B 12 57.76 17.14 13.56
CA ASP B 12 57.88 17.63 12.20
C ASP B 12 57.78 19.16 12.12
N TYR B 13 56.98 19.73 13.01
CA TYR B 13 56.81 21.19 13.10
C TYR B 13 58.12 21.88 13.46
N PHE B 14 58.87 21.26 14.37
CA PHE B 14 60.08 21.86 14.93
C PHE B 14 61.32 21.71 14.07
N ARG B 15 61.23 20.90 13.01
CA ARG B 15 62.27 20.87 11.98
C ARG B 15 62.06 22.01 10.98
N LYS B 16 60.81 22.48 10.90
CA LYS B 16 60.42 23.54 9.97
C LYS B 16 60.46 24.92 10.61
N SER B 17 60.26 24.99 11.92
CA SER B 17 60.25 26.25 12.65
C SER B 17 60.64 26.08 14.11
N LYS B 18 61.43 27.02 14.62
CA LYS B 18 61.88 26.99 16.01
C LYS B 18 61.09 27.97 16.89
N GLU B 19 59.93 28.41 16.38
CA GLU B 19 59.08 29.37 17.07
C GLU B 19 57.61 29.00 17.02
N ILE B 20 56.91 29.23 18.13
CA ILE B 20 55.45 29.16 18.16
C ILE B 20 54.94 30.58 18.37
N PRO B 21 54.47 31.24 17.29
CA PRO B 21 54.11 32.66 17.34
C PRO B 21 52.72 32.93 17.91
N LEU B 22 52.66 33.83 18.88
CA LEU B 22 51.41 34.28 19.48
C LEU B 22 51.19 35.75 19.14
N TYR B 23 50.18 36.01 18.33
CA TYR B 23 49.93 37.36 17.83
C TYR B 23 49.03 38.14 18.79
N ILE B 24 49.62 38.57 19.91
CA ILE B 24 48.94 39.47 20.83
C ILE B 24 48.92 40.86 20.21
N ASN B 25 47.75 41.48 20.28
CA ASN B 25 47.37 42.55 19.38
C ASN B 25 47.32 43.95 20.01
N THR B 26 47.66 44.94 19.18
CA THR B 26 47.50 46.37 19.46
C THR B 26 48.24 46.91 20.70
N THR B 27 48.38 46.06 21.71
CA THR B 27 49.06 46.40 22.98
C THR B 27 48.64 47.78 23.50
N LYS B 28 47.39 47.84 23.98
CA LYS B 28 46.75 49.10 24.35
C LYS B 28 46.31 49.12 25.83
N SER B 29 47.27 49.38 26.72
CA SER B 29 47.03 49.60 28.15
C SER B 29 46.19 48.53 28.88
N LEU B 30 46.73 48.02 29.99
CA LEU B 30 46.04 47.00 30.79
C LEU B 30 44.76 47.54 31.43
N SER B 31 44.78 48.82 31.82
CA SER B 31 43.61 49.46 32.44
C SER B 31 42.43 49.55 31.48
N ASP B 32 42.69 50.02 30.25
CA ASP B 32 41.67 50.12 29.21
C ASP B 32 41.08 48.76 28.85
N LEU B 33 41.94 47.75 28.75
CA LEU B 33 41.54 46.40 28.39
C LEU B 33 40.70 45.72 29.48
N ARG B 34 40.96 46.07 30.73
CA ARG B 34 40.18 45.56 31.85
C ARG B 34 38.74 46.06 31.77
N GLY B 35 38.58 47.34 31.45
CA GLY B 35 37.27 47.96 31.26
C GLY B 35 36.50 47.37 30.09
N TYR B 36 37.22 47.11 28.99
CA TYR B 36 36.63 46.50 27.79
C TYR B 36 36.08 45.11 28.04
N VAL B 37 36.95 44.20 28.49
CA VAL B 37 36.59 42.80 28.71
C VAL B 37 35.51 42.63 29.78
N TYR B 38 35.61 43.42 30.85
CA TYR B 38 34.67 43.36 31.97
C TYR B 38 33.23 43.66 31.52
N GLN B 39 33.04 44.82 30.88
CA GLN B 39 31.73 45.20 30.34
C GLN B 39 31.31 44.29 29.19
N GLY B 40 32.28 43.95 28.34
CA GLY B 40 32.04 43.05 27.21
C GLY B 40 31.40 41.74 27.63
N LEU B 41 31.82 41.23 28.79
CA LEU B 41 31.26 40.02 29.39
C LEU B 41 29.86 40.27 29.96
N LYS B 42 29.68 41.40 30.63
CA LYS B 42 28.40 41.77 31.23
C LYS B 42 27.32 42.06 30.18
N SER B 43 27.72 42.74 29.10
CA SER B 43 26.80 43.12 28.03
C SER B 43 26.39 41.95 27.16
N GLY B 44 27.30 40.99 26.97
CA GLY B 44 27.05 39.84 26.12
C GLY B 44 27.74 39.93 24.77
N ASN B 45 28.68 40.88 24.65
CA ASN B 45 29.50 41.01 23.44
C ASN B 45 30.90 41.52 23.76
N VAL B 46 31.90 40.71 23.44
CA VAL B 46 33.29 41.06 23.69
C VAL B 46 34.16 40.58 22.53
N SER B 47 35.17 41.36 22.20
CA SER B 47 36.09 41.02 21.12
C SER B 47 37.18 40.08 21.63
N ILE B 48 37.38 38.98 20.91
CA ILE B 48 38.46 38.04 21.22
C ILE B 48 39.83 38.71 21.16
N ILE B 49 39.94 39.70 20.26
CA ILE B 49 41.12 40.54 20.12
C ILE B 49 41.44 41.22 21.46
N HIS B 50 40.41 41.72 22.14
CA HIS B 50 40.54 42.29 23.47
C HIS B 50 40.84 41.23 24.52
N VAL B 51 40.14 40.09 24.41
CA VAL B 51 40.31 38.96 25.33
C VAL B 51 41.77 38.49 25.36
N ASN B 52 42.35 38.30 24.17
CA ASN B 52 43.75 37.91 24.03
C ASN B 52 44.71 38.94 24.61
N SER B 53 44.46 40.21 24.29
CA SER B 53 45.33 41.32 24.72
C SER B 53 45.36 41.50 26.23
N TYR B 54 44.17 41.51 26.85
CA TYR B 54 44.06 41.62 28.31
C TYR B 54 44.70 40.43 29.00
N LEU B 55 44.48 39.25 28.44
CA LEU B 55 45.01 38.00 29.00
C LEU B 55 46.53 38.02 29.03
N TYR B 56 47.15 38.51 27.96
CA TYR B 56 48.60 38.65 27.89
C TYR B 56 49.11 39.61 28.97
N GLY B 57 48.51 40.79 29.06
CA GLY B 57 48.91 41.83 30.01
C GLY B 57 48.76 41.46 31.48
N ALA B 58 47.69 40.73 31.80
CA ALA B 58 47.41 40.32 33.17
C ALA B 58 48.24 39.10 33.59
N LEU B 59 48.71 38.33 32.62
CA LEU B 59 49.42 37.08 32.88
C LEU B 59 50.95 37.15 32.70
N LYS B 60 51.48 38.36 32.60
CA LYS B 60 52.93 38.53 32.39
C LYS B 60 53.74 38.43 33.68
N ASP B 61 53.48 37.40 34.47
CA ASP B 61 54.25 37.15 35.68
C ASP B 61 55.42 36.21 35.39
N ILE B 62 56.63 36.78 35.44
CA ILE B 62 57.86 35.99 35.30
C ILE B 62 58.16 35.37 36.66
N ARG B 63 57.29 34.46 37.08
CA ARG B 63 57.42 33.77 38.35
C ARG B 63 57.67 32.29 38.12
N GLY B 64 58.16 31.60 39.14
CA GLY B 64 58.49 30.19 39.03
C GLY B 64 59.92 29.99 38.60
N LYS B 65 60.73 29.49 39.53
CA LYS B 65 62.14 29.20 39.28
C LYS B 65 62.31 27.71 39.01
N LEU B 66 63.08 27.40 37.97
CA LEU B 66 63.38 26.02 37.58
C LEU B 66 64.28 25.34 38.59
N ASP B 67 63.99 24.06 38.86
CA ASP B 67 64.90 23.23 39.65
C ASP B 67 65.99 22.70 38.72
N LYS B 68 65.60 22.31 37.51
CA LYS B 68 66.52 21.87 36.48
C LYS B 68 65.99 22.18 35.08
N ASP B 69 66.91 22.30 34.11
CA ASP B 69 66.59 22.66 32.73
C ASP B 69 65.55 21.77 32.06
N TRP B 70 64.67 22.38 31.29
CA TRP B 70 63.70 21.62 30.48
C TRP B 70 63.61 22.14 29.05
N SER B 71 63.78 21.21 28.10
CA SER B 71 63.78 21.52 26.68
C SER B 71 63.02 20.43 25.92
N SER B 72 62.17 20.87 24.99
CA SER B 72 61.33 19.94 24.22
C SER B 72 61.55 20.11 22.72
N PHE B 73 61.72 18.97 22.03
CA PHE B 73 62.01 18.93 20.59
C PHE B 73 63.22 19.78 20.17
N GLY B 74 64.13 20.03 21.12
CA GLY B 74 65.32 20.81 20.87
C GLY B 74 65.24 22.26 21.33
N ILE B 75 64.03 22.70 21.65
CA ILE B 75 63.80 24.08 22.10
C ILE B 75 64.08 24.22 23.60
N ASN B 76 65.16 24.92 23.93
CA ASN B 76 65.53 25.15 25.32
C ASN B 76 64.72 26.28 25.93
N ILE B 77 63.66 25.91 26.64
CA ILE B 77 62.78 26.87 27.31
C ILE B 77 63.55 27.56 28.45
N GLY B 78 64.30 26.77 29.21
CA GLY B 78 65.10 27.29 30.31
C GLY B 78 66.32 26.43 30.59
N LYS B 79 67.15 26.89 31.53
CA LYS B 79 68.34 26.18 31.97
C LYS B 79 68.56 26.35 33.46
N ALA B 80 69.42 25.48 34.03
CA ALA B 80 69.83 25.55 35.44
C ALA B 80 68.69 25.95 36.39
N GLY B 81 68.81 27.13 36.99
CA GLY B 81 67.77 27.69 37.86
C GLY B 81 67.31 29.05 37.37
N ASP B 82 66.76 29.07 36.17
CA ASP B 82 66.27 30.31 35.56
C ASP B 82 64.84 30.62 35.97
N THR B 83 64.52 31.90 36.08
CA THR B 83 63.17 32.37 36.36
C THR B 83 62.49 32.74 35.04
N ILE B 84 61.48 31.95 34.66
CA ILE B 84 60.80 32.13 33.37
C ILE B 84 59.33 32.51 33.50
N GLY B 85 58.74 32.98 32.41
CA GLY B 85 57.33 33.34 32.36
C GLY B 85 56.51 32.44 31.46
N ILE B 86 55.19 32.60 31.50
CA ILE B 86 54.25 31.84 30.68
C ILE B 86 54.55 32.01 29.19
N PHE B 87 54.99 33.20 28.81
CA PHE B 87 55.19 33.55 27.41
C PHE B 87 56.64 33.39 26.93
N ASP B 88 57.41 32.59 27.67
CA ASP B 88 58.72 32.14 27.21
C ASP B 88 58.60 30.84 26.41
N LEU B 89 57.38 30.30 26.39
CA LEU B 89 57.05 29.11 25.61
C LEU B 89 56.63 29.47 24.19
N VAL B 90 56.36 30.75 23.96
CA VAL B 90 55.86 31.25 22.68
C VAL B 90 56.62 32.49 22.20
N SER B 91 56.47 32.81 20.92
CA SER B 91 56.98 34.05 20.34
C SER B 91 55.82 35.05 20.19
N LEU B 92 56.13 36.34 20.10
CA LEU B 92 55.13 37.41 20.20
C LEU B 92 55.35 38.52 19.16
N LYS B 93 54.26 39.13 18.66
CA LYS B 93 54.38 40.33 17.79
C LYS B 93 53.14 41.20 17.48
N ALA B 94 52.43 40.86 16.40
CA ALA B 94 51.61 41.79 15.59
C ALA B 94 50.61 42.77 16.25
N LEU B 95 50.62 44.00 15.76
CA LEU B 95 49.68 45.06 16.17
C LEU B 95 49.19 45.88 14.97
N ASP B 96 47.88 46.12 14.88
CA ASP B 96 47.29 46.91 13.78
C ASP B 96 45.85 47.42 14.01
N GLY B 97 45.61 48.05 15.16
CA GLY B 97 44.35 48.76 15.41
C GLY B 97 43.14 47.94 15.83
N VAL B 98 42.25 48.58 16.60
CA VAL B 98 41.01 47.95 17.09
C VAL B 98 39.78 48.83 16.81
N LEU B 99 38.59 48.38 17.24
CA LEU B 99 37.34 49.05 16.87
C LEU B 99 36.14 48.99 17.89
N PRO B 100 36.13 48.01 18.82
CA PRO B 100 34.93 47.70 19.61
C PRO B 100 34.46 48.74 20.64
N ASP B 101 33.73 48.27 21.66
CA ASP B 101 32.98 49.16 22.56
C ASP B 101 32.82 48.62 24.00
N GLY B 102 32.11 49.38 24.83
CA GLY B 102 31.71 48.93 26.17
C GLY B 102 32.83 48.90 27.19
N VAL B 103 32.92 49.95 28.02
CA VAL B 103 33.98 50.07 29.02
C VAL B 103 33.44 50.52 30.38
N SER B 104 33.94 49.90 31.45
CA SER B 104 33.68 50.35 32.81
C SER B 104 34.97 50.89 33.43
N ASP B 105 34.89 52.10 33.97
CA ASP B 105 36.03 52.71 34.65
C ASP B 105 36.00 52.41 36.15
N ALA B 106 34.93 51.73 36.58
CA ALA B 106 34.78 51.30 37.97
C ALA B 106 35.77 50.20 38.34
N SER B 107 36.25 49.48 37.33
CA SER B 107 37.23 48.40 37.51
C SER B 107 38.62 48.93 37.89
N ARG B 108 39.40 48.11 38.57
CA ARG B 108 40.74 48.50 39.01
C ARG B 108 41.73 47.33 39.07
N THR B 109 43.02 47.66 39.11
CA THR B 109 44.13 46.71 38.99
C THR B 109 44.17 45.66 40.10
N SER B 110 43.97 46.11 41.34
CA SER B 110 44.09 45.26 42.53
C SER B 110 43.21 44.02 42.44
N ALA B 111 41.90 44.23 42.40
CA ALA B 111 40.94 43.16 42.17
C ALA B 111 40.89 42.82 40.69
N ASP B 112 39.91 42.02 40.28
CA ASP B 112 39.71 41.63 38.89
C ASP B 112 40.87 40.79 38.33
N ASP B 113 42.03 41.41 38.19
CA ASP B 113 43.23 40.77 37.61
C ASP B 113 43.67 39.49 38.34
N LYS B 114 43.08 39.23 39.50
CA LYS B 114 43.40 38.05 40.30
C LYS B 114 42.51 36.85 39.96
N TRP B 115 41.30 37.11 39.47
CA TRP B 115 40.32 36.07 39.16
C TRP B 115 39.81 36.10 37.72
N LEU B 116 39.85 37.28 37.09
CA LEU B 116 39.34 37.47 35.73
C LEU B 116 40.12 36.70 34.64
N PRO B 117 41.45 36.58 34.78
CA PRO B 117 42.15 35.71 33.82
C PRO B 117 41.70 34.24 33.96
N LEU B 118 41.55 33.78 35.20
CA LEU B 118 41.04 32.44 35.47
C LEU B 118 39.63 32.24 34.90
N TYR B 119 38.82 33.30 34.99
CA TYR B 119 37.45 33.27 34.49
C TYR B 119 37.38 33.14 32.97
N LEU B 120 38.27 33.85 32.27
CA LEU B 120 38.33 33.82 30.80
C LEU B 120 38.91 32.51 30.28
N LEU B 121 39.93 32.00 30.98
CA LEU B 121 40.54 30.72 30.63
C LEU B 121 39.63 29.55 31.01
N GLY B 122 38.74 29.79 31.97
CA GLY B 122 37.77 28.79 32.41
C GLY B 122 36.65 28.59 31.41
N LEU B 123 36.35 29.64 30.64
CA LEU B 123 35.28 29.60 29.64
C LEU B 123 35.63 28.74 28.43
N TYR B 124 36.92 28.43 28.28
CA TYR B 124 37.38 27.51 27.25
C TYR B 124 36.83 26.12 27.50
N ARG B 125 36.95 25.64 28.74
CA ARG B 125 36.46 24.34 29.14
C ARG B 125 34.92 24.28 29.15
N VAL B 126 34.30 25.32 29.70
CA VAL B 126 32.84 25.41 29.81
C VAL B 126 32.16 25.41 28.44
N GLY B 127 32.75 26.14 27.49
CA GLY B 127 32.18 26.29 26.15
C GLY B 127 32.41 25.13 25.20
N ARG B 128 33.06 24.07 25.68
CA ARG B 128 33.35 22.90 24.86
C ARG B 128 32.37 21.75 25.11
N THR B 129 31.49 21.93 26.10
CA THR B 129 30.48 20.95 26.45
C THR B 129 29.18 21.24 25.68
N GLN B 130 28.61 20.20 25.08
CA GLN B 130 27.34 20.34 24.36
C GLN B 130 26.14 20.16 25.30
N MET B 131 26.26 19.19 26.20
CA MET B 131 25.20 18.88 27.16
C MET B 131 25.07 19.96 28.23
N PRO B 132 23.93 20.67 28.24
CA PRO B 132 23.65 21.81 29.12
C PRO B 132 23.78 21.49 30.62
N GLU B 133 23.41 20.27 30.99
CA GLU B 133 23.44 19.85 32.39
C GLU B 133 24.86 19.78 32.96
N TYR B 134 25.79 19.20 32.20
CA TYR B 134 27.20 19.15 32.60
C TYR B 134 27.89 20.49 32.36
N ARG B 135 27.38 21.25 31.39
CA ARG B 135 27.89 22.57 31.06
C ARG B 135 27.75 23.54 32.25
N LYS B 136 26.63 23.42 32.96
CA LYS B 136 26.36 24.24 34.15
C LYS B 136 27.22 23.83 35.34
N LYS B 137 27.54 22.53 35.41
CA LYS B 137 28.39 21.99 36.49
C LYS B 137 29.79 22.58 36.45
N LEU B 138 30.34 22.67 35.23
CA LEU B 138 31.63 23.31 35.00
C LEU B 138 31.52 24.82 35.19
N MET B 139 30.33 25.35 34.94
CA MET B 139 30.04 26.78 35.10
C MET B 139 29.95 27.17 36.58
N ASP B 140 29.23 26.36 37.36
CA ASP B 140 29.10 26.57 38.80
C ASP B 140 30.43 26.30 39.51
N GLY B 141 31.20 25.35 38.99
CA GLY B 141 32.53 25.07 39.49
C GLY B 141 33.51 26.19 39.20
N LEU B 142 33.31 26.86 38.06
CA LEU B 142 34.11 28.02 37.68
C LEU B 142 33.81 29.23 38.56
N THR B 143 32.54 29.34 38.98
CA THR B 143 32.12 30.38 39.92
C THR B 143 32.92 30.25 41.22
N ASN B 144 32.99 29.04 41.75
CA ASN B 144 33.71 28.75 42.99
C ASN B 144 35.21 29.06 42.93
N GLN B 145 35.84 28.71 41.81
CA GLN B 145 37.26 29.01 41.60
C GLN B 145 37.54 30.50 41.68
N CYS B 146 36.61 31.30 41.15
CA CYS B 146 36.69 32.75 41.20
C CYS B 146 36.19 33.29 42.54
N LYS B 147 35.23 32.58 43.15
CA LYS B 147 34.73 32.94 44.48
C LYS B 147 35.77 32.71 45.57
N MET B 148 36.68 31.78 45.33
CA MET B 148 37.78 31.50 46.24
C MET B 148 38.77 32.66 46.32
N ILE B 149 39.05 33.27 45.17
CA ILE B 149 39.98 34.41 45.10
C ILE B 149 39.32 35.69 45.57
N ASN B 150 38.07 35.91 45.14
CA ASN B 150 37.28 37.05 45.60
C ASN B 150 35.88 36.62 46.02
N GLU B 151 35.53 36.94 47.26
CA GLU B 151 34.25 36.55 47.86
C GLU B 151 33.06 37.17 47.12
N GLN B 152 33.32 38.26 46.39
CA GLN B 152 32.28 39.08 45.79
C GLN B 152 31.91 38.67 44.37
N PHE B 153 32.73 37.81 43.75
CA PHE B 153 32.51 37.43 42.35
C PHE B 153 31.13 36.83 42.09
N GLU B 154 30.47 37.38 41.08
CA GLU B 154 29.21 36.86 40.57
C GLU B 154 29.34 36.77 39.04
N PRO B 155 28.99 35.62 38.45
CA PRO B 155 29.16 35.38 37.01
C PRO B 155 28.74 36.56 36.14
N LEU B 156 29.58 36.90 35.16
CA LEU B 156 29.42 38.12 34.37
C LEU B 156 28.54 37.94 33.14
N VAL B 157 28.74 36.86 32.39
CA VAL B 157 27.91 36.56 31.22
C VAL B 157 26.46 36.27 31.64
N PRO B 158 25.47 36.70 30.83
CA PRO B 158 24.04 36.55 31.15
C PRO B 158 23.60 35.09 31.34
N GLU B 159 22.74 34.58 30.45
CA GLU B 159 22.44 33.16 30.39
C GLU B 159 22.58 32.68 28.94
N GLY B 160 22.55 33.65 28.03
CA GLY B 160 22.83 33.39 26.62
C GLY B 160 24.34 33.33 26.41
N ARG B 161 24.84 32.10 26.32
CA ARG B 161 26.27 31.85 26.11
C ARG B 161 26.61 32.00 24.63
N ASP B 162 27.22 30.96 24.05
CA ASP B 162 27.51 30.89 22.62
C ASP B 162 28.60 31.88 22.18
N ILE B 163 28.79 32.94 22.98
CA ILE B 163 29.77 33.99 22.66
C ILE B 163 31.21 33.53 22.86
N PHE B 164 31.41 32.61 23.80
CA PHE B 164 32.75 32.10 24.12
C PHE B 164 33.02 30.70 23.56
N ASP B 165 32.05 30.16 22.83
CA ASP B 165 32.19 28.86 22.17
C ASP B 165 33.14 28.99 20.97
N VAL B 166 33.09 30.15 20.32
CA VAL B 166 33.92 30.43 19.14
C VAL B 166 35.34 30.88 19.50
N TRP B 167 35.60 31.09 20.79
CA TRP B 167 36.93 31.45 21.28
C TRP B 167 37.93 30.34 21.00
N GLY B 168 37.50 29.10 21.18
CA GLY B 168 38.34 27.92 20.90
C GLY B 168 38.63 27.74 19.42
N ASN B 169 37.93 28.49 18.58
CA ASN B 169 38.18 28.49 17.15
C ASN B 169 39.20 29.57 16.76
N ASP B 170 39.51 30.44 17.72
CA ASP B 170 40.56 31.45 17.57
C ASP B 170 41.91 30.82 17.90
N SER B 171 42.87 31.00 17.01
CA SER B 171 44.19 30.36 17.11
C SER B 171 45.04 30.88 18.27
N ASN B 172 44.96 32.18 18.54
CA ASN B 172 45.74 32.81 19.59
C ASN B 172 45.22 32.52 20.99
N TYR B 173 43.89 32.50 21.14
CA TYR B 173 43.24 32.17 22.40
C TYR B 173 43.71 30.80 22.90
N THR B 174 43.67 29.82 21.98
CA THR B 174 44.08 28.45 22.28
C THR B 174 45.55 28.33 22.63
N LYS B 175 46.37 29.21 22.06
CA LYS B 175 47.80 29.25 22.35
C LYS B 175 48.10 29.70 23.77
N ILE B 176 47.38 30.73 24.23
CA ILE B 176 47.50 31.21 25.61
C ILE B 176 47.00 30.14 26.57
N VAL B 177 45.90 29.48 26.21
CA VAL B 177 45.34 28.36 26.97
C VAL B 177 46.38 27.24 27.13
N ALA B 178 47.06 26.91 26.03
CA ALA B 178 48.07 25.86 26.02
C ALA B 178 49.33 26.26 26.78
N ALA B 179 49.76 27.51 26.61
CA ALA B 179 50.95 28.02 27.28
C ALA B 179 50.78 28.09 28.79
N VAL B 180 49.61 28.51 29.25
CA VAL B 180 49.28 28.59 30.67
C VAL B 180 49.25 27.20 31.31
N ASP B 181 48.58 26.26 30.65
CA ASP B 181 48.46 24.89 31.15
C ASP B 181 49.82 24.21 31.25
N MET B 182 50.67 24.41 30.24
CA MET B 182 52.01 23.85 30.21
C MET B 182 52.89 24.45 31.32
N PHE B 183 52.70 25.75 31.58
CA PHE B 183 53.47 26.47 32.57
C PHE B 183 53.21 25.96 33.99
N PHE B 184 51.92 25.87 34.35
CA PHE B 184 51.55 25.44 35.70
C PHE B 184 51.63 23.93 35.90
N HIS B 185 51.85 23.19 34.82
CA HIS B 185 52.22 21.78 34.90
C HIS B 185 53.67 21.69 35.38
N MET B 186 54.50 22.62 34.91
CA MET B 186 55.90 22.69 35.30
C MET B 186 56.02 23.23 36.73
N PHE B 187 55.23 24.26 37.03
CA PHE B 187 55.20 24.85 38.37
C PHE B 187 53.86 24.54 39.04
N LYS B 188 53.76 23.32 39.57
CA LYS B 188 52.53 22.81 40.17
C LYS B 188 52.17 23.51 41.48
N LYS B 189 53.19 23.98 42.21
CA LYS B 189 53.01 24.59 43.52
C LYS B 189 52.88 26.12 43.46
N HIS B 190 52.72 26.66 42.25
CA HIS B 190 52.62 28.11 42.06
C HIS B 190 51.30 28.68 42.59
N GLU B 191 51.34 29.96 42.99
CA GLU B 191 50.19 30.68 43.52
C GLU B 191 49.00 30.71 42.57
N CYS B 192 49.28 30.88 41.28
CA CYS B 192 48.23 30.97 40.25
C CYS B 192 47.99 29.66 39.50
N ALA B 193 48.30 28.54 40.15
CA ALA B 193 48.06 27.21 39.57
C ALA B 193 46.57 26.86 39.52
N SER B 194 45.75 27.73 40.11
CA SER B 194 44.29 27.62 40.07
C SER B 194 43.76 27.79 38.65
N PHE B 195 44.56 28.49 37.83
CA PHE B 195 44.19 28.85 36.46
C PHE B 195 44.03 27.63 35.53
N ARG B 196 44.54 26.48 35.98
CA ARG B 196 44.44 25.24 35.22
C ARG B 196 43.04 24.62 35.20
N TYR B 197 42.08 25.27 35.86
CA TYR B 197 40.71 24.79 35.89
C TYR B 197 40.15 24.62 34.48
N GLY B 198 40.32 25.64 33.64
CA GLY B 198 39.77 25.64 32.29
C GLY B 198 40.77 25.28 31.21
N THR B 199 42.06 25.32 31.52
CA THR B 199 43.10 25.07 30.53
C THR B 199 43.52 23.60 30.45
N ILE B 200 43.10 22.80 31.43
CA ILE B 200 43.50 21.39 31.53
C ILE B 200 42.99 20.52 30.35
N VAL B 201 41.82 20.88 29.81
CA VAL B 201 41.23 20.14 28.69
C VAL B 201 41.95 20.38 27.36
N SER B 202 42.94 21.28 27.38
CA SER B 202 43.80 21.51 26.22
C SER B 202 44.90 20.46 26.13
N ARG B 203 45.28 19.91 27.28
CA ARG B 203 46.31 18.89 27.37
C ARG B 203 45.80 17.56 26.83
N PHE B 204 46.61 16.92 26.00
CA PHE B 204 46.25 15.68 25.28
C PHE B 204 44.92 15.79 24.53
N LYS B 205 44.64 16.99 24.02
CA LYS B 205 43.44 17.24 23.22
C LYS B 205 43.57 16.53 21.87
N ASP B 206 42.51 15.80 21.50
CA ASP B 206 42.47 15.00 20.28
C ASP B 206 43.57 13.91 20.29
N CYS B 207 43.85 13.40 21.49
CA CYS B 207 44.76 12.27 21.68
C CYS B 207 44.00 11.14 22.36
N ALA B 208 42.82 10.84 21.84
CA ALA B 208 41.87 9.93 22.48
C ALA B 208 42.29 8.45 22.42
N ALA B 209 43.02 8.09 21.37
CA ALA B 209 43.47 6.71 21.18
C ALA B 209 44.54 6.31 22.19
N LEU B 210 45.36 7.30 22.58
CA LEU B 210 46.38 7.10 23.62
C LEU B 210 45.75 6.91 25.00
N ALA B 211 44.64 7.58 25.23
CA ALA B 211 43.86 7.42 26.46
C ALA B 211 43.19 6.04 26.48
N THR B 212 42.67 5.63 25.33
CA THR B 212 42.09 4.29 25.13
C THR B 212 43.12 3.21 25.43
N PHE B 213 44.34 3.45 24.98
CA PHE B 213 45.48 2.56 25.23
C PHE B 213 45.79 2.49 26.72
N GLY B 214 45.68 3.63 27.41
CA GLY B 214 45.91 3.71 28.84
C GLY B 214 44.78 3.10 29.67
N HIS B 215 43.55 3.29 29.19
CA HIS B 215 42.35 2.77 29.84
C HIS B 215 42.36 1.24 29.87
N LEU B 216 42.78 0.64 28.75
CA LEU B 216 42.86 -0.81 28.62
C LEU B 216 43.93 -1.39 29.54
N CYS B 217 45.08 -0.72 29.63
CA CYS B 217 46.17 -1.15 30.52
C CYS B 217 45.76 -1.16 31.98
N LYS B 218 44.95 -0.19 32.38
CA LYS B 218 44.48 -0.09 33.76
C LYS B 218 43.37 -1.11 34.06
N ILE B 219 42.45 -1.27 33.12
CA ILE B 219 41.34 -2.21 33.27
C ILE B 219 41.78 -3.68 33.22
N THR B 220 42.70 -4.00 32.30
CA THR B 220 43.25 -5.35 32.21
C THR B 220 44.28 -5.61 33.31
N GLY B 221 44.98 -4.56 33.71
CA GLY B 221 46.07 -4.67 34.67
C GLY B 221 47.33 -5.20 34.00
N MET B 222 47.47 -4.90 32.71
CA MET B 222 48.60 -5.36 31.92
C MET B 222 49.48 -4.19 31.49
N SER B 223 50.74 -4.51 31.18
CA SER B 223 51.67 -3.52 30.67
C SER B 223 51.37 -3.18 29.21
N THR B 224 51.87 -2.02 28.76
CA THR B 224 51.70 -1.58 27.38
C THR B 224 52.26 -2.60 26.40
N GLU B 225 53.32 -3.30 26.82
CA GLU B 225 53.91 -4.38 26.04
C GLU B 225 52.95 -5.58 25.91
N ASP B 226 52.42 -6.02 27.04
CA ASP B 226 51.49 -7.16 27.08
C ASP B 226 50.20 -6.91 26.32
N VAL B 227 49.66 -5.69 26.44
CA VAL B 227 48.45 -5.29 25.73
C VAL B 227 48.66 -5.35 24.21
N THR B 228 49.86 -4.98 23.78
CA THR B 228 50.24 -4.96 22.36
C THR B 228 50.28 -6.36 21.74
N THR B 229 50.70 -7.35 22.52
CA THR B 229 50.77 -8.74 22.05
C THR B 229 49.37 -9.31 21.76
N TRP B 230 48.37 -8.76 22.45
CA TRP B 230 46.99 -9.21 22.29
C TRP B 230 46.24 -8.61 21.09
N ILE B 231 46.91 -7.72 20.36
CA ILE B 231 46.36 -7.18 19.12
C ILE B 231 46.37 -8.28 18.06
N LEU B 232 45.17 -8.67 17.62
CA LEU B 232 45.02 -9.77 16.68
C LEU B 232 44.46 -9.33 15.32
N ASN B 233 44.20 -8.03 15.19
CA ASN B 233 43.76 -7.44 13.94
C ASN B 233 44.84 -6.56 13.34
N ARG B 234 45.12 -6.75 12.05
CA ARG B 234 46.21 -6.07 11.36
C ARG B 234 46.06 -4.55 11.32
N GLU B 235 44.82 -4.08 11.13
CA GLU B 235 44.54 -2.65 11.09
C GLU B 235 44.86 -1.98 12.43
N VAL B 236 44.56 -2.68 13.52
CA VAL B 236 44.88 -2.21 14.87
C VAL B 236 46.40 -2.17 15.06
N ALA B 237 47.10 -3.12 14.45
CA ALA B 237 48.56 -3.17 14.46
C ALA B 237 49.16 -1.99 13.68
N ASP B 238 48.62 -1.76 12.49
CA ASP B 238 49.03 -0.64 11.63
C ASP B 238 48.78 0.71 12.31
N GLU B 239 47.66 0.80 13.02
CA GLU B 239 47.31 1.99 13.80
C GLU B 239 48.18 2.13 15.03
N MET B 240 48.58 0.99 15.61
CA MET B 240 49.47 0.97 16.77
C MET B 240 50.89 1.39 16.39
N VAL B 241 51.35 0.94 15.22
CA VAL B 241 52.65 1.34 14.67
C VAL B 241 52.69 2.86 14.42
N GLN B 242 51.56 3.39 13.97
CA GLN B 242 51.38 4.83 13.75
C GLN B 242 51.47 5.64 15.05
N MET B 243 50.88 5.11 16.12
CA MET B 243 50.86 5.80 17.41
C MET B 243 52.23 5.77 18.10
N MET B 244 52.97 4.67 17.92
CA MET B 244 54.23 4.45 18.64
C MET B 244 55.48 4.86 17.88
N LEU B 245 55.32 5.77 16.91
CA LEU B 245 56.45 6.30 16.14
C LEU B 245 57.43 7.00 17.08
N PRO B 246 58.73 6.62 17.04
CA PRO B 246 59.75 7.16 17.93
C PRO B 246 60.02 8.67 17.76
N GLY B 247 60.51 9.30 18.83
CA GLY B 247 60.92 10.71 18.80
C GLY B 247 59.79 11.72 18.84
N GLN B 248 58.69 11.37 19.51
CA GLN B 248 57.53 12.25 19.59
C GLN B 248 57.27 12.74 21.02
N GLU B 249 58.09 12.27 21.96
CA GLU B 249 58.02 12.66 23.37
C GLU B 249 56.64 12.42 24.00
N ILE B 250 55.97 11.34 23.59
CA ILE B 250 54.64 11.02 24.10
C ILE B 250 54.68 10.50 25.53
N ASP B 251 55.87 10.05 25.96
CA ASP B 251 56.08 9.59 27.34
C ASP B 251 56.72 10.67 28.21
N LYS B 252 56.92 11.85 27.63
CA LYS B 252 57.56 12.97 28.32
C LYS B 252 56.52 13.97 28.83
N ALA B 253 56.49 14.16 30.15
CA ALA B 253 55.51 15.04 30.80
C ALA B 253 55.75 16.52 30.51
N ASP B 254 57.02 16.88 30.33
CA ASP B 254 57.43 18.27 30.15
C ASP B 254 57.62 18.63 28.68
N SER B 255 56.73 18.11 27.83
CA SER B 255 56.86 18.28 26.39
C SER B 255 55.82 19.24 25.83
N TYR B 256 56.08 19.73 24.61
CA TYR B 256 55.10 20.50 23.85
C TYR B 256 54.02 19.57 23.28
N MET B 257 54.34 18.28 23.22
CA MET B 257 53.51 17.29 22.52
C MET B 257 52.04 17.18 22.97
N PRO B 258 51.76 17.25 24.29
CA PRO B 258 50.36 17.17 24.72
C PRO B 258 49.46 18.25 24.10
N TYR B 259 50.05 19.37 23.69
CA TYR B 259 49.29 20.50 23.16
C TYR B 259 49.53 20.71 21.67
N LEU B 260 49.61 19.61 20.92
CA LEU B 260 49.90 19.67 19.49
C LEU B 260 48.81 20.38 18.69
N ILE B 261 47.57 20.33 19.19
CA ILE B 261 46.44 20.96 18.53
C ILE B 261 46.38 22.47 18.80
N ASP B 262 46.38 22.84 20.09
CA ASP B 262 46.18 24.24 20.48
C ASP B 262 47.38 25.16 20.21
N PHE B 263 48.57 24.59 20.13
CA PHE B 263 49.77 25.35 19.76
C PHE B 263 49.93 25.47 18.24
N GLY B 264 49.08 24.75 17.51
CA GLY B 264 49.14 24.73 16.05
C GLY B 264 50.29 23.90 15.52
N LEU B 265 50.77 22.98 16.34
CA LEU B 265 51.87 22.08 15.97
C LEU B 265 51.41 21.05 14.93
N SER B 266 50.11 20.78 14.94
CA SER B 266 49.51 19.79 14.05
C SER B 266 48.06 20.12 13.74
N SER B 267 47.63 19.79 12.52
CA SER B 267 46.23 19.93 12.11
C SER B 267 45.53 18.59 12.14
N LYS B 268 46.30 17.51 11.97
CA LYS B 268 45.78 16.16 12.08
C LYS B 268 46.62 15.35 13.06
N SER B 269 46.06 15.12 14.24
CA SER B 269 46.71 14.39 15.33
C SER B 269 46.78 12.90 15.01
N PRO B 270 47.97 12.28 15.20
CA PRO B 270 48.13 10.85 14.96
C PRO B 270 47.55 10.01 16.10
N TYR B 271 47.15 10.68 17.18
CA TYR B 271 46.74 10.01 18.41
C TYR B 271 45.24 10.11 18.67
N SER B 272 44.52 10.71 17.72
CA SER B 272 43.07 10.85 17.80
C SER B 272 42.37 9.53 17.49
N SER B 273 41.20 9.35 18.10
CA SER B 273 40.39 8.14 17.89
C SER B 273 39.82 8.07 16.47
N VAL B 274 39.75 9.21 15.80
CA VAL B 274 39.32 9.28 14.40
C VAL B 274 40.39 8.68 13.51
N LYS B 275 41.66 8.95 13.84
CA LYS B 275 42.82 8.42 13.13
C LYS B 275 43.05 6.94 13.45
N ASN B 276 42.64 6.51 14.64
CA ASN B 276 42.76 5.13 15.07
C ASN B 276 41.42 4.53 15.48
N PRO B 277 40.48 4.37 14.52
CA PRO B 277 39.13 3.90 14.85
C PRO B 277 39.07 2.43 15.25
N ALA B 278 39.87 1.60 14.58
CA ALA B 278 39.89 0.16 14.84
C ALA B 278 40.42 -0.15 16.24
N PHE B 279 41.51 0.52 16.62
CA PHE B 279 42.07 0.37 17.97
C PHE B 279 41.11 0.91 19.03
N HIS B 280 40.47 2.03 18.72
CA HIS B 280 39.51 2.66 19.64
C HIS B 280 38.34 1.73 19.91
N PHE B 281 37.73 1.22 18.84
CA PHE B 281 36.61 0.29 18.95
C PHE B 281 37.00 -0.99 19.68
N TRP B 282 38.10 -1.61 19.24
CA TRP B 282 38.61 -2.84 19.85
C TRP B 282 38.97 -2.62 21.33
N GLY B 283 39.67 -1.53 21.60
CA GLY B 283 40.10 -1.20 22.96
C GLY B 283 38.96 -0.91 23.91
N GLN B 284 38.00 -0.10 23.46
CA GLN B 284 36.87 0.29 24.30
C GLN B 284 35.88 -0.85 24.54
N LEU B 285 35.62 -1.65 23.49
CA LEU B 285 34.72 -2.81 23.59
C LEU B 285 35.27 -3.85 24.56
N THR B 286 36.54 -4.19 24.42
CA THR B 286 37.22 -5.13 25.31
C THR B 286 37.19 -4.60 26.75
N ALA B 287 37.37 -3.28 26.89
CA ALA B 287 37.33 -2.63 28.20
C ALA B 287 35.94 -2.70 28.82
N LEU B 288 34.91 -2.51 28.00
CA LEU B 288 33.51 -2.54 28.46
C LEU B 288 33.09 -3.92 28.99
N LEU B 289 33.56 -4.97 28.31
CA LEU B 289 33.28 -6.34 28.74
C LEU B 289 33.99 -6.70 30.04
N LEU B 290 35.02 -5.91 30.38
CA LEU B 290 35.75 -6.07 31.64
C LEU B 290 35.32 -5.04 32.68
N ARG B 291 34.06 -4.63 32.58
CA ARG B 291 33.37 -3.79 33.58
C ARG B 291 33.77 -2.30 33.61
N SER B 292 34.21 -1.77 32.47
CA SER B 292 34.51 -0.35 32.37
C SER B 292 33.25 0.49 32.52
N THR B 293 33.33 1.50 33.37
CA THR B 293 32.19 2.38 33.66
C THR B 293 32.05 3.51 32.64
N ARG B 294 33.07 3.68 31.79
CA ARG B 294 33.07 4.78 30.81
C ARG B 294 32.93 4.31 29.37
N ALA B 295 33.43 3.12 29.06
CA ALA B 295 33.49 2.59 27.69
C ALA B 295 32.12 2.48 27.02
N ARG B 296 31.06 2.46 27.83
CA ARG B 296 29.68 2.37 27.34
C ARG B 296 29.25 3.59 26.53
N ASN B 297 29.78 4.76 26.89
CA ASN B 297 29.43 6.01 26.22
C ASN B 297 30.42 6.37 25.10
N ALA B 298 31.37 5.48 24.83
CA ALA B 298 32.38 5.71 23.80
C ALA B 298 31.78 5.72 22.39
N ARG B 299 32.30 6.60 21.55
CA ARG B 299 31.84 6.78 20.17
C ARG B 299 32.13 5.54 19.32
N GLN B 300 31.09 4.96 18.72
CA GLN B 300 31.25 3.84 17.82
C GLN B 300 31.71 4.33 16.45
N PRO B 301 32.93 3.96 16.02
CA PRO B 301 33.52 4.44 14.78
C PRO B 301 32.81 3.91 13.54
N ASP B 302 33.10 4.52 12.39
CA ASP B 302 32.52 4.11 11.11
C ASP B 302 33.58 3.47 10.21
N ASP B 303 33.12 2.63 9.27
CA ASP B 303 33.98 2.01 8.27
C ASP B 303 35.12 1.16 8.84
N ILE B 304 34.76 0.27 9.77
CA ILE B 304 35.72 -0.65 10.38
C ILE B 304 35.18 -2.08 10.41
N GLU B 305 36.07 -3.05 10.52
CA GLU B 305 35.70 -4.46 10.55
C GLU B 305 35.07 -4.84 11.89
N TYR B 306 33.80 -4.49 12.07
CA TYR B 306 33.10 -4.73 13.33
C TYR B 306 33.18 -6.18 13.79
N THR B 307 32.92 -7.10 12.87
CA THR B 307 32.88 -8.54 13.17
C THR B 307 34.19 -9.11 13.69
N SER B 308 35.30 -8.77 13.03
CA SER B 308 36.63 -9.27 13.41
C SER B 308 37.13 -8.64 14.69
N LEU B 309 36.92 -7.34 14.84
CA LEU B 309 37.35 -6.59 16.03
C LEU B 309 36.60 -7.04 17.28
N THR B 310 35.37 -7.51 17.09
CA THR B 310 34.53 -8.02 18.18
C THR B 310 35.02 -9.38 18.68
N THR B 311 35.40 -10.25 17.74
CA THR B 311 35.88 -11.60 18.08
C THR B 311 37.21 -11.52 18.83
N ALA B 312 38.11 -10.65 18.38
CA ALA B 312 39.39 -10.43 19.04
C ALA B 312 39.23 -9.75 20.40
N GLY B 313 38.21 -8.89 20.50
CA GLY B 313 37.88 -8.22 21.74
C GLY B 313 37.26 -9.17 22.76
N LEU B 314 36.42 -10.08 22.26
CA LEU B 314 35.78 -11.10 23.10
C LEU B 314 36.80 -12.10 23.64
N LEU B 315 37.69 -12.60 22.78
CA LEU B 315 38.72 -13.55 23.18
C LEU B 315 39.65 -12.96 24.25
N TYR B 316 40.00 -11.68 24.08
CA TYR B 316 40.87 -10.98 25.02
C TYR B 316 40.16 -10.73 26.35
N ALA B 317 38.93 -10.22 26.31
CA ALA B 317 38.14 -9.98 27.51
C ALA B 317 37.85 -11.27 28.27
N TYR B 318 37.60 -12.35 27.52
CA TYR B 318 37.36 -13.67 28.11
C TYR B 318 38.60 -14.23 28.79
N ALA B 319 39.78 -13.92 28.23
CA ALA B 319 41.06 -14.37 28.78
C ALA B 319 41.37 -13.69 30.11
N VAL B 320 41.17 -12.37 30.17
CA VAL B 320 41.37 -11.58 31.38
C VAL B 320 40.34 -11.97 32.46
N GLY B 321 39.12 -12.24 32.02
CA GLY B 321 38.03 -12.60 32.92
C GLY B 321 38.14 -13.99 33.51
N SER B 322 38.63 -14.94 32.70
CA SER B 322 38.79 -16.32 33.15
C SER B 322 40.03 -16.49 34.02
N SER B 323 41.06 -15.70 33.72
CA SER B 323 42.33 -15.80 34.44
C SER B 323 42.59 -14.62 35.37
N ALA B 324 41.89 -14.61 36.50
CA ALA B 324 42.22 -13.72 37.59
C ALA B 324 43.44 -14.32 38.29
N ASP B 325 44.62 -13.81 37.96
CA ASP B 325 45.88 -14.38 38.44
C ASP B 325 46.11 -14.10 39.92
N LEU B 326 45.31 -14.75 40.75
CA LEU B 326 45.37 -14.59 42.19
C LEU B 326 46.58 -15.32 42.77
N ALA B 327 47.46 -14.56 43.43
CA ALA B 327 48.65 -15.10 44.05
C ALA B 327 48.92 -14.40 45.37
N GLN B 328 49.54 -15.12 46.30
CA GLN B 328 49.81 -14.59 47.64
C GLN B 328 50.84 -13.47 47.60
N GLN B 329 50.50 -12.35 48.23
CA GLN B 329 51.35 -11.16 48.24
C GLN B 329 52.09 -11.01 49.57
N PHE B 330 51.39 -11.28 50.67
CA PHE B 330 51.96 -11.20 52.02
C PHE B 330 51.76 -12.51 52.77
N CYS B 331 52.75 -12.87 53.59
CA CYS B 331 52.68 -14.09 54.39
C CYS B 331 53.09 -13.85 55.85
N VAL B 332 52.67 -14.76 56.73
CA VAL B 332 53.00 -14.71 58.15
C VAL B 332 54.36 -15.39 58.44
N GLY B 333 55.12 -15.65 57.37
CA GLY B 333 56.38 -16.36 57.48
C GLY B 333 56.17 -17.86 57.49
N ASP B 334 56.99 -18.58 56.74
CA ASP B 334 56.87 -20.04 56.58
C ASP B 334 55.66 -20.47 55.74
N ASN B 335 54.47 -20.09 56.17
CA ASN B 335 53.23 -20.49 55.49
C ASN B 335 53.04 -19.78 54.15
N LYS B 336 53.59 -20.37 53.10
CA LYS B 336 53.54 -19.80 51.76
C LYS B 336 52.80 -20.73 50.80
N TYR B 337 52.11 -20.13 49.83
CA TYR B 337 51.42 -20.89 48.79
C TYR B 337 52.23 -20.90 47.51
N THR B 338 52.49 -22.11 47.01
CA THR B 338 53.16 -22.29 45.73
C THR B 338 52.22 -23.02 44.76
N PRO B 339 51.93 -22.39 43.60
CA PRO B 339 50.92 -22.87 42.65
C PRO B 339 51.32 -24.14 41.88
N ASP B 340 52.31 -24.86 42.39
CA ASP B 340 52.79 -26.06 41.73
C ASP B 340 51.95 -27.28 42.13
N ASP B 341 50.74 -27.34 41.56
CA ASP B 341 49.83 -28.46 41.79
C ASP B 341 49.50 -29.16 40.46
N SER B 342 48.98 -28.38 39.52
CA SER B 342 48.68 -28.88 38.17
C SER B 342 48.68 -27.73 37.15
N THR B 343 49.62 -27.80 36.21
CA THR B 343 49.74 -26.80 35.16
C THR B 343 48.96 -27.22 33.90
N GLY B 344 48.57 -28.50 33.86
CA GLY B 344 47.71 -29.04 32.81
C GLY B 344 46.29 -29.24 33.33
N GLY B 345 45.31 -29.07 32.44
CA GLY B 345 43.89 -29.12 32.83
C GLY B 345 43.04 -30.12 32.10
N LEU B 346 41.73 -30.00 32.28
CA LEU B 346 40.73 -30.89 31.67
C LEU B 346 40.63 -30.70 30.16
N THR B 347 40.75 -31.80 29.42
CA THR B 347 40.56 -31.83 27.95
C THR B 347 41.46 -30.86 27.17
N THR B 348 41.19 -30.75 25.87
CA THR B 348 41.74 -29.66 25.05
C THR B 348 40.76 -28.48 25.09
N ASN B 349 39.70 -28.65 25.87
CA ASN B 349 38.59 -27.70 25.94
C ASN B 349 38.73 -26.69 27.09
N ALA B 350 39.42 -27.08 28.16
CA ALA B 350 39.68 -26.16 29.28
C ALA B 350 40.72 -25.12 28.88
N PRO B 351 40.41 -23.84 29.08
CA PRO B 351 41.21 -22.71 28.62
C PRO B 351 42.57 -22.61 29.31
N PRO B 352 43.54 -21.90 28.69
CA PRO B 352 44.86 -21.65 29.27
C PRO B 352 44.79 -21.04 30.67
N GLN B 353 45.81 -21.32 31.47
CA GLN B 353 45.83 -20.95 32.89
C GLN B 353 46.18 -19.48 33.10
N GLY B 354 46.95 -18.92 32.17
CA GLY B 354 47.39 -17.52 32.26
C GLY B 354 46.74 -16.64 31.22
N ARG B 355 47.51 -15.67 30.73
CA ARG B 355 47.03 -14.71 29.73
C ARG B 355 47.97 -14.62 28.53
N ASP B 356 48.77 -15.65 28.34
CA ASP B 356 49.67 -15.74 27.19
C ASP B 356 48.85 -15.83 25.90
N VAL B 357 49.01 -14.83 25.04
CA VAL B 357 48.24 -14.73 23.78
C VAL B 357 48.42 -15.95 22.89
N VAL B 358 49.63 -16.50 22.88
CA VAL B 358 49.99 -17.65 22.05
C VAL B 358 49.21 -18.91 22.44
N GLU B 359 49.15 -19.18 23.74
CA GLU B 359 48.37 -20.31 24.27
C GLU B 359 46.89 -20.16 23.98
N TRP B 360 46.38 -18.93 24.11
CA TRP B 360 44.98 -18.63 23.84
C TRP B 360 44.63 -18.68 22.36
N LEU B 361 45.61 -18.41 21.50
CA LEU B 361 45.43 -18.54 20.05
C LEU B 361 45.35 -19.99 19.63
N GLY B 362 46.15 -20.84 20.28
CA GLY B 362 46.14 -22.28 20.03
C GLY B 362 44.87 -22.95 20.52
N TRP B 363 44.39 -22.50 21.68
CA TRP B 363 43.13 -22.97 22.27
C TRP B 363 41.94 -22.59 21.40
N PHE B 364 42.00 -21.38 20.83
CA PHE B 364 40.95 -20.85 19.99
C PHE B 364 40.83 -21.61 18.66
N GLU B 365 41.96 -22.06 18.14
CA GLU B 365 42.00 -22.87 16.94
C GLU B 365 41.41 -24.27 17.21
N ASP B 366 41.65 -24.78 18.42
CA ASP B 366 41.09 -26.05 18.86
C ASP B 366 39.57 -25.95 19.07
N GLN B 367 39.10 -24.75 19.39
CA GLN B 367 37.67 -24.48 19.49
C GLN B 367 37.10 -24.12 18.11
N ASN B 368 37.84 -24.50 17.07
CA ASN B 368 37.46 -24.27 15.66
C ASN B 368 37.35 -22.80 15.24
N ARG B 369 38.02 -21.92 15.98
CA ARG B 369 38.01 -20.47 15.74
C ARG B 369 36.61 -19.84 15.85
N LYS B 370 35.77 -20.45 16.68
CA LYS B 370 34.41 -19.97 16.90
C LYS B 370 34.18 -19.74 18.40
N PRO B 371 33.67 -18.54 18.76
CA PRO B 371 33.40 -18.25 20.17
C PRO B 371 32.55 -19.34 20.81
N THR B 372 33.00 -19.84 21.96
CA THR B 372 32.32 -20.93 22.66
C THR B 372 31.04 -20.43 23.36
N PRO B 373 30.12 -21.35 23.73
CA PRO B 373 28.93 -20.99 24.50
C PRO B 373 29.25 -20.26 25.80
N ASP B 374 30.37 -20.61 26.45
CA ASP B 374 30.80 -19.95 27.68
C ASP B 374 31.33 -18.54 27.40
N MET B 375 32.05 -18.38 26.29
CA MET B 375 32.52 -17.07 25.84
C MET B 375 31.36 -16.11 25.59
N MET B 376 30.34 -16.60 24.90
CA MET B 376 29.12 -15.84 24.61
C MET B 376 28.30 -15.57 25.87
N GLN B 377 28.39 -16.49 26.84
CA GLN B 377 27.72 -16.32 28.12
C GLN B 377 28.42 -15.24 28.94
N TYR B 378 29.74 -15.29 29.01
CA TYR B 378 30.52 -14.27 29.70
C TYR B 378 30.19 -12.87 29.18
N ALA B 379 30.02 -12.78 27.87
CA ALA B 379 29.71 -11.52 27.20
C ALA B 379 28.26 -11.11 27.42
N LYS B 380 27.34 -12.07 27.42
CA LYS B 380 25.92 -11.80 27.67
C LYS B 380 25.74 -11.18 29.06
N ARG B 381 26.39 -11.78 30.05
CA ARG B 381 26.30 -11.29 31.43
C ARG B 381 26.99 -9.95 31.62
N ALA B 382 27.98 -9.66 30.78
CA ALA B 382 28.70 -8.40 30.84
C ALA B 382 27.87 -7.22 30.31
N VAL B 383 26.98 -7.50 29.37
CA VAL B 383 26.22 -6.44 28.69
C VAL B 383 24.78 -6.26 29.18
N MET B 384 24.15 -7.33 29.65
CA MET B 384 22.81 -7.22 30.24
C MET B 384 22.91 -6.44 31.54
N SER B 385 21.81 -5.78 31.92
CA SER B 385 21.75 -4.86 33.07
C SER B 385 22.36 -3.49 32.79
N LEU B 386 22.99 -3.32 31.63
CA LEU B 386 23.41 -2.00 31.17
C LEU B 386 22.20 -1.23 30.68
N GLN B 387 21.92 -0.09 31.32
CA GLN B 387 20.73 0.70 31.03
C GLN B 387 21.08 2.12 30.58
N GLY B 388 20.16 2.73 29.84
CA GLY B 388 20.30 4.12 29.39
C GLY B 388 21.41 4.32 28.38
N LEU B 389 21.40 3.51 27.32
CA LEU B 389 22.42 3.58 26.27
C LEU B 389 21.95 4.47 25.11
N ARG B 390 22.84 5.36 24.67
CA ARG B 390 22.56 6.23 23.52
C ARG B 390 22.91 5.49 22.23
N GLU B 391 22.39 5.98 21.10
CA GLU B 391 22.65 5.37 19.80
C GLU B 391 24.08 5.63 19.34
N LYS B 392 24.62 4.69 18.55
CA LYS B 392 25.99 4.76 18.00
C LYS B 392 27.10 4.90 19.04
N THR B 393 26.85 4.32 20.21
CA THR B 393 27.86 4.20 21.26
C THR B 393 28.29 2.74 21.33
N ILE B 394 29.50 2.49 21.84
CA ILE B 394 30.03 1.14 21.96
C ILE B 394 29.21 0.29 22.95
N GLY B 395 28.63 0.94 23.95
CA GLY B 395 27.71 0.28 24.89
C GLY B 395 26.46 -0.26 24.21
N LYS B 396 25.89 0.54 23.31
CA LYS B 396 24.73 0.15 22.53
C LYS B 396 25.03 -1.04 21.63
N TYR B 397 26.19 -1.00 20.97
CA TYR B 397 26.64 -2.08 20.09
C TYR B 397 26.80 -3.39 20.86
N ALA B 398 27.50 -3.31 21.98
CA ALA B 398 27.83 -4.49 22.79
C ALA B 398 26.61 -5.24 23.28
N LYS B 399 25.60 -4.51 23.75
CA LYS B 399 24.37 -5.10 24.26
C LYS B 399 23.51 -5.70 23.14
N SER B 400 23.38 -4.97 22.04
CA SER B 400 22.64 -5.44 20.87
C SER B 400 23.36 -6.61 20.19
N GLU B 401 24.59 -6.86 20.61
CA GLU B 401 25.40 -7.94 20.06
C GLU B 401 25.30 -9.21 20.90
N PHE B 402 25.39 -9.07 22.22
CA PHE B 402 25.51 -10.23 23.10
C PHE B 402 24.30 -10.53 23.99
N ASP B 403 23.50 -9.51 24.29
CA ASP B 403 22.30 -9.71 25.10
C ASP B 403 21.11 -10.14 24.26
N LYS B 404 21.00 -11.44 24.03
CA LYS B 404 19.89 -12.03 23.25
C LYS B 404 19.74 -13.53 23.53
N GLY C 1 21.07 1.15 -19.62
CA GLY C 1 21.14 2.08 -20.78
C GLY C 1 19.92 1.97 -21.67
N ALA C 2 20.17 1.62 -22.94
CA ALA C 2 19.12 1.41 -23.94
C ALA C 2 18.34 2.66 -24.35
N MET C 3 17.61 3.25 -23.41
CA MET C 3 16.73 4.39 -23.70
C MET C 3 16.71 5.41 -22.55
N GLU C 4 16.97 6.67 -22.90
CA GLU C 4 16.93 7.82 -21.97
C GLU C 4 17.96 7.76 -20.84
N ASP C 5 18.22 6.55 -20.36
CA ASP C 5 19.06 6.33 -19.19
C ASP C 5 20.56 6.08 -19.48
N PRO C 6 20.94 5.83 -20.76
CA PRO C 6 22.34 5.63 -21.13
C PRO C 6 23.34 6.48 -20.35
N VAL C 7 24.32 5.81 -19.75
CA VAL C 7 25.32 6.47 -18.92
C VAL C 7 26.29 7.32 -19.73
N GLU C 8 26.69 8.45 -19.17
CA GLU C 8 27.66 9.34 -19.78
C GLU C 8 28.90 9.41 -18.90
N TYR C 9 30.06 9.21 -19.52
CA TYR C 9 31.32 9.16 -18.78
C TYR C 9 32.04 10.50 -18.75
N PRO C 10 32.74 10.80 -17.64
CA PRO C 10 33.50 12.04 -17.44
C PRO C 10 34.45 12.34 -18.59
N ALA C 11 35.19 11.33 -19.04
CA ALA C 11 36.22 11.49 -20.06
C ALA C 11 35.65 11.86 -21.44
N ASP C 12 34.41 11.46 -21.68
CA ASP C 12 33.76 11.67 -22.97
C ASP C 12 33.23 13.10 -23.20
N TYR C 13 33.15 13.88 -22.13
CA TYR C 13 32.79 15.30 -22.24
C TYR C 13 33.95 16.07 -22.86
N PHE C 14 35.16 15.76 -22.41
CA PHE C 14 36.36 16.50 -22.78
C PHE C 14 36.87 16.18 -24.19
N ARG C 15 36.27 15.17 -24.82
CA ARG C 15 36.53 14.83 -26.22
C ARG C 15 35.96 15.88 -27.16
N LYS C 16 34.83 16.46 -26.79
CA LYS C 16 34.10 17.40 -27.65
C LYS C 16 34.25 18.87 -27.23
N SER C 17 34.74 19.10 -26.02
CA SER C 17 34.99 20.46 -25.52
C SER C 17 36.16 20.47 -24.55
N LYS C 18 36.95 21.53 -24.61
CA LYS C 18 38.08 21.71 -23.69
C LYS C 18 37.75 22.75 -22.61
N GLU C 19 36.49 23.16 -22.55
CA GLU C 19 36.03 24.18 -21.62
C GLU C 19 34.83 23.71 -20.81
N ILE C 20 34.75 24.20 -19.57
CA ILE C 20 33.52 24.11 -18.79
C ILE C 20 32.98 25.54 -18.67
N PRO C 21 32.07 25.93 -19.58
CA PRO C 21 31.61 27.31 -19.69
C PRO C 21 30.76 27.76 -18.49
N LEU C 22 31.30 28.72 -17.74
CA LEU C 22 30.55 29.36 -16.67
C LEU C 22 30.04 30.73 -17.15
N TYR C 23 28.73 30.81 -17.34
CA TYR C 23 28.09 32.03 -17.83
C TYR C 23 27.85 32.99 -16.67
N ILE C 24 28.81 33.89 -16.45
CA ILE C 24 28.71 34.89 -15.38
C ILE C 24 27.97 36.13 -15.88
N ASN C 25 27.15 36.66 -14.99
CA ASN C 25 26.12 37.62 -15.33
C ASN C 25 26.61 39.03 -15.63
N THR C 26 25.67 39.87 -16.08
CA THR C 26 25.92 41.25 -16.43
C THR C 26 26.76 41.97 -15.38
N THR C 27 27.87 42.56 -15.81
CA THR C 27 28.83 43.17 -14.90
C THR C 27 28.32 44.50 -14.34
N LYS C 28 28.08 44.51 -13.03
CA LYS C 28 27.53 45.67 -12.34
C LYS C 28 28.14 45.87 -10.95
N SER C 29 29.47 45.93 -10.89
CA SER C 29 30.23 46.29 -9.67
C SER C 29 30.02 45.35 -8.48
N LEU C 30 31.09 45.06 -7.75
CA LEU C 30 31.00 44.25 -6.55
C LEU C 30 30.12 44.92 -5.50
N SER C 31 30.40 46.19 -5.21
CA SER C 31 29.69 46.96 -4.19
C SER C 31 28.17 46.95 -4.36
N ASP C 32 27.71 47.18 -5.59
CA ASP C 32 26.28 47.16 -5.90
C ASP C 32 25.69 45.76 -5.73
N LEU C 33 26.43 44.76 -6.19
CA LEU C 33 26.00 43.35 -6.10
C LEU C 33 25.97 42.83 -4.66
N ARG C 34 26.77 43.44 -3.80
CA ARG C 34 26.75 43.15 -2.37
C ARG C 34 25.40 43.54 -1.79
N GLY C 35 24.94 44.73 -2.15
CA GLY C 35 23.66 45.28 -1.68
C GLY C 35 22.45 44.46 -2.08
N TYR C 36 22.44 44.02 -3.35
CA TYR C 36 21.39 43.14 -3.86
C TYR C 36 21.31 41.85 -3.06
N VAL C 37 22.45 41.19 -2.92
CA VAL C 37 22.54 39.89 -2.26
C VAL C 37 22.24 40.00 -0.76
N TYR C 38 22.82 41.00 -0.10
CA TYR C 38 22.62 41.18 1.33
C TYR C 38 21.16 41.47 1.69
N GLN C 39 20.57 42.46 1.04
CA GLN C 39 19.19 42.84 1.29
C GLN C 39 18.22 41.78 0.77
N GLY C 40 18.50 41.25 -0.41
CA GLY C 40 17.66 40.22 -1.03
C GLY C 40 17.53 38.94 -0.22
N LEU C 41 18.58 38.59 0.51
CA LEU C 41 18.56 37.42 1.39
C LEU C 41 17.67 37.63 2.60
N LYS C 42 17.89 38.73 3.32
CA LYS C 42 17.13 39.03 4.55
C LYS C 42 15.70 39.48 4.27
N SER C 43 15.45 39.94 3.05
CA SER C 43 14.10 40.33 2.63
C SER C 43 13.24 39.10 2.29
N GLY C 44 13.85 38.13 1.63
CA GLY C 44 13.16 36.89 1.28
C GLY C 44 13.15 36.55 -0.20
N ASN C 45 13.65 37.47 -1.02
CA ASN C 45 13.77 37.23 -2.47
C ASN C 45 15.00 37.86 -3.11
N VAL C 46 15.84 37.00 -3.69
CA VAL C 46 17.06 37.42 -4.36
C VAL C 46 17.25 36.59 -5.62
N SER C 47 17.62 37.23 -6.72
CA SER C 47 17.84 36.55 -7.98
C SER C 47 19.15 35.74 -7.94
N ILE C 48 19.10 34.53 -8.49
CA ILE C 48 20.30 33.69 -8.61
C ILE C 48 21.33 34.36 -9.54
N ILE C 49 20.83 35.17 -10.47
CA ILE C 49 21.66 36.00 -11.33
C ILE C 49 22.56 36.90 -10.47
N HIS C 50 21.96 37.57 -9.49
CA HIS C 50 22.73 38.41 -8.56
C HIS C 50 23.61 37.60 -7.62
N VAL C 51 23.10 36.44 -7.20
CA VAL C 51 23.87 35.53 -6.34
C VAL C 51 25.13 35.04 -7.03
N ASN C 52 24.98 34.63 -8.29
CA ASN C 52 26.11 34.15 -9.09
C ASN C 52 27.12 35.25 -9.43
N SER C 53 26.62 36.44 -9.77
CA SER C 53 27.47 37.57 -10.10
C SER C 53 28.31 38.00 -8.90
N TYR C 54 27.67 38.05 -7.73
CA TYR C 54 28.36 38.40 -6.50
C TYR C 54 29.41 37.37 -6.13
N LEU C 55 29.06 36.09 -6.25
CA LEU C 55 29.98 35.00 -5.95
C LEU C 55 31.25 35.06 -6.81
N TYR C 56 31.10 35.41 -8.09
CA TYR C 56 32.24 35.62 -8.96
C TYR C 56 33.13 36.78 -8.49
N GLY C 57 32.51 37.91 -8.19
CA GLY C 57 33.23 39.11 -7.77
C GLY C 57 33.97 38.98 -6.45
N ALA C 58 33.37 38.27 -5.50
CA ALA C 58 33.94 38.10 -4.17
C ALA C 58 34.97 36.98 -4.10
N LEU C 59 34.83 35.98 -4.96
CA LEU C 59 35.68 34.79 -4.94
C LEU C 59 36.87 34.83 -5.91
N LYS C 60 37.14 36.01 -6.47
CA LYS C 60 38.28 36.16 -7.38
C LYS C 60 39.60 36.33 -6.64
N ASP C 61 39.89 35.38 -5.73
CA ASP C 61 41.18 35.36 -5.05
C ASP C 61 42.17 34.46 -5.79
N ILE C 62 43.03 35.09 -6.57
CA ILE C 62 44.10 34.41 -7.30
C ILE C 62 45.21 34.06 -6.31
N ARG C 63 44.86 33.25 -5.32
CA ARG C 63 45.75 32.91 -4.22
C ARG C 63 45.84 31.40 -4.05
N GLY C 64 46.70 30.79 -4.84
CA GLY C 64 46.93 29.36 -4.78
C GLY C 64 48.12 29.00 -5.63
N LYS C 65 49.28 28.86 -4.99
CA LYS C 65 50.51 28.50 -5.69
C LYS C 65 50.62 26.98 -5.80
N LEU C 66 50.71 26.49 -7.04
CA LEU C 66 50.82 25.06 -7.29
C LEU C 66 52.16 24.50 -6.83
N ASP C 67 52.11 23.27 -6.31
CA ASP C 67 53.30 22.58 -5.83
C ASP C 67 53.65 21.44 -6.78
N LYS C 68 52.72 21.17 -7.70
CA LYS C 68 52.81 20.05 -8.64
C LYS C 68 51.99 20.42 -9.88
N ASP C 69 52.17 19.68 -10.96
CA ASP C 69 51.38 19.87 -12.18
C ASP C 69 49.90 19.52 -11.96
N TRP C 70 49.03 20.22 -12.67
CA TRP C 70 47.59 20.11 -12.53
C TRP C 70 47.04 19.61 -13.87
N SER C 71 46.50 18.40 -13.91
CA SER C 71 45.97 17.84 -15.15
C SER C 71 44.86 16.82 -14.95
N SER C 72 43.74 17.04 -15.64
CA SER C 72 42.62 16.10 -15.64
C SER C 72 41.98 16.07 -17.03
N PHE C 73 41.93 14.87 -17.62
CA PHE C 73 41.36 14.63 -18.95
C PHE C 73 42.02 15.46 -20.06
N GLY C 74 43.34 15.59 -20.00
CA GLY C 74 44.11 16.30 -21.01
C GLY C 74 44.14 17.81 -20.82
N ILE C 75 43.33 18.33 -19.90
CA ILE C 75 43.28 19.75 -19.61
C ILE C 75 44.37 20.10 -18.60
N ASN C 76 45.25 21.03 -18.99
CA ASN C 76 46.32 21.49 -18.12
C ASN C 76 45.89 22.75 -17.37
N ILE C 77 45.35 22.55 -16.17
CA ILE C 77 44.92 23.65 -15.30
C ILE C 77 46.12 24.51 -14.89
N GLY C 78 47.24 23.84 -14.63
CA GLY C 78 48.47 24.51 -14.26
C GLY C 78 49.69 23.61 -14.34
N LYS C 79 50.87 24.22 -14.33
CA LYS C 79 52.13 23.50 -14.39
C LYS C 79 53.09 23.98 -13.29
N ALA C 80 54.24 23.33 -13.18
CA ALA C 80 55.33 23.72 -12.28
C ALA C 80 54.86 24.36 -10.97
N GLY C 81 54.95 25.69 -10.89
CA GLY C 81 54.56 26.43 -9.70
C GLY C 81 54.01 27.81 -9.99
N ASP C 82 52.95 27.86 -10.79
CA ASP C 82 52.26 29.12 -11.07
C ASP C 82 51.04 29.31 -10.16
N THR C 83 50.65 30.56 -9.97
CA THR C 83 49.56 30.92 -9.08
C THR C 83 48.24 30.98 -9.85
N ILE C 84 47.20 30.36 -9.30
CA ILE C 84 45.89 30.28 -9.95
C ILE C 84 44.74 30.67 -9.02
N GLY C 85 43.58 30.93 -9.62
CA GLY C 85 42.36 31.23 -8.87
C GLY C 85 41.30 30.17 -9.04
N ILE C 86 40.19 30.34 -8.32
CA ILE C 86 39.06 29.41 -8.37
C ILE C 86 38.49 29.24 -9.80
N PHE C 87 38.47 30.33 -10.55
CA PHE C 87 37.84 30.36 -11.86
C PHE C 87 38.78 30.06 -13.03
N ASP C 88 39.92 29.47 -12.72
CA ASP C 88 40.83 28.92 -13.73
C ASP C 88 40.38 27.52 -14.13
N LEU C 89 39.46 26.96 -13.35
CA LEU C 89 38.89 25.64 -13.60
C LEU C 89 37.68 25.73 -14.54
N VAL C 90 37.26 26.95 -14.85
CA VAL C 90 36.14 27.20 -15.76
C VAL C 90 36.52 28.26 -16.80
N SER C 91 35.51 28.81 -17.48
CA SER C 91 35.72 29.81 -18.53
C SER C 91 34.52 30.76 -18.67
N LEU C 92 34.69 31.79 -19.49
CA LEU C 92 33.59 32.55 -20.10
C LEU C 92 32.82 33.53 -19.19
N LYS C 93 31.88 34.24 -19.82
CA LYS C 93 31.02 35.25 -19.19
C LYS C 93 29.90 35.58 -20.19
N ALA C 94 28.64 35.54 -19.76
CA ALA C 94 27.52 35.81 -20.66
C ALA C 94 26.47 36.76 -20.09
N LEU C 95 26.14 37.78 -20.88
CA LEU C 95 25.14 38.78 -20.51
C LEU C 95 23.75 38.42 -21.07
N ASP C 96 22.72 38.97 -20.43
CA ASP C 96 21.33 38.80 -20.87
C ASP C 96 20.51 40.05 -20.55
N GLY C 97 19.59 39.95 -19.59
CA GLY C 97 18.79 41.09 -19.14
C GLY C 97 18.63 41.09 -17.63
N VAL C 98 19.06 42.17 -16.99
CA VAL C 98 19.01 42.29 -15.52
C VAL C 98 17.66 42.75 -14.98
N LEU C 99 17.45 42.53 -13.68
CA LEU C 99 16.17 42.76 -13.02
C LEU C 99 16.29 43.52 -11.70
N PRO C 100 15.37 44.47 -11.44
CA PRO C 100 15.38 45.28 -10.22
C PRO C 100 15.08 44.47 -8.97
N ASP C 101 15.70 44.86 -7.85
CA ASP C 101 15.53 44.18 -6.56
C ASP C 101 15.92 45.12 -5.41
N GLY C 102 15.61 44.72 -4.19
CA GLY C 102 15.93 45.51 -2.99
C GLY C 102 17.41 45.48 -2.64
N VAL C 103 17.98 46.64 -2.36
CA VAL C 103 19.41 46.76 -1.98
C VAL C 103 19.63 47.56 -0.71
N SER C 104 20.76 47.28 -0.05
CA SER C 104 21.25 48.09 1.07
C SER C 104 22.67 48.55 0.75
N ASP C 105 22.88 49.87 0.80
CA ASP C 105 24.20 50.44 0.54
C ASP C 105 24.98 50.71 1.82
N ALA C 106 24.36 50.39 2.96
CA ALA C 106 25.02 50.49 4.26
C ALA C 106 26.03 49.37 4.46
N SER C 107 25.98 48.35 3.60
CA SER C 107 26.87 47.20 3.66
C SER C 107 28.33 47.55 3.40
N ARG C 108 29.22 47.00 4.23
CA ARG C 108 30.65 47.27 4.16
C ARG C 108 31.26 46.60 2.94
N THR C 109 32.03 47.37 2.16
CA THR C 109 32.69 46.86 0.95
C THR C 109 33.62 45.67 1.23
N SER C 110 34.14 45.58 2.46
CA SER C 110 35.10 44.54 2.82
C SER C 110 34.57 43.52 3.83
N ALA C 111 33.98 43.99 4.93
CA ALA C 111 33.64 43.15 6.08
C ALA C 111 32.69 41.99 5.75
N ASP C 112 31.63 42.27 4.99
CA ASP C 112 30.63 41.26 4.63
C ASP C 112 31.20 40.23 3.65
N ASP C 113 32.17 40.65 2.84
CA ASP C 113 32.76 39.82 1.79
C ASP C 113 33.55 38.61 2.28
N LYS C 114 33.83 38.57 3.58
CA LYS C 114 34.59 37.47 4.17
C LYS C 114 33.71 36.27 4.53
N TRP C 115 32.48 36.53 4.95
CA TRP C 115 31.56 35.47 5.38
C TRP C 115 30.40 35.21 4.42
N LEU C 116 30.02 36.22 3.64
CA LEU C 116 28.86 36.10 2.74
C LEU C 116 29.01 35.01 1.66
N PRO C 117 30.19 34.90 1.02
CA PRO C 117 30.36 33.81 0.06
C PRO C 117 30.21 32.43 0.70
N LEU C 118 30.76 32.25 1.91
CA LEU C 118 30.60 31.01 2.67
C LEU C 118 29.14 30.72 2.97
N TYR C 119 28.40 31.78 3.31
CA TYR C 119 26.97 31.68 3.63
C TYR C 119 26.13 31.29 2.42
N LEU C 120 26.37 31.93 1.29
CA LEU C 120 25.65 31.64 0.05
C LEU C 120 25.96 30.23 -0.48
N LEU C 121 27.24 29.87 -0.47
CA LEU C 121 27.69 28.54 -0.90
C LEU C 121 27.26 27.45 0.07
N GLY C 122 27.10 27.82 1.34
CA GLY C 122 26.67 26.90 2.39
C GLY C 122 25.21 26.50 2.28
N LEU C 123 24.39 27.42 1.79
CA LEU C 123 22.95 27.17 1.60
C LEU C 123 22.69 26.09 0.55
N TYR C 124 23.71 25.78 -0.25
CA TYR C 124 23.63 24.69 -1.22
C TYR C 124 23.46 23.35 -0.53
N ARG C 125 24.28 23.10 0.49
CA ARG C 125 24.21 21.87 1.29
C ARG C 125 22.92 21.80 2.11
N VAL C 126 22.44 22.96 2.54
CA VAL C 126 21.21 23.07 3.33
C VAL C 126 19.97 22.74 2.49
N GLY C 127 19.96 23.19 1.24
CA GLY C 127 18.82 22.98 0.35
C GLY C 127 18.70 21.59 -0.23
N ARG C 128 19.63 20.70 0.14
CA ARG C 128 19.65 19.33 -0.39
C ARG C 128 18.98 18.33 0.56
N THR C 129 18.63 18.80 1.75
CA THR C 129 18.02 17.95 2.78
C THR C 129 16.53 18.26 2.94
N GLN C 130 15.73 17.21 3.00
CA GLN C 130 14.27 17.33 3.11
C GLN C 130 13.83 17.39 4.57
N MET C 131 14.39 16.50 5.39
CA MET C 131 14.05 16.40 6.82
C MET C 131 14.43 17.68 7.55
N PRO C 132 13.43 18.40 8.09
CA PRO C 132 13.62 19.71 8.73
C PRO C 132 14.49 19.65 9.98
N GLU C 133 14.50 18.50 10.65
CA GLU C 133 15.31 18.29 11.86
C GLU C 133 16.80 18.38 11.55
N TYR C 134 17.24 17.64 10.53
CA TYR C 134 18.63 17.65 10.08
C TYR C 134 18.94 18.90 9.28
N ARG C 135 17.93 19.45 8.63
CA ARG C 135 18.04 20.68 7.84
C ARG C 135 18.43 21.86 8.73
N LYS C 136 17.97 21.85 9.98
CA LYS C 136 18.33 22.88 10.95
C LYS C 136 19.75 22.68 11.45
N LYS C 137 20.17 21.43 11.60
CA LYS C 137 21.52 21.07 12.05
C LYS C 137 22.59 21.66 11.12
N LEU C 138 22.31 21.61 9.82
CA LEU C 138 23.21 22.20 8.82
C LEU C 138 23.16 23.72 8.87
N MET C 139 21.98 24.27 9.15
CA MET C 139 21.80 25.72 9.25
C MET C 139 22.50 26.31 10.47
N ASP C 140 22.46 25.57 11.58
CA ASP C 140 23.15 25.97 12.82
C ASP C 140 24.66 25.96 12.62
N GLY C 141 25.16 24.91 11.97
CA GLY C 141 26.58 24.78 11.65
C GLY C 141 27.08 25.87 10.71
N LEU C 142 26.23 26.24 9.75
CA LEU C 142 26.53 27.33 8.82
C LEU C 142 26.62 28.66 9.55
N THR C 143 25.72 28.84 10.53
CA THR C 143 25.71 30.05 11.36
C THR C 143 26.96 30.13 12.24
N ASN C 144 27.36 28.99 12.81
CA ASN C 144 28.56 28.91 13.64
C ASN C 144 29.86 29.04 12.85
N GLN C 145 29.83 28.58 11.59
CA GLN C 145 30.98 28.69 10.69
C GLN C 145 31.19 30.13 10.25
N CYS C 146 30.09 30.89 10.14
CA CYS C 146 30.13 32.31 9.80
C CYS C 146 30.41 33.18 11.04
N LYS C 147 30.03 32.68 12.22
CA LYS C 147 30.32 33.36 13.48
C LYS C 147 31.81 33.36 13.80
N MET C 148 32.53 32.40 13.24
CA MET C 148 33.99 32.29 13.41
C MET C 148 34.72 33.43 12.68
N ILE C 149 34.19 33.84 11.54
CA ILE C 149 34.75 34.96 10.78
C ILE C 149 34.31 36.29 11.41
N ASN C 150 32.99 36.48 11.52
CA ASN C 150 32.44 37.67 12.15
C ASN C 150 31.63 37.31 13.38
N GLU C 151 31.99 37.91 14.51
CA GLU C 151 31.39 37.59 15.81
C GLU C 151 29.88 37.85 15.86
N GLN C 152 29.44 38.89 15.16
CA GLN C 152 28.07 39.40 15.28
C GLN C 152 27.12 38.89 14.19
N PHE C 153 27.51 37.83 13.51
CA PHE C 153 26.69 37.27 12.43
C PHE C 153 25.40 36.63 12.94
N GLU C 154 24.29 37.03 12.33
CA GLU C 154 22.97 36.44 12.56
C GLU C 154 22.45 36.00 11.19
N PRO C 155 21.80 34.81 11.12
CA PRO C 155 21.28 34.30 9.85
C PRO C 155 20.38 35.29 9.12
N LEU C 156 20.65 35.52 7.84
CA LEU C 156 19.96 36.54 7.05
C LEU C 156 18.56 36.13 6.61
N VAL C 157 18.46 35.05 5.84
CA VAL C 157 17.19 34.60 5.25
C VAL C 157 16.18 34.15 6.32
N PRO C 158 14.93 34.64 6.22
CA PRO C 158 13.83 34.28 7.15
C PRO C 158 13.48 32.79 7.14
N GLU C 159 12.51 32.42 7.97
CA GLU C 159 12.12 31.02 8.15
C GLU C 159 11.46 30.37 6.92
N GLY C 160 11.16 31.18 5.90
CA GLY C 160 10.58 30.70 4.65
C GLY C 160 11.44 29.64 3.98
N ARG C 161 12.69 29.99 3.71
CA ARG C 161 13.78 29.05 3.33
C ARG C 161 13.65 28.34 1.98
N ASP C 162 12.43 28.25 1.43
CA ASP C 162 12.22 27.61 0.13
C ASP C 162 12.83 28.40 -1.04
N ILE C 163 13.59 29.44 -0.69
CA ILE C 163 14.23 30.33 -1.66
C ILE C 163 15.49 29.71 -2.31
N PHE C 164 16.36 29.14 -1.48
CA PHE C 164 17.67 28.66 -1.93
C PHE C 164 17.69 27.21 -2.41
N ASP C 165 16.57 26.51 -2.30
CA ASP C 165 16.46 25.13 -2.76
C ASP C 165 16.55 25.05 -4.28
N VAL C 166 16.00 26.07 -4.95
CA VAL C 166 15.93 26.14 -6.41
C VAL C 166 17.30 26.44 -7.03
N TRP C 167 18.24 26.93 -6.22
CA TRP C 167 19.59 27.28 -6.68
C TRP C 167 20.35 26.09 -7.26
N GLY C 168 20.13 24.92 -6.68
CA GLY C 168 20.79 23.69 -7.14
C GLY C 168 20.40 23.28 -8.54
N ASN C 169 19.32 23.85 -9.04
CA ASN C 169 18.84 23.61 -10.40
C ASN C 169 19.42 24.58 -11.41
N ASP C 170 20.12 25.60 -10.91
CA ASP C 170 20.83 26.57 -11.75
C ASP C 170 22.20 26.02 -12.13
N SER C 171 22.42 25.91 -13.44
CA SER C 171 23.66 25.36 -13.99
C SER C 171 24.92 26.11 -13.53
N ASN C 172 24.84 27.45 -13.55
CA ASN C 172 26.00 28.28 -13.22
C ASN C 172 26.34 28.33 -11.73
N TYR C 173 25.31 28.23 -10.88
CA TYR C 173 25.51 28.21 -9.43
C TYR C 173 26.27 26.97 -8.98
N THR C 174 25.89 25.82 -9.53
CA THR C 174 26.54 24.55 -9.21
C THR C 174 27.97 24.46 -9.77
N LYS C 175 28.25 25.25 -10.81
CA LYS C 175 29.59 25.33 -11.38
C LYS C 175 30.55 26.09 -10.48
N ILE C 176 30.04 27.14 -9.82
CA ILE C 176 30.81 27.89 -8.84
C ILE C 176 31.10 27.01 -7.62
N VAL C 177 30.07 26.27 -7.18
CA VAL C 177 30.17 25.32 -6.08
C VAL C 177 31.25 24.26 -6.35
N ALA C 178 31.22 23.69 -7.55
CA ALA C 178 32.19 22.67 -7.97
C ALA C 178 33.59 23.24 -8.16
N ALA C 179 33.66 24.50 -8.61
CA ALA C 179 34.94 25.17 -8.80
C ALA C 179 35.57 25.56 -7.47
N VAL C 180 34.74 25.97 -6.51
CA VAL C 180 35.21 26.32 -5.17
C VAL C 180 35.79 25.11 -4.45
N ASP C 181 35.08 23.99 -4.50
CA ASP C 181 35.48 22.76 -3.80
C ASP C 181 36.74 22.14 -4.37
N MET C 182 36.84 22.10 -5.70
CA MET C 182 38.01 21.55 -6.38
C MET C 182 39.27 22.39 -6.11
N PHE C 183 39.08 23.69 -5.90
CA PHE C 183 40.16 24.60 -5.57
C PHE C 183 40.72 24.36 -4.18
N PHE C 184 39.83 24.25 -3.19
CA PHE C 184 40.26 24.08 -1.80
C PHE C 184 40.53 22.62 -1.42
N HIS C 185 40.22 21.69 -2.32
CA HIS C 185 40.69 20.32 -2.17
C HIS C 185 42.18 20.27 -2.47
N MET C 186 42.60 21.11 -3.42
CA MET C 186 44.01 21.28 -3.75
C MET C 186 44.71 22.11 -2.67
N PHE C 187 44.16 23.28 -2.38
CA PHE C 187 44.73 24.17 -1.38
C PHE C 187 43.97 24.05 -0.07
N LYS C 188 44.24 22.95 0.64
CA LYS C 188 43.60 22.63 1.91
C LYS C 188 43.96 23.62 3.03
N LYS C 189 45.20 24.09 3.01
CA LYS C 189 45.71 24.98 4.04
C LYS C 189 45.36 26.45 3.80
N HIS C 190 44.65 26.73 2.71
CA HIS C 190 44.28 28.10 2.37
C HIS C 190 43.38 28.73 3.43
N GLU C 191 43.49 30.04 3.57
CA GLU C 191 42.72 30.83 4.51
C GLU C 191 41.21 30.64 4.36
N CYS C 192 40.76 30.54 3.10
CA CYS C 192 39.34 30.43 2.78
C CYS C 192 38.87 28.98 2.55
N ALA C 193 39.55 28.03 3.20
CA ALA C 193 39.18 26.62 3.08
C ALA C 193 37.85 26.28 3.74
N SER C 194 37.44 27.15 4.67
CA SER C 194 36.17 27.01 5.39
C SER C 194 34.96 27.06 4.46
N PHE C 195 35.14 27.68 3.30
CA PHE C 195 34.09 27.84 2.29
C PHE C 195 33.56 26.51 1.79
N ARG C 196 34.25 25.42 2.14
CA ARG C 196 33.87 24.07 1.73
C ARG C 196 32.80 23.44 2.62
N TYR C 197 32.30 24.20 3.60
CA TYR C 197 31.24 23.71 4.47
C TYR C 197 30.03 23.24 3.65
N GLY C 198 29.69 24.01 2.62
CA GLY C 198 28.51 23.71 1.79
C GLY C 198 28.82 23.14 0.42
N THR C 199 30.04 23.36 -0.07
CA THR C 199 30.42 22.91 -1.42
C THR C 199 30.90 21.46 -1.47
N ILE C 200 31.12 20.86 -0.30
CA ILE C 200 31.64 19.48 -0.20
C ILE C 200 30.67 18.43 -0.76
N VAL C 201 29.37 18.70 -0.70
CA VAL C 201 28.36 17.76 -1.19
C VAL C 201 28.27 17.69 -2.72
N SER C 202 28.97 18.60 -3.40
CA SER C 202 29.11 18.55 -4.86
C SER C 202 30.06 17.42 -5.26
N ARG C 203 30.97 17.10 -4.34
CA ARG C 203 31.98 16.07 -4.57
C ARG C 203 31.36 14.67 -4.50
N PHE C 204 31.58 13.91 -5.58
CA PHE C 204 31.00 12.57 -5.75
C PHE C 204 29.47 12.56 -5.64
N LYS C 205 28.86 13.61 -6.19
CA LYS C 205 27.42 13.74 -6.25
C LYS C 205 26.87 12.75 -7.27
N ASP C 206 25.89 11.96 -6.85
CA ASP C 206 25.28 10.89 -7.66
C ASP C 206 26.30 9.80 -8.01
N CYS C 207 27.26 9.58 -7.10
CA CYS C 207 28.26 8.53 -7.24
C CYS C 207 28.16 7.53 -6.07
N ALA C 208 26.92 7.23 -5.68
CA ALA C 208 26.62 6.47 -4.47
C ALA C 208 27.14 5.02 -4.49
N ALA C 209 27.16 4.41 -5.66
CA ALA C 209 27.59 3.01 -5.80
C ALA C 209 29.09 2.82 -5.58
N LEU C 210 29.88 3.86 -5.87
CA LEU C 210 31.31 3.86 -5.55
C LEU C 210 31.52 3.95 -4.04
N ALA C 211 30.66 4.72 -3.39
CA ALA C 211 30.66 4.81 -1.93
C ALA C 211 30.18 3.50 -1.31
N THR C 212 29.20 2.87 -1.94
CA THR C 212 28.71 1.55 -1.54
C THR C 212 29.84 0.53 -1.63
N PHE C 213 30.60 0.59 -2.73
CA PHE C 213 31.75 -0.28 -2.94
C PHE C 213 32.84 -0.01 -1.89
N GLY C 214 33.03 1.25 -1.57
CA GLY C 214 33.99 1.67 -0.54
C GLY C 214 33.60 1.22 0.84
N HIS C 215 32.30 1.28 1.13
CA HIS C 215 31.74 0.86 2.41
C HIS C 215 31.95 -0.62 2.64
N LEU C 216 31.59 -1.43 1.65
CA LEU C 216 31.72 -2.88 1.72
C LEU C 216 33.17 -3.32 1.95
N CYS C 217 34.11 -2.58 1.38
CA CYS C 217 35.54 -2.83 1.55
C CYS C 217 36.01 -2.55 2.99
N LYS C 218 35.47 -1.48 3.58
CA LYS C 218 35.84 -1.07 4.94
C LYS C 218 35.22 -1.96 6.01
N ILE C 219 33.98 -2.40 5.78
CA ILE C 219 33.24 -3.21 6.75
C ILE C 219 33.74 -4.66 6.79
N THR C 220 34.00 -5.23 5.62
CA THR C 220 34.53 -6.61 5.53
C THR C 220 36.03 -6.64 5.80
N GLY C 221 36.71 -5.54 5.51
CA GLY C 221 38.16 -5.46 5.63
C GLY C 221 38.86 -6.19 4.51
N MET C 222 38.23 -6.19 3.33
CA MET C 222 38.77 -6.87 2.17
C MET C 222 39.10 -5.87 1.07
N SER C 223 40.10 -6.19 0.27
CA SER C 223 40.53 -5.33 -0.84
C SER C 223 39.46 -5.28 -1.94
N THR C 224 39.48 -4.21 -2.72
CA THR C 224 38.57 -4.03 -3.86
C THR C 224 38.57 -5.28 -4.75
N GLU C 225 39.74 -5.87 -4.91
CA GLU C 225 39.94 -7.09 -5.70
C GLU C 225 39.17 -8.27 -5.09
N ASP C 226 39.32 -8.48 -3.79
CA ASP C 226 38.70 -9.59 -3.09
C ASP C 226 37.17 -9.47 -2.98
N VAL C 227 36.69 -8.24 -2.86
CA VAL C 227 35.24 -7.98 -2.84
C VAL C 227 34.62 -8.34 -4.19
N THR C 228 35.33 -8.00 -5.27
CA THR C 228 34.88 -8.27 -6.64
C THR C 228 34.73 -9.77 -6.93
N THR C 229 35.60 -10.58 -6.32
CA THR C 229 35.54 -12.04 -6.48
C THR C 229 34.30 -12.64 -5.80
N TRP C 230 33.81 -11.96 -4.76
CA TRP C 230 32.64 -12.41 -4.00
C TRP C 230 31.29 -12.06 -4.63
N ILE C 231 31.34 -11.48 -5.83
CA ILE C 231 30.14 -11.20 -6.61
C ILE C 231 29.68 -12.50 -7.28
N LEU C 232 28.44 -12.90 -6.99
CA LEU C 232 27.89 -14.16 -7.47
C LEU C 232 26.67 -13.98 -8.36
N ASN C 233 26.39 -12.73 -8.74
CA ASN C 233 25.26 -12.40 -9.60
C ASN C 233 25.73 -11.68 -10.85
N ARG C 234 25.18 -12.08 -12.00
CA ARG C 234 25.60 -11.56 -13.30
C ARG C 234 25.29 -10.07 -13.50
N GLU C 235 24.13 -9.63 -13.02
CA GLU C 235 23.73 -8.22 -13.13
C GLU C 235 24.64 -7.31 -12.30
N VAL C 236 25.02 -7.78 -11.11
CA VAL C 236 25.97 -7.07 -10.25
C VAL C 236 27.32 -6.96 -10.96
N ALA C 237 27.71 -8.06 -11.61
CA ALA C 237 28.96 -8.12 -12.38
C ALA C 237 28.94 -7.14 -13.54
N ASP C 238 27.83 -7.08 -14.27
CA ASP C 238 27.64 -6.14 -15.37
C ASP C 238 27.78 -4.70 -14.92
N GLU C 239 27.21 -4.39 -13.76
CA GLU C 239 27.27 -3.06 -13.16
C GLU C 239 28.67 -2.69 -12.70
N MET C 240 29.41 -3.68 -12.20
CA MET C 240 30.78 -3.48 -11.74
C MET C 240 31.69 -3.09 -12.90
N VAL C 241 31.52 -3.75 -14.04
CA VAL C 241 32.26 -3.42 -15.26
C VAL C 241 31.94 -1.99 -15.71
N GLN C 242 30.67 -1.61 -15.60
CA GLN C 242 30.20 -0.26 -15.95
C GLN C 242 30.87 0.79 -15.05
N MET C 243 31.08 0.44 -13.79
CA MET C 243 31.72 1.34 -12.82
C MET C 243 33.24 1.40 -13.01
N MET C 244 33.82 0.31 -13.50
CA MET C 244 35.28 0.18 -13.58
C MET C 244 35.87 0.39 -14.98
N LEU C 245 35.11 1.04 -15.85
CA LEU C 245 35.57 1.39 -17.19
C LEU C 245 36.81 2.29 -17.10
N PRO C 246 37.90 1.93 -17.81
CA PRO C 246 39.20 2.62 -17.74
C PRO C 246 39.16 4.10 -18.13
N GLY C 247 40.16 4.84 -17.64
CA GLY C 247 40.40 6.23 -18.03
C GLY C 247 39.33 7.23 -17.63
N GLN C 248 38.75 7.05 -16.45
CA GLN C 248 37.74 7.98 -15.94
C GLN C 248 38.21 8.73 -14.70
N GLU C 249 39.44 8.42 -14.28
CA GLU C 249 40.11 9.09 -13.15
C GLU C 249 39.33 8.99 -11.83
N ILE C 250 38.73 7.82 -11.58
CA ILE C 250 37.93 7.60 -10.37
C ILE C 250 38.79 7.37 -9.13
N ASP C 251 40.07 7.07 -9.34
CA ASP C 251 41.04 6.92 -8.26
C ASP C 251 41.86 8.19 -8.06
N LYS C 252 41.79 9.09 -9.04
CA LYS C 252 42.48 10.38 -8.99
C LYS C 252 41.81 11.34 -8.00
N ALA C 253 42.54 11.70 -6.96
CA ALA C 253 42.04 12.60 -5.92
C ALA C 253 41.69 13.97 -6.48
N ASP C 254 42.61 14.54 -7.25
CA ASP C 254 42.43 15.85 -7.85
C ASP C 254 42.08 15.73 -9.33
N SER C 255 40.77 15.76 -9.61
CA SER C 255 40.26 15.58 -10.96
C SER C 255 38.93 16.32 -11.12
N TYR C 256 38.50 16.52 -12.36
CA TYR C 256 37.16 17.01 -12.64
C TYR C 256 36.12 15.91 -12.39
N MET C 257 36.63 14.69 -12.22
CA MET C 257 35.82 13.47 -12.04
C MET C 257 34.75 13.52 -10.94
N PRO C 258 35.11 13.89 -9.69
CA PRO C 258 34.11 13.86 -8.62
C PRO C 258 32.91 14.78 -8.86
N TYR C 259 33.14 15.90 -9.55
CA TYR C 259 32.10 16.89 -9.80
C TYR C 259 31.53 16.70 -11.20
N LEU C 260 31.08 15.48 -11.48
CA LEU C 260 30.48 15.09 -12.75
C LEU C 260 29.21 15.87 -13.08
N ILE C 261 28.30 15.89 -12.13
CA ILE C 261 26.96 16.42 -12.33
C ILE C 261 26.94 17.95 -12.32
N ASP C 262 27.60 18.54 -11.33
CA ASP C 262 27.60 19.99 -11.15
C ASP C 262 28.35 20.76 -12.23
N PHE C 263 29.38 20.14 -12.82
CA PHE C 263 30.13 20.75 -13.91
C PHE C 263 29.47 20.56 -15.27
N GLY C 264 28.45 19.70 -15.32
CA GLY C 264 27.72 19.41 -16.56
C GLY C 264 28.48 18.46 -17.47
N LEU C 265 29.33 17.63 -16.88
CA LEU C 265 30.13 16.66 -17.64
C LEU C 265 29.31 15.43 -18.04
N SER C 266 28.31 15.10 -17.22
CA SER C 266 27.42 13.97 -17.46
C SER C 266 26.02 14.25 -16.94
N SER C 267 25.02 13.85 -17.71
CA SER C 267 23.63 13.98 -17.29
C SER C 267 23.14 12.70 -16.60
N LYS C 268 23.82 11.59 -16.87
CA LYS C 268 23.51 10.32 -16.22
C LYS C 268 24.79 9.68 -15.71
N SER C 269 24.99 9.75 -14.40
CA SER C 269 26.20 9.23 -13.76
C SER C 269 26.24 7.71 -13.79
N PRO C 270 27.38 7.13 -14.21
CA PRO C 270 27.57 5.68 -14.23
C PRO C 270 27.85 5.08 -12.85
N TYR C 271 27.96 5.93 -11.84
CA TYR C 271 28.36 5.50 -10.50
C TYR C 271 27.23 5.66 -9.48
N SER C 272 26.04 5.97 -9.97
CA SER C 272 24.87 6.17 -9.12
C SER C 272 24.27 4.86 -8.65
N SER C 273 23.53 4.92 -7.54
CA SER C 273 22.81 3.78 -7.01
C SER C 273 21.64 3.38 -7.92
N VAL C 274 21.08 4.38 -8.60
CA VAL C 274 19.94 4.19 -9.51
C VAL C 274 20.34 3.35 -10.72
N LYS C 275 21.57 3.57 -11.20
CA LYS C 275 22.07 2.89 -12.40
C LYS C 275 22.81 1.60 -12.05
N ASN C 276 23.15 1.44 -10.78
CA ASN C 276 23.80 0.24 -10.28
C ASN C 276 23.01 -0.36 -9.09
N PRO C 277 21.72 -0.69 -9.31
CA PRO C 277 20.83 -1.03 -8.19
C PRO C 277 21.08 -2.41 -7.58
N ALA C 278 21.52 -3.37 -8.38
CA ALA C 278 21.80 -4.72 -7.90
C ALA C 278 23.04 -4.74 -7.00
N PHE C 279 24.08 -4.02 -7.41
CA PHE C 279 25.27 -3.86 -6.59
C PHE C 279 24.95 -3.12 -5.31
N HIS C 280 24.09 -2.10 -5.43
CA HIS C 280 23.69 -1.28 -4.29
C HIS C 280 22.93 -2.09 -3.23
N PHE C 281 21.90 -2.82 -3.67
CA PHE C 281 21.12 -3.66 -2.78
C PHE C 281 22.00 -4.70 -2.09
N TRP C 282 22.69 -5.49 -2.91
CA TRP C 282 23.56 -6.57 -2.42
C TRP C 282 24.70 -6.05 -1.56
N GLY C 283 25.34 -4.97 -2.00
CA GLY C 283 26.45 -4.36 -1.26
C GLY C 283 26.02 -3.82 0.10
N GLN C 284 24.90 -3.10 0.12
CA GLN C 284 24.37 -2.52 1.36
C GLN C 284 23.76 -3.57 2.29
N LEU C 285 23.15 -4.61 1.72
CA LEU C 285 22.59 -5.70 2.51
C LEU C 285 23.69 -6.49 3.22
N THR C 286 24.74 -6.84 2.48
CA THR C 286 25.90 -7.54 3.04
C THR C 286 26.54 -6.73 4.16
N ALA C 287 26.69 -5.42 3.92
CA ALA C 287 27.23 -4.50 4.92
C ALA C 287 26.40 -4.48 6.19
N LEU C 288 25.08 -4.46 6.04
CA LEU C 288 24.15 -4.42 7.17
C LEU C 288 24.24 -5.67 8.05
N LEU C 289 24.34 -6.83 7.41
CA LEU C 289 24.49 -8.10 8.12
C LEU C 289 25.82 -8.15 8.88
N LEU C 290 26.76 -7.32 8.44
CA LEU C 290 28.08 -7.21 9.05
C LEU C 290 28.21 -5.98 9.95
N ARG C 291 27.08 -5.55 10.51
CA ARG C 291 27.01 -4.53 11.57
C ARG C 291 27.22 -3.08 11.12
N SER C 292 26.88 -2.77 9.87
CA SER C 292 26.90 -1.39 9.40
C SER C 292 25.76 -0.61 10.02
N THR C 293 26.08 0.56 10.58
CA THR C 293 25.08 1.40 11.24
C THR C 293 24.38 2.33 10.26
N ARG C 294 24.93 2.46 9.06
CA ARG C 294 24.40 3.35 8.02
C ARG C 294 23.55 2.61 6.99
N ALA C 295 23.82 1.32 6.81
CA ALA C 295 23.19 0.52 5.76
C ALA C 295 21.67 0.33 5.96
N ARG C 296 21.21 0.46 7.20
CA ARG C 296 19.80 0.27 7.53
C ARG C 296 18.87 1.37 6.99
N ASN C 297 19.46 2.45 6.51
CA ASN C 297 18.69 3.56 5.94
C ASN C 297 18.90 3.71 4.43
N ALA C 298 19.71 2.84 3.85
CA ALA C 298 19.96 2.84 2.41
C ALA C 298 18.69 2.51 1.64
N ARG C 299 18.45 3.27 0.58
CA ARG C 299 17.27 3.12 -0.27
C ARG C 299 17.21 1.74 -0.94
N GLN C 300 16.07 1.08 -0.82
CA GLN C 300 15.86 -0.21 -1.47
C GLN C 300 15.44 0.00 -2.93
N PRO C 301 16.27 -0.47 -3.87
CA PRO C 301 16.01 -0.31 -5.30
C PRO C 301 14.80 -1.12 -5.77
N ASP C 302 14.26 -0.75 -6.93
CA ASP C 302 13.14 -1.43 -7.55
C ASP C 302 13.62 -2.25 -8.74
N ASP C 303 12.85 -3.27 -9.11
CA ASP C 303 13.11 -4.10 -10.29
C ASP C 303 14.48 -4.78 -10.30
N ILE C 304 14.76 -5.49 -9.21
CA ILE C 304 15.99 -6.28 -9.08
C ILE C 304 15.68 -7.64 -8.47
N GLU C 305 16.59 -8.60 -8.65
CA GLU C 305 16.41 -9.96 -8.16
C GLU C 305 16.70 -10.06 -6.67
N TYR C 306 15.76 -9.62 -5.84
CA TYR C 306 15.92 -9.62 -4.38
C TYR C 306 16.31 -11.00 -3.85
N THR C 307 15.64 -12.04 -4.33
CA THR C 307 15.85 -13.42 -3.89
C THR C 307 17.28 -13.92 -4.10
N SER C 308 17.82 -13.69 -5.29
CA SER C 308 19.18 -14.12 -5.64
C SER C 308 20.23 -13.30 -4.89
N LEU C 309 20.04 -11.97 -4.91
CA LEU C 309 20.97 -11.03 -4.30
C LEU C 309 21.04 -11.18 -2.77
N THR C 310 19.90 -11.55 -2.17
CA THR C 310 19.83 -11.80 -0.73
C THR C 310 20.64 -13.03 -0.32
N THR C 311 20.51 -14.11 -1.11
CA THR C 311 21.25 -15.34 -0.87
C THR C 311 22.76 -15.13 -1.05
N ALA C 312 23.12 -14.33 -2.05
CA ALA C 312 24.53 -14.00 -2.31
C ALA C 312 25.14 -13.14 -1.22
N GLY C 313 24.35 -12.20 -0.69
CA GLY C 313 24.78 -11.35 0.40
C GLY C 313 24.94 -12.10 1.71
N LEU C 314 24.03 -13.06 1.93
CA LEU C 314 24.03 -13.88 3.13
C LEU C 314 25.24 -14.82 3.19
N LEU C 315 25.55 -15.48 2.09
CA LEU C 315 26.71 -16.37 2.00
C LEU C 315 28.00 -15.60 2.23
N TYR C 316 28.06 -14.39 1.65
CA TYR C 316 29.22 -13.51 1.78
C TYR C 316 29.37 -12.99 3.21
N ALA C 317 28.29 -12.43 3.77
CA ALA C 317 28.32 -11.92 5.14
C ALA C 317 28.58 -13.02 6.16
N TYR C 318 28.04 -14.21 5.90
CA TYR C 318 28.24 -15.38 6.75
C TYR C 318 29.70 -15.86 6.69
N ALA C 319 30.34 -15.68 5.54
CA ALA C 319 31.75 -16.05 5.37
C ALA C 319 32.66 -15.11 6.14
N VAL C 320 32.42 -13.81 6.00
CA VAL C 320 33.17 -12.77 6.73
C VAL C 320 32.91 -12.91 8.24
N GLY C 321 31.66 -13.15 8.60
CA GLY C 321 31.26 -13.33 9.99
C GLY C 321 31.87 -14.55 10.66
N SER C 322 31.96 -15.65 9.91
CA SER C 322 32.52 -16.90 10.43
C SER C 322 34.05 -16.88 10.46
N SER C 323 34.66 -16.31 9.43
CA SER C 323 36.11 -16.24 9.32
C SER C 323 36.64 -14.88 9.78
N ALA C 324 36.95 -14.79 11.08
CA ALA C 324 37.51 -13.56 11.65
C ALA C 324 38.98 -13.37 11.26
N ASP C 325 39.65 -14.49 10.99
CA ASP C 325 41.06 -14.52 10.56
C ASP C 325 42.02 -13.84 11.54
N LEU C 326 41.86 -14.20 12.81
CA LEU C 326 42.69 -13.67 13.89
C LEU C 326 44.09 -14.27 13.86
N ALA C 327 45.10 -13.40 13.77
CA ALA C 327 46.50 -13.83 13.75
C ALA C 327 47.35 -12.93 14.64
N GLN C 328 48.42 -13.49 15.19
CA GLN C 328 49.35 -12.75 16.02
C GLN C 328 50.04 -11.65 15.22
N GLN C 329 49.98 -10.42 15.75
CA GLN C 329 50.55 -9.25 15.06
C GLN C 329 51.87 -8.81 15.68
N PHE C 330 52.00 -9.00 16.99
CA PHE C 330 53.23 -8.67 17.71
C PHE C 330 53.66 -9.83 18.61
N CYS C 331 54.95 -10.16 18.55
CA CYS C 331 55.51 -11.19 19.42
C CYS C 331 56.58 -10.59 20.33
N VAL C 332 56.71 -11.14 21.54
CA VAL C 332 57.68 -10.65 22.51
C VAL C 332 58.96 -11.51 22.50
N GLY C 333 59.50 -11.72 21.31
CA GLY C 333 60.74 -12.47 21.11
C GLY C 333 60.59 -13.97 21.32
N ASP C 334 60.92 -14.73 20.28
CA ASP C 334 60.89 -16.21 20.32
C ASP C 334 59.49 -16.83 20.39
N ASN C 335 58.71 -16.40 21.38
CA ASN C 335 57.35 -16.91 21.58
C ASN C 335 56.39 -16.43 20.49
N LYS C 336 56.24 -17.26 19.46
CA LYS C 336 55.36 -16.95 18.34
C LYS C 336 54.26 -17.99 18.22
N TYR C 337 53.26 -17.70 17.38
CA TYR C 337 52.19 -18.65 17.10
C TYR C 337 52.13 -18.98 15.61
N THR C 338 52.25 -20.26 15.28
CA THR C 338 52.16 -20.72 13.90
C THR C 338 50.88 -21.54 13.73
N PRO C 339 49.97 -21.09 12.84
CA PRO C 339 48.64 -21.68 12.67
C PRO C 339 48.61 -22.98 11.86
N ASP C 340 49.77 -23.63 11.70
CA ASP C 340 49.88 -24.82 10.86
C ASP C 340 49.04 -26.00 11.37
N ASP C 341 49.07 -26.24 12.68
CA ASP C 341 48.24 -27.26 13.31
C ASP C 341 46.77 -26.99 13.02
N SER C 342 46.06 -28.03 12.56
CA SER C 342 44.65 -27.95 12.17
C SER C 342 44.39 -27.03 10.96
N THR C 343 44.09 -27.64 9.83
CA THR C 343 43.74 -26.93 8.61
C THR C 343 42.37 -27.41 8.10
N GLY C 344 41.94 -28.57 8.61
CA GLY C 344 40.64 -29.16 8.26
C GLY C 344 39.87 -29.60 9.49
N GLY C 345 38.54 -29.57 9.40
CA GLY C 345 37.68 -29.87 10.54
C GLY C 345 36.70 -31.02 10.35
N LEU C 346 35.45 -30.79 10.71
CA LEU C 346 34.43 -31.83 10.76
C LEU C 346 33.48 -31.81 9.55
N THR C 347 33.44 -32.93 8.83
CA THR C 347 32.43 -33.22 7.80
C THR C 347 32.42 -32.32 6.55
N THR C 348 31.51 -32.64 5.64
CA THR C 348 31.19 -31.82 4.48
C THR C 348 30.37 -30.61 4.94
N ASN C 349 30.06 -30.59 6.24
CA ASN C 349 29.15 -29.62 6.85
C ASN C 349 29.86 -28.41 7.48
N ALA C 350 31.15 -28.56 7.82
CA ALA C 350 31.91 -27.46 8.39
C ALA C 350 32.31 -26.44 7.33
N PRO C 351 31.97 -25.15 7.58
CA PRO C 351 32.33 -24.05 6.69
C PRO C 351 33.85 -23.87 6.56
N PRO C 352 34.33 -23.38 5.40
CA PRO C 352 35.76 -23.16 5.17
C PRO C 352 36.41 -22.23 6.20
N GLN C 353 37.71 -22.40 6.41
CA GLN C 353 38.46 -21.58 7.36
C GLN C 353 38.65 -20.14 6.90
N GLY C 354 39.07 -19.96 5.66
CA GLY C 354 39.37 -18.64 5.11
C GLY C 354 38.15 -17.95 4.52
N ARG C 355 38.40 -17.08 3.55
CA ARG C 355 37.33 -16.34 2.87
C ARG C 355 37.38 -16.53 1.36
N ASP C 356 38.05 -17.58 0.90
CA ASP C 356 38.12 -17.91 -0.52
C ASP C 356 36.72 -18.17 -1.06
N VAL C 357 36.34 -17.42 -2.10
CA VAL C 357 35.00 -17.53 -2.69
C VAL C 357 34.74 -18.91 -3.30
N VAL C 358 35.78 -19.50 -3.89
CA VAL C 358 35.69 -20.80 -4.54
C VAL C 358 35.48 -21.92 -3.50
N GLU C 359 36.07 -21.76 -2.33
CA GLU C 359 35.91 -22.73 -1.23
C GLU C 359 34.50 -22.69 -0.65
N TRP C 360 33.94 -21.49 -0.52
CA TRP C 360 32.59 -21.33 0.01
C TRP C 360 31.52 -21.70 -1.03
N LEU C 361 31.82 -21.45 -2.31
CA LEU C 361 30.94 -21.88 -3.39
C LEU C 361 30.82 -23.40 -3.45
N GLY C 362 31.94 -24.08 -3.17
CA GLY C 362 31.98 -25.54 -3.08
C GLY C 362 31.21 -26.06 -1.88
N TRP C 363 31.41 -25.40 -0.74
CA TRP C 363 30.69 -25.73 0.49
C TRP C 363 29.19 -25.49 0.34
N PHE C 364 28.84 -24.38 -0.31
CA PHE C 364 27.44 -24.03 -0.55
C PHE C 364 26.73 -25.07 -1.42
N GLU C 365 27.46 -25.62 -2.39
CA GLU C 365 26.94 -26.68 -3.25
C GLU C 365 26.58 -27.94 -2.45
N ASP C 366 27.42 -28.28 -1.48
CA ASP C 366 27.24 -29.48 -0.66
C ASP C 366 26.14 -29.34 0.38
N GLN C 367 25.72 -28.10 0.64
CA GLN C 367 24.59 -27.82 1.52
C GLN C 367 23.30 -27.69 0.72
N ASN C 368 23.31 -28.26 -0.50
CA ASN C 368 22.16 -28.26 -1.42
C ASN C 368 21.78 -26.88 -1.99
N ARG C 369 22.69 -25.92 -1.86
CA ARG C 369 22.47 -24.52 -2.30
C ARG C 369 21.33 -23.82 -1.54
N LYS C 370 21.03 -24.33 -0.34
CA LYS C 370 20.01 -23.76 0.53
C LYS C 370 20.70 -23.26 1.80
N PRO C 371 20.39 -22.01 2.23
CA PRO C 371 20.98 -21.49 3.46
C PRO C 371 20.68 -22.38 4.64
N THR C 372 21.72 -22.73 5.40
CA THR C 372 21.60 -23.63 6.55
C THR C 372 20.92 -22.95 7.74
N PRO C 373 20.37 -23.75 8.68
CA PRO C 373 19.77 -23.20 9.90
C PRO C 373 20.68 -22.19 10.61
N ASP C 374 21.96 -22.52 10.74
CA ASP C 374 22.94 -21.64 11.37
C ASP C 374 23.19 -20.39 10.54
N MET C 375 23.19 -20.57 9.21
CA MET C 375 23.34 -19.48 8.25
C MET C 375 22.17 -18.51 8.34
N MET C 376 20.98 -19.05 8.59
CA MET C 376 19.78 -18.26 8.79
C MET C 376 19.73 -17.64 10.18
N GLN C 377 20.37 -18.30 11.14
CA GLN C 377 20.45 -17.79 12.52
C GLN C 377 21.41 -16.61 12.64
N TYR C 378 22.51 -16.65 11.89
CA TYR C 378 23.46 -15.55 11.86
C TYR C 378 22.79 -14.25 11.41
N ALA C 379 21.94 -14.37 10.39
CA ALA C 379 21.22 -13.23 9.83
C ALA C 379 20.12 -12.71 10.75
N LYS C 380 19.47 -13.63 11.48
CA LYS C 380 18.41 -13.27 12.43
C LYS C 380 18.95 -12.44 13.57
N ARG C 381 20.09 -12.87 14.13
CA ARG C 381 20.75 -12.17 15.24
C ARG C 381 21.28 -10.81 14.78
N ALA C 382 21.58 -10.71 13.49
CA ALA C 382 22.13 -9.48 12.91
C ALA C 382 21.05 -8.43 12.58
N VAL C 383 19.79 -8.85 12.54
CA VAL C 383 18.69 -7.95 12.18
C VAL C 383 17.74 -7.60 13.33
N MET C 384 17.43 -8.59 14.19
CA MET C 384 16.64 -8.31 15.39
C MET C 384 17.42 -7.31 16.25
N SER C 385 16.70 -6.50 17.02
CA SER C 385 17.28 -5.41 17.80
C SER C 385 17.39 -4.10 17.00
N LEU C 386 17.27 -4.20 15.67
CA LEU C 386 17.12 -3.00 14.83
C LEU C 386 15.75 -2.40 15.09
N GLN C 387 15.75 -1.16 15.56
CA GLN C 387 14.51 -0.47 15.93
C GLN C 387 14.32 0.83 15.15
N GLY C 388 13.08 1.08 14.73
CA GLY C 388 12.72 2.32 14.02
C GLY C 388 13.27 2.40 12.62
N LEU C 389 12.81 1.51 11.74
CA LEU C 389 13.23 1.48 10.35
C LEU C 389 12.15 2.05 9.44
N ARG C 390 12.57 2.84 8.44
CA ARG C 390 11.65 3.42 7.46
C ARG C 390 11.21 2.38 6.44
N GLU C 391 10.17 2.71 5.67
CA GLU C 391 9.72 1.85 4.57
C GLU C 391 10.63 1.99 3.36
N LYS C 392 10.77 0.90 2.61
CA LYS C 392 11.62 0.84 1.40
C LYS C 392 13.10 1.13 1.67
N THR C 393 13.57 0.76 2.85
CA THR C 393 14.97 0.85 3.22
C THR C 393 15.55 -0.56 3.36
N ILE C 394 16.86 -0.68 3.15
CA ILE C 394 17.55 -1.97 3.24
C ILE C 394 17.35 -2.62 4.62
N GLY C 395 17.36 -1.80 5.66
CA GLY C 395 17.16 -2.26 7.04
C GLY C 395 15.81 -2.90 7.29
N LYS C 396 14.76 -2.28 6.76
CA LYS C 396 13.41 -2.80 6.85
C LYS C 396 13.30 -4.14 6.12
N TYR C 397 13.88 -4.20 4.91
CA TYR C 397 13.90 -5.41 4.11
C TYR C 397 14.58 -6.56 4.86
N ALA C 398 15.77 -6.28 5.40
CA ALA C 398 16.59 -7.29 6.08
C ALA C 398 15.94 -7.85 7.34
N LYS C 399 15.29 -7.00 8.12
CA LYS C 399 14.58 -7.44 9.32
C LYS C 399 13.34 -8.25 8.95
N SER C 400 12.57 -7.75 7.98
CA SER C 400 11.37 -8.43 7.50
C SER C 400 11.69 -9.78 6.85
N GLU C 401 12.89 -9.89 6.27
CA GLU C 401 13.35 -11.12 5.63
C GLU C 401 13.88 -12.16 6.62
N PHE C 402 14.66 -11.71 7.61
CA PHE C 402 15.40 -12.62 8.48
C PHE C 402 14.89 -12.78 9.92
N ASP C 403 13.96 -11.92 10.34
CA ASP C 403 13.49 -11.95 11.74
C ASP C 403 12.31 -12.91 11.96
N LYS C 404 12.51 -14.17 11.59
CA LYS C 404 11.56 -15.26 11.86
C LYS C 404 12.20 -16.59 11.49
N GLY D 1 -43.49 -21.49 -10.71
CA GLY D 1 -43.82 -21.87 -9.30
C GLY D 1 -45.18 -22.50 -9.16
N ALA D 2 -46.04 -21.87 -8.36
CA ALA D 2 -47.39 -22.37 -8.11
C ALA D 2 -48.44 -21.27 -7.94
N MET D 3 -48.18 -20.33 -7.02
CA MET D 3 -49.17 -19.31 -6.64
C MET D 3 -49.05 -18.03 -7.46
N GLU D 4 -48.28 -17.06 -6.95
CA GLU D 4 -47.97 -15.83 -7.67
C GLU D 4 -46.61 -16.00 -8.34
N ASP D 5 -45.97 -17.13 -8.02
CA ASP D 5 -44.62 -17.45 -8.44
C ASP D 5 -44.46 -17.87 -9.91
N PRO D 6 -45.51 -18.43 -10.55
CA PRO D 6 -45.41 -18.82 -11.96
C PRO D 6 -44.56 -17.86 -12.78
N VAL D 7 -43.41 -18.37 -13.24
CA VAL D 7 -42.45 -17.57 -14.00
C VAL D 7 -43.03 -17.18 -15.36
N GLU D 8 -42.65 -16.01 -15.84
CA GLU D 8 -43.06 -15.53 -17.15
C GLU D 8 -41.85 -15.38 -18.05
N TYR D 9 -41.82 -16.16 -19.12
CA TYR D 9 -40.72 -16.12 -20.08
C TYR D 9 -40.93 -15.00 -21.11
N PRO D 10 -39.87 -14.25 -21.43
CA PRO D 10 -39.93 -13.16 -22.41
C PRO D 10 -40.48 -13.59 -23.77
N ALA D 11 -40.26 -14.85 -24.15
CA ALA D 11 -40.76 -15.37 -25.43
C ALA D 11 -42.29 -15.45 -25.47
N ASP D 12 -42.89 -15.82 -24.35
CA ASP D 12 -44.34 -15.99 -24.25
C ASP D 12 -45.09 -14.66 -24.34
N TYR D 13 -44.38 -13.55 -24.14
CA TYR D 13 -44.95 -12.22 -24.24
C TYR D 13 -45.30 -11.85 -25.67
N PHE D 14 -44.38 -12.14 -26.59
CA PHE D 14 -44.51 -11.73 -28.00
C PHE D 14 -45.50 -12.56 -28.80
N ARG D 15 -45.99 -13.64 -28.19
CA ARG D 15 -47.05 -14.44 -28.78
C ARG D 15 -48.41 -13.76 -28.55
N LYS D 16 -48.48 -12.93 -27.50
CA LYS D 16 -49.68 -12.19 -27.17
C LYS D 16 -49.74 -10.85 -27.92
N SER D 17 -48.66 -10.10 -27.87
CA SER D 17 -48.59 -8.78 -28.49
C SER D 17 -47.32 -8.62 -29.34
N LYS D 18 -47.44 -7.88 -30.44
CA LYS D 18 -46.31 -7.64 -31.33
C LYS D 18 -45.68 -6.26 -31.12
N GLU D 19 -46.08 -5.59 -30.04
CA GLU D 19 -45.55 -4.26 -29.72
C GLU D 19 -45.45 -3.97 -28.22
N ILE D 20 -44.38 -3.30 -27.83
CA ILE D 20 -44.21 -2.81 -26.47
C ILE D 20 -44.71 -1.36 -26.44
N PRO D 21 -45.82 -1.11 -25.70
CA PRO D 21 -46.43 0.22 -25.71
C PRO D 21 -45.81 1.20 -24.72
N LEU D 22 -45.26 2.29 -25.24
CA LEU D 22 -44.75 3.38 -24.42
C LEU D 22 -45.76 4.52 -24.40
N TYR D 23 -46.42 4.69 -23.27
CA TYR D 23 -47.42 5.74 -23.14
C TYR D 23 -46.76 7.09 -22.87
N ILE D 24 -46.42 7.78 -23.95
CA ILE D 24 -45.92 9.14 -23.85
C ILE D 24 -47.11 10.10 -23.84
N ASN D 25 -47.35 10.70 -22.68
CA ASN D 25 -48.54 11.53 -22.48
C ASN D 25 -48.30 13.00 -22.74
N THR D 26 -49.22 13.60 -23.49
CA THR D 26 -49.31 15.05 -23.73
C THR D 26 -48.19 15.60 -24.62
N THR D 27 -48.56 16.54 -25.49
CA THR D 27 -47.61 17.29 -26.29
C THR D 27 -47.66 18.76 -25.89
N LYS D 28 -46.76 19.14 -24.99
CA LYS D 28 -46.64 20.53 -24.56
C LYS D 28 -45.41 21.20 -25.17
N SER D 29 -44.75 20.49 -26.09
CA SER D 29 -43.55 20.98 -26.79
C SER D 29 -42.29 20.92 -25.92
N LEU D 30 -41.16 20.75 -26.58
CA LEU D 30 -39.86 20.56 -25.91
C LEU D 30 -39.44 21.76 -25.05
N SER D 31 -39.71 22.97 -25.53
CA SER D 31 -39.30 24.19 -24.83
C SER D 31 -40.01 24.39 -23.50
N ASP D 32 -41.32 24.11 -23.48
CA ASP D 32 -42.12 24.21 -22.26
C ASP D 32 -41.74 23.13 -21.24
N LEU D 33 -41.58 21.90 -21.73
CA LEU D 33 -41.26 20.74 -20.90
C LEU D 33 -39.89 20.84 -20.24
N ARG D 34 -38.96 21.50 -20.93
CA ARG D 34 -37.60 21.72 -20.41
C ARG D 34 -37.63 22.58 -19.16
N GLY D 35 -38.41 23.66 -19.21
CA GLY D 35 -38.58 24.57 -18.07
C GLY D 35 -39.18 23.89 -16.86
N TYR D 36 -40.16 23.02 -17.09
CA TYR D 36 -40.79 22.23 -16.03
C TYR D 36 -39.79 21.32 -15.31
N VAL D 37 -39.10 20.50 -16.09
CA VAL D 37 -38.15 19.53 -15.56
C VAL D 37 -36.95 20.20 -14.91
N TYR D 38 -36.43 21.25 -15.55
CA TYR D 38 -35.27 21.98 -15.03
C TYR D 38 -35.52 22.61 -13.67
N GLN D 39 -36.62 23.36 -13.54
CA GLN D 39 -36.97 24.00 -12.28
C GLN D 39 -37.52 23.00 -11.26
N GLY D 40 -38.28 22.02 -11.73
CA GLY D 40 -38.83 20.98 -10.86
C GLY D 40 -37.75 20.25 -10.07
N LEU D 41 -36.62 20.04 -10.71
CA LEU D 41 -35.45 19.42 -10.07
C LEU D 41 -34.81 20.38 -9.07
N LYS D 42 -34.59 21.63 -9.48
CA LYS D 42 -34.08 22.68 -8.60
C LYS D 42 -34.93 22.85 -7.36
N SER D 43 -36.25 22.84 -7.54
CA SER D 43 -37.22 23.00 -6.46
C SER D 43 -37.30 21.77 -5.56
N GLY D 44 -37.15 20.59 -6.15
CA GLY D 44 -37.22 19.34 -5.39
C GLY D 44 -38.52 18.57 -5.59
N ASN D 45 -39.34 19.02 -6.54
CA ASN D 45 -40.53 18.28 -6.94
C ASN D 45 -40.88 18.46 -8.41
N VAL D 46 -40.87 17.34 -9.14
CA VAL D 46 -41.19 17.34 -10.56
C VAL D 46 -42.07 16.12 -10.90
N SER D 47 -43.06 16.36 -11.77
CA SER D 47 -43.95 15.30 -12.22
C SER D 47 -43.23 14.35 -13.17
N ILE D 48 -43.40 13.06 -12.94
CA ILE D 48 -42.79 12.03 -13.79
C ILE D 48 -43.35 12.06 -15.22
N ILE D 49 -44.62 12.45 -15.35
CA ILE D 49 -45.27 12.62 -16.65
C ILE D 49 -44.51 13.66 -17.49
N HIS D 50 -44.06 14.73 -16.84
CA HIS D 50 -43.22 15.75 -17.47
C HIS D 50 -41.84 15.19 -17.82
N VAL D 51 -41.23 14.49 -16.87
CA VAL D 51 -39.90 13.90 -17.05
C VAL D 51 -39.89 12.91 -18.20
N ASN D 52 -40.94 12.07 -18.27
CA ASN D 52 -41.12 11.13 -19.37
C ASN D 52 -41.28 11.85 -20.71
N SER D 53 -42.15 12.86 -20.73
CA SER D 53 -42.44 13.63 -21.94
C SER D 53 -41.23 14.40 -22.46
N TYR D 54 -40.43 14.96 -21.54
CA TYR D 54 -39.20 15.65 -21.90
C TYR D 54 -38.17 14.68 -22.46
N LEU D 55 -37.98 13.56 -21.77
CA LEU D 55 -37.03 12.53 -22.18
C LEU D 55 -37.32 12.00 -23.57
N TYR D 56 -38.60 11.94 -23.93
CA TYR D 56 -39.01 11.54 -25.28
C TYR D 56 -38.62 12.61 -26.30
N GLY D 57 -38.99 13.85 -26.02
CA GLY D 57 -38.76 14.97 -26.93
C GLY D 57 -37.29 15.28 -27.20
N ALA D 58 -36.43 14.99 -26.22
CA ALA D 58 -35.01 15.25 -26.34
C ALA D 58 -34.24 14.10 -27.00
N LEU D 59 -34.78 12.88 -26.88
CA LEU D 59 -34.08 11.68 -27.34
C LEU D 59 -34.58 11.13 -28.69
N LYS D 60 -35.16 11.99 -29.51
CA LYS D 60 -35.59 11.59 -30.85
C LYS D 60 -34.49 11.78 -31.89
N ASP D 61 -33.26 11.48 -31.49
CA ASP D 61 -32.14 11.44 -32.43
C ASP D 61 -32.26 10.17 -33.29
N ILE D 62 -32.90 10.32 -34.44
CA ILE D 62 -33.04 9.22 -35.39
C ILE D 62 -31.69 9.04 -36.09
N ARG D 63 -30.65 8.88 -35.27
CA ARG D 63 -29.29 8.65 -35.72
C ARG D 63 -28.94 7.20 -35.47
N GLY D 64 -27.81 6.76 -36.02
CA GLY D 64 -27.39 5.38 -35.90
C GLY D 64 -27.87 4.56 -37.07
N LYS D 65 -26.96 4.31 -38.01
CA LYS D 65 -27.24 3.48 -39.17
C LYS D 65 -26.90 2.03 -38.84
N LEU D 66 -27.83 1.13 -39.17
CA LEU D 66 -27.72 -0.27 -38.81
C LEU D 66 -26.70 -1.00 -39.69
N ASP D 67 -25.97 -1.93 -39.07
CA ASP D 67 -24.91 -2.68 -39.75
C ASP D 67 -25.46 -3.97 -40.36
N LYS D 68 -26.19 -4.72 -39.52
CA LYS D 68 -26.85 -5.94 -39.95
C LYS D 68 -28.32 -5.89 -39.54
N ASP D 69 -29.10 -6.90 -39.97
CA ASP D 69 -30.51 -7.00 -39.62
C ASP D 69 -30.70 -7.19 -38.11
N TRP D 70 -31.68 -6.49 -37.54
CA TRP D 70 -31.96 -6.57 -36.11
C TRP D 70 -33.35 -7.16 -35.89
N SER D 71 -33.38 -8.35 -35.28
CA SER D 71 -34.64 -9.02 -34.94
C SER D 71 -34.52 -9.74 -33.60
N SER D 72 -35.57 -9.60 -32.79
CA SER D 72 -35.65 -10.29 -31.50
C SER D 72 -37.07 -10.80 -31.29
N PHE D 73 -37.20 -12.11 -31.10
CA PHE D 73 -38.47 -12.82 -30.94
C PHE D 73 -39.43 -12.58 -32.12
N GLY D 74 -38.88 -12.54 -33.33
CA GLY D 74 -39.66 -12.36 -34.55
C GLY D 74 -40.14 -10.94 -34.81
N ILE D 75 -39.61 -9.99 -34.04
CA ILE D 75 -39.92 -8.58 -34.26
C ILE D 75 -38.79 -7.93 -35.03
N ASN D 76 -39.02 -7.67 -36.32
CA ASN D 76 -38.00 -7.08 -37.18
C ASN D 76 -37.88 -5.57 -36.96
N ILE D 77 -36.93 -5.20 -36.08
CA ILE D 77 -36.70 -3.82 -35.70
C ILE D 77 -36.06 -3.03 -36.84
N GLY D 78 -35.23 -3.72 -37.62
CA GLY D 78 -34.56 -3.10 -38.77
C GLY D 78 -33.89 -4.11 -39.68
N LYS D 79 -33.63 -3.70 -40.92
CA LYS D 79 -32.98 -4.55 -41.91
C LYS D 79 -31.77 -3.86 -42.54
N ALA D 80 -30.65 -4.58 -42.59
CA ALA D 80 -29.42 -4.13 -43.24
C ALA D 80 -29.07 -2.67 -42.97
N GLY D 81 -29.25 -1.81 -43.97
CA GLY D 81 -28.87 -0.40 -43.87
C GLY D 81 -30.01 0.55 -43.57
N ASP D 82 -30.79 0.22 -42.55
CA ASP D 82 -31.87 1.10 -42.07
C ASP D 82 -31.35 2.09 -41.03
N THR D 83 -32.06 3.21 -40.90
CA THR D 83 -31.74 4.22 -39.90
C THR D 83 -32.87 4.27 -38.86
N ILE D 84 -32.57 3.79 -37.65
CA ILE D 84 -33.58 3.70 -36.60
C ILE D 84 -33.31 4.65 -35.43
N GLY D 85 -34.36 4.98 -34.69
CA GLY D 85 -34.26 5.79 -33.48
C GLY D 85 -34.47 4.95 -32.24
N ILE D 86 -34.31 5.59 -31.08
CA ILE D 86 -34.46 4.91 -29.78
C ILE D 86 -35.86 4.34 -29.59
N PHE D 87 -36.88 5.10 -30.03
CA PHE D 87 -38.27 4.72 -29.83
C PHE D 87 -38.84 3.88 -30.98
N ASP D 88 -37.94 3.37 -31.84
CA ASP D 88 -38.30 2.38 -32.85
C ASP D 88 -38.37 0.99 -32.21
N LEU D 89 -37.74 0.84 -31.04
CA LEU D 89 -37.77 -0.39 -30.26
C LEU D 89 -39.11 -0.57 -29.56
N VAL D 90 -39.81 0.54 -29.35
CA VAL D 90 -41.15 0.55 -28.76
C VAL D 90 -42.14 1.20 -29.72
N SER D 91 -43.34 1.53 -29.21
CA SER D 91 -44.35 2.25 -29.99
C SER D 91 -45.48 2.79 -29.12
N LEU D 92 -46.00 3.97 -29.47
CA LEU D 92 -47.31 4.49 -29.01
C LEU D 92 -47.27 5.87 -28.34
N LYS D 93 -48.48 6.33 -27.95
CA LYS D 93 -48.73 7.64 -27.34
C LYS D 93 -50.14 7.60 -26.73
N ALA D 94 -50.43 8.51 -25.79
CA ALA D 94 -51.76 8.62 -25.19
C ALA D 94 -51.99 9.92 -24.41
N LEU D 95 -52.21 11.02 -25.13
CA LEU D 95 -52.32 12.36 -24.52
C LEU D 95 -53.59 12.59 -23.68
N ASP D 96 -53.44 13.41 -22.64
CA ASP D 96 -54.54 13.91 -21.80
C ASP D 96 -54.17 15.24 -21.12
N GLY D 97 -54.75 15.52 -19.96
CA GLY D 97 -54.49 16.76 -19.22
C GLY D 97 -53.40 16.63 -18.17
N VAL D 98 -52.70 17.73 -17.88
CA VAL D 98 -51.50 17.68 -17.03
C VAL D 98 -51.46 18.71 -15.88
N LEU D 99 -50.51 18.49 -14.96
CA LEU D 99 -50.36 19.27 -13.73
C LEU D 99 -49.49 20.51 -13.92
N PRO D 100 -49.69 21.55 -13.07
CA PRO D 100 -48.81 22.70 -13.08
C PRO D 100 -47.70 22.64 -12.01
N ASP D 101 -46.53 23.17 -12.35
CA ASP D 101 -45.37 23.26 -11.44
C ASP D 101 -44.48 24.46 -11.80
N GLY D 102 -43.31 24.53 -11.18
CA GLY D 102 -42.34 25.61 -11.45
C GLY D 102 -41.69 25.51 -12.81
N VAL D 103 -41.38 26.68 -13.40
CA VAL D 103 -40.80 26.76 -14.74
C VAL D 103 -39.73 27.85 -14.83
N SER D 104 -38.63 27.53 -15.51
CA SER D 104 -37.62 28.52 -15.87
C SER D 104 -37.61 28.71 -17.38
N ASP D 105 -37.74 29.96 -17.81
CA ASP D 105 -37.70 30.28 -19.24
C ASP D 105 -36.29 30.65 -19.68
N ALA D 106 -35.40 30.85 -18.69
CA ALA D 106 -33.98 31.13 -18.96
C ALA D 106 -33.25 29.95 -19.57
N SER D 107 -33.93 28.79 -19.59
CA SER D 107 -33.35 27.55 -20.12
C SER D 107 -33.26 27.56 -21.64
N ARG D 108 -32.05 27.33 -22.16
CA ARG D 108 -31.79 27.38 -23.59
C ARG D 108 -32.23 26.11 -24.31
N THR D 109 -32.59 26.26 -25.58
CA THR D 109 -33.12 25.17 -26.41
C THR D 109 -32.14 24.01 -26.57
N SER D 110 -30.94 24.30 -27.06
CA SER D 110 -29.96 23.26 -27.39
C SER D 110 -29.04 22.91 -26.23
N ALA D 111 -28.69 23.93 -25.42
CA ALA D 111 -27.69 23.79 -24.37
C ALA D 111 -28.02 22.76 -23.30
N ASP D 112 -29.23 22.86 -22.74
CA ASP D 112 -29.66 21.97 -21.66
C ASP D 112 -29.93 20.55 -22.16
N ASP D 113 -30.39 20.43 -23.40
CA ASP D 113 -30.86 19.14 -23.94
C ASP D 113 -29.77 18.12 -24.27
N LYS D 114 -28.51 18.49 -24.06
CA LYS D 114 -27.40 17.57 -24.30
C LYS D 114 -27.02 16.78 -23.06
N TRP D 115 -26.96 17.47 -21.92
CA TRP D 115 -26.57 16.86 -20.65
C TRP D 115 -27.74 16.38 -19.79
N LEU D 116 -28.91 16.99 -19.98
CA LEU D 116 -30.08 16.74 -19.12
C LEU D 116 -30.70 15.34 -19.25
N PRO D 117 -30.86 14.81 -20.48
CA PRO D 117 -31.37 13.44 -20.61
C PRO D 117 -30.47 12.42 -19.89
N LEU D 118 -29.16 12.64 -19.92
CA LEU D 118 -28.20 11.83 -19.18
C LEU D 118 -28.42 11.92 -17.67
N TYR D 119 -28.71 13.14 -17.20
CA TYR D 119 -28.93 13.39 -15.77
C TYR D 119 -30.21 12.73 -15.25
N LEU D 120 -31.26 12.76 -16.07
CA LEU D 120 -32.54 12.15 -15.70
C LEU D 120 -32.46 10.62 -15.72
N LEU D 121 -31.92 10.08 -16.80
CA LEU D 121 -31.73 8.64 -16.97
C LEU D 121 -30.72 8.08 -15.97
N GLY D 122 -29.77 8.92 -15.56
CA GLY D 122 -28.77 8.55 -14.57
C GLY D 122 -29.32 8.42 -13.16
N LEU D 123 -30.39 9.16 -12.87
CA LEU D 123 -31.03 9.13 -11.56
C LEU D 123 -31.78 7.82 -11.28
N TYR D 124 -31.99 7.03 -12.34
CA TYR D 124 -32.57 5.69 -12.22
C TYR D 124 -31.64 4.76 -11.46
N ARG D 125 -30.35 4.81 -11.80
CA ARG D 125 -29.31 4.01 -11.15
C ARG D 125 -29.06 4.48 -9.72
N VAL D 126 -29.09 5.80 -9.53
CA VAL D 126 -28.83 6.41 -8.21
C VAL D 126 -29.95 6.10 -7.22
N GLY D 127 -31.19 6.33 -7.65
CA GLY D 127 -32.36 6.15 -6.78
C GLY D 127 -32.70 4.71 -6.42
N ARG D 128 -31.92 3.77 -6.95
CA ARG D 128 -32.15 2.35 -6.71
C ARG D 128 -31.13 1.71 -5.77
N THR D 129 -30.14 2.49 -5.36
CA THR D 129 -29.21 2.07 -4.31
C THR D 129 -29.74 2.61 -2.98
N GLN D 130 -29.50 1.85 -1.90
CA GLN D 130 -30.05 2.20 -0.60
C GLN D 130 -29.04 2.91 0.29
N MET D 131 -27.84 2.32 0.41
CA MET D 131 -26.81 2.80 1.33
C MET D 131 -26.19 4.11 0.84
N PRO D 132 -26.30 5.18 1.67
CA PRO D 132 -25.98 6.56 1.30
C PRO D 132 -24.53 6.79 0.90
N GLU D 133 -23.63 5.96 1.44
CA GLU D 133 -22.20 6.05 1.16
C GLU D 133 -21.88 5.77 -0.30
N TYR D 134 -22.63 4.85 -0.91
CA TYR D 134 -22.44 4.46 -2.31
C TYR D 134 -23.30 5.28 -3.27
N ARG D 135 -24.40 5.84 -2.76
CA ARG D 135 -25.27 6.71 -3.54
C ARG D 135 -24.54 7.98 -3.98
N LYS D 136 -23.71 8.52 -3.09
CA LYS D 136 -22.93 9.73 -3.40
C LYS D 136 -21.84 9.45 -4.43
N LYS D 137 -21.25 8.26 -4.38
CA LYS D 137 -20.23 7.84 -5.33
C LYS D 137 -20.79 7.79 -6.76
N LEU D 138 -22.02 7.31 -6.88
CA LEU D 138 -22.74 7.28 -8.15
C LEU D 138 -23.22 8.66 -8.55
N MET D 139 -23.65 9.46 -7.57
CA MET D 139 -24.08 10.84 -7.78
C MET D 139 -22.94 11.72 -8.31
N ASP D 140 -21.79 11.63 -7.64
CA ASP D 140 -20.60 12.38 -8.04
C ASP D 140 -20.10 11.92 -9.40
N GLY D 141 -20.23 10.61 -9.66
CA GLY D 141 -19.90 10.03 -10.97
C GLY D 141 -20.83 10.53 -12.06
N LEU D 142 -22.12 10.66 -11.72
CA LEU D 142 -23.12 11.23 -12.63
C LEU D 142 -22.83 12.71 -12.91
N THR D 143 -22.42 13.43 -11.87
CA THR D 143 -22.02 14.83 -11.99
C THR D 143 -20.76 14.97 -12.86
N ASN D 144 -19.82 14.05 -12.68
CA ASN D 144 -18.61 13.99 -13.50
C ASN D 144 -18.90 13.69 -14.97
N GLN D 145 -19.98 12.95 -15.21
CA GLN D 145 -20.42 12.62 -16.56
C GLN D 145 -21.06 13.80 -17.27
N CYS D 146 -21.82 14.60 -16.52
CA CYS D 146 -22.47 15.79 -17.08
C CYS D 146 -21.47 16.94 -17.27
N LYS D 147 -20.39 16.92 -16.51
CA LYS D 147 -19.30 17.89 -16.66
C LYS D 147 -18.41 17.58 -17.88
N MET D 148 -18.65 16.44 -18.51
CA MET D 148 -17.98 16.07 -19.76
C MET D 148 -18.73 16.68 -20.95
N ILE D 149 -20.06 16.61 -20.90
CA ILE D 149 -20.91 17.36 -21.82
C ILE D 149 -20.83 18.84 -21.43
N ASN D 150 -20.46 19.07 -20.18
CA ASN D 150 -19.85 20.32 -19.71
C ASN D 150 -20.81 21.42 -19.27
N GLU D 151 -20.30 22.65 -19.27
CA GLU D 151 -20.96 23.86 -18.75
C GLU D 151 -20.92 23.93 -17.22
N GLN D 152 -20.02 23.14 -16.62
CA GLN D 152 -19.83 23.09 -15.17
C GLN D 152 -21.15 22.88 -14.43
N PHE D 153 -21.90 21.88 -14.89
CA PHE D 153 -23.15 21.47 -14.29
C PHE D 153 -22.99 21.16 -12.80
N GLU D 154 -23.94 21.65 -12.01
CA GLU D 154 -24.03 21.30 -10.59
C GLU D 154 -25.35 20.57 -10.37
N PRO D 155 -25.35 19.50 -9.53
CA PRO D 155 -26.57 18.75 -9.27
C PRO D 155 -27.78 19.65 -9.01
N LEU D 156 -28.82 19.48 -9.83
CA LEU D 156 -30.02 20.30 -9.76
C LEU D 156 -30.88 19.94 -8.55
N VAL D 157 -31.11 18.65 -8.34
CA VAL D 157 -31.91 18.17 -7.22
C VAL D 157 -31.14 18.28 -5.90
N PRO D 158 -31.75 18.92 -4.88
CA PRO D 158 -31.15 19.10 -3.56
C PRO D 158 -30.96 17.80 -2.77
N GLU D 159 -30.60 17.94 -1.49
CA GLU D 159 -30.36 16.79 -0.60
C GLU D 159 -31.60 15.97 -0.29
N GLY D 160 -32.77 16.56 -0.52
CA GLY D 160 -34.05 15.89 -0.29
C GLY D 160 -34.19 14.56 -1.04
N ARG D 161 -33.60 14.50 -2.23
CA ARG D 161 -33.68 13.34 -3.13
C ARG D 161 -35.04 12.64 -3.10
N ASP D 162 -35.06 11.29 -3.05
CA ASP D 162 -36.30 10.50 -2.96
C ASP D 162 -37.26 10.72 -4.13
N ILE D 163 -37.25 11.93 -4.68
CA ILE D 163 -38.13 12.30 -5.79
C ILE D 163 -37.92 11.38 -7.00
N PHE D 164 -36.68 10.97 -7.22
CA PHE D 164 -36.32 10.10 -8.35
C PHE D 164 -36.31 8.61 -8.00
N ASP D 165 -36.53 8.29 -6.71
CA ASP D 165 -36.57 6.90 -6.27
C ASP D 165 -37.83 6.18 -6.73
N VAL D 166 -38.95 6.91 -6.74
CA VAL D 166 -40.24 6.35 -7.18
C VAL D 166 -40.38 6.27 -8.70
N TRP D 167 -39.42 6.85 -9.42
CA TRP D 167 -39.41 6.85 -10.88
C TRP D 167 -39.33 5.45 -11.45
N GLY D 168 -38.57 4.57 -10.78
CA GLY D 168 -38.40 3.18 -11.20
C GLY D 168 -39.65 2.32 -11.05
N ASN D 169 -40.68 2.89 -10.41
CA ASN D 169 -41.96 2.20 -10.23
C ASN D 169 -42.97 2.59 -11.30
N ASP D 170 -42.65 3.65 -12.05
CA ASP D 170 -43.43 4.07 -13.20
C ASP D 170 -43.03 3.26 -14.42
N SER D 171 -43.99 2.52 -14.99
CA SER D 171 -43.73 1.57 -16.08
C SER D 171 -43.22 2.22 -17.37
N ASN D 172 -43.63 3.46 -17.61
CA ASN D 172 -43.20 4.19 -18.80
C ASN D 172 -41.77 4.72 -18.72
N TYR D 173 -41.37 5.14 -17.52
CA TYR D 173 -40.01 5.61 -17.26
C TYR D 173 -38.99 4.50 -17.50
N THR D 174 -39.32 3.30 -17.01
CA THR D 174 -38.46 2.13 -17.16
C THR D 174 -38.35 1.69 -18.63
N LYS D 175 -39.41 1.91 -19.39
CA LYS D 175 -39.43 1.58 -20.82
C LYS D 175 -38.53 2.49 -21.64
N ILE D 176 -38.40 3.75 -21.23
CA ILE D 176 -37.48 4.68 -21.86
C ILE D 176 -36.04 4.29 -21.51
N VAL D 177 -35.81 3.97 -20.24
CA VAL D 177 -34.51 3.51 -19.75
C VAL D 177 -34.03 2.27 -20.51
N ALA D 178 -34.93 1.29 -20.68
CA ALA D 178 -34.63 0.06 -21.39
C ALA D 178 -34.43 0.28 -22.90
N ALA D 179 -35.16 1.24 -23.46
CA ALA D 179 -35.03 1.58 -24.88
C ALA D 179 -33.70 2.28 -25.17
N VAL D 180 -33.27 3.14 -24.26
CA VAL D 180 -31.99 3.84 -24.39
C VAL D 180 -30.82 2.85 -24.30
N ASP D 181 -30.92 1.92 -23.36
CA ASP D 181 -29.87 0.93 -23.12
C ASP D 181 -29.74 -0.08 -24.25
N MET D 182 -30.87 -0.54 -24.78
CA MET D 182 -30.89 -1.49 -25.89
C MET D 182 -30.37 -0.85 -27.18
N PHE D 183 -30.65 0.44 -27.34
CA PHE D 183 -30.26 1.20 -28.51
C PHE D 183 -28.74 1.42 -28.57
N PHE D 184 -28.20 2.00 -27.50
CA PHE D 184 -26.77 2.33 -27.46
C PHE D 184 -25.87 1.12 -27.21
N HIS D 185 -26.47 -0.02 -26.88
CA HIS D 185 -25.74 -1.28 -26.86
C HIS D 185 -25.43 -1.71 -28.29
N MET D 186 -26.36 -1.42 -29.20
CA MET D 186 -26.18 -1.72 -30.61
C MET D 186 -25.28 -0.67 -31.25
N PHE D 187 -25.48 0.60 -30.87
CA PHE D 187 -24.66 1.70 -31.36
C PHE D 187 -23.67 2.17 -30.28
N LYS D 188 -22.60 1.38 -30.13
CA LYS D 188 -21.59 1.59 -29.09
C LYS D 188 -20.78 2.88 -29.29
N LYS D 189 -20.54 3.23 -30.56
CA LYS D 189 -19.69 4.35 -30.90
C LYS D 189 -20.47 5.64 -31.20
N HIS D 190 -21.71 5.69 -30.69
CA HIS D 190 -22.55 6.87 -30.86
C HIS D 190 -22.11 8.00 -29.92
N GLU D 191 -22.32 9.24 -30.36
CA GLU D 191 -21.98 10.44 -29.59
C GLU D 191 -22.63 10.44 -28.21
N CYS D 192 -23.84 9.89 -28.11
CA CYS D 192 -24.61 9.87 -26.87
C CYS D 192 -24.60 8.51 -26.17
N ALA D 193 -23.57 7.71 -26.43
CA ALA D 193 -23.42 6.40 -25.78
C ALA D 193 -23.11 6.54 -24.30
N SER D 194 -22.67 7.74 -23.89
CA SER D 194 -22.39 8.06 -22.50
C SER D 194 -23.66 8.07 -21.64
N PHE D 195 -24.82 8.08 -22.30
CA PHE D 195 -26.12 8.06 -21.64
C PHE D 195 -26.37 6.74 -20.90
N ARG D 196 -25.61 5.71 -21.30
CA ARG D 196 -25.71 4.38 -20.69
C ARG D 196 -25.17 4.31 -19.25
N TYR D 197 -24.79 5.47 -18.70
CA TYR D 197 -24.28 5.54 -17.33
C TYR D 197 -25.32 5.03 -16.31
N GLY D 198 -26.56 5.45 -16.49
CA GLY D 198 -27.64 5.08 -15.59
C GLY D 198 -28.52 3.95 -16.08
N THR D 199 -28.58 3.75 -17.39
CA THR D 199 -29.46 2.75 -18.00
C THR D 199 -28.89 1.33 -17.95
N ILE D 200 -27.60 1.22 -17.61
CA ILE D 200 -26.89 -0.06 -17.60
C ILE D 200 -27.49 -1.09 -16.62
N VAL D 201 -28.00 -0.61 -15.47
CA VAL D 201 -28.60 -1.48 -14.45
C VAL D 201 -29.95 -2.07 -14.86
N SER D 202 -30.49 -1.61 -15.99
CA SER D 202 -31.72 -2.16 -16.55
C SER D 202 -31.45 -3.46 -17.30
N ARG D 203 -30.22 -3.61 -17.77
CA ARG D 203 -29.81 -4.79 -18.53
C ARG D 203 -29.56 -5.98 -17.61
N PHE D 204 -30.18 -7.12 -17.95
CA PHE D 204 -30.17 -8.34 -17.12
C PHE D 204 -30.63 -8.07 -15.70
N LYS D 205 -31.58 -7.13 -15.57
CA LYS D 205 -32.17 -6.76 -14.29
C LYS D 205 -32.96 -7.93 -13.72
N ASP D 206 -32.72 -8.23 -12.44
CA ASP D 206 -33.37 -9.33 -11.74
C ASP D 206 -33.10 -10.69 -12.42
N CYS D 207 -31.91 -10.83 -12.97
CA CYS D 207 -31.45 -12.07 -13.60
C CYS D 207 -30.19 -12.58 -12.91
N ALA D 208 -30.19 -12.52 -11.58
CA ALA D 208 -29.01 -12.78 -10.77
C ALA D 208 -28.54 -14.25 -10.76
N ALA D 209 -29.46 -15.17 -11.07
CA ALA D 209 -29.10 -16.59 -11.13
C ALA D 209 -28.24 -16.91 -12.35
N LEU D 210 -28.54 -16.25 -13.47
CA LEU D 210 -27.71 -16.35 -14.68
C LEU D 210 -26.36 -15.67 -14.46
N ALA D 211 -26.37 -14.62 -13.65
CA ALA D 211 -25.14 -13.94 -13.22
C ALA D 211 -24.33 -14.84 -12.27
N THR D 212 -25.04 -15.55 -11.39
CA THR D 212 -24.43 -16.53 -10.49
C THR D 212 -23.84 -17.68 -11.29
N PHE D 213 -24.58 -18.13 -12.32
CA PHE D 213 -24.11 -19.18 -13.21
C PHE D 213 -22.84 -18.78 -13.95
N GLY D 214 -22.80 -17.54 -14.43
CA GLY D 214 -21.64 -16.99 -15.11
C GLY D 214 -20.46 -16.75 -14.20
N HIS D 215 -20.74 -16.40 -12.94
CA HIS D 215 -19.71 -16.16 -11.94
C HIS D 215 -18.98 -17.44 -11.57
N LEU D 216 -19.73 -18.53 -11.44
CA LEU D 216 -19.17 -19.83 -11.07
C LEU D 216 -18.26 -20.40 -12.16
N CYS D 217 -18.60 -20.14 -13.42
CA CYS D 217 -17.79 -20.56 -14.56
C CYS D 217 -16.43 -19.87 -14.58
N LYS D 218 -16.42 -18.57 -14.25
CA LYS D 218 -15.20 -17.76 -14.30
C LYS D 218 -14.24 -18.09 -13.16
N ILE D 219 -14.79 -18.35 -11.98
CA ILE D 219 -14.00 -18.68 -10.80
C ILE D 219 -13.38 -20.07 -10.91
N THR D 220 -14.17 -21.04 -11.39
CA THR D 220 -13.72 -22.42 -11.52
C THR D 220 -12.85 -22.65 -12.76
N GLY D 221 -13.05 -21.81 -13.78
CA GLY D 221 -12.37 -21.99 -15.06
C GLY D 221 -12.96 -23.14 -15.85
N MET D 222 -14.19 -23.51 -15.52
CA MET D 222 -14.90 -24.60 -16.16
C MET D 222 -16.02 -24.06 -17.03
N SER D 223 -16.35 -24.79 -18.10
CA SER D 223 -17.41 -24.39 -19.01
C SER D 223 -18.79 -24.55 -18.38
N THR D 224 -19.79 -23.93 -19.01
CA THR D 224 -21.18 -24.05 -18.59
C THR D 224 -21.64 -25.50 -18.51
N GLU D 225 -21.27 -26.29 -19.51
CA GLU D 225 -21.60 -27.72 -19.55
C GLU D 225 -20.91 -28.50 -18.42
N ASP D 226 -19.66 -28.16 -18.15
CA ASP D 226 -18.89 -28.81 -17.09
C ASP D 226 -19.40 -28.45 -15.70
N VAL D 227 -19.79 -27.18 -15.52
CA VAL D 227 -20.39 -26.73 -14.26
C VAL D 227 -21.72 -27.46 -14.03
N THR D 228 -22.48 -27.65 -15.11
CA THR D 228 -23.78 -28.32 -15.07
C THR D 228 -23.68 -29.77 -14.59
N THR D 229 -22.62 -30.47 -14.99
CA THR D 229 -22.39 -31.85 -14.57
C THR D 229 -22.08 -31.97 -13.07
N TRP D 230 -21.66 -30.85 -12.47
CA TRP D 230 -21.29 -30.82 -11.06
C TRP D 230 -22.45 -30.49 -10.11
N ILE D 231 -23.66 -30.44 -10.67
CA ILE D 231 -24.86 -30.27 -9.87
C ILE D 231 -25.24 -31.63 -9.26
N LEU D 232 -25.29 -31.67 -7.93
CA LEU D 232 -25.53 -32.92 -7.20
C LEU D 232 -26.84 -32.92 -6.43
N ASN D 233 -27.55 -31.80 -6.47
CA ASN D 233 -28.85 -31.64 -5.82
C ASN D 233 -29.94 -31.42 -6.87
N ARG D 234 -31.05 -32.13 -6.72
CA ARG D 234 -32.11 -32.11 -7.73
C ARG D 234 -32.85 -30.77 -7.81
N GLU D 235 -33.07 -30.12 -6.67
CA GLU D 235 -33.71 -28.81 -6.64
C GLU D 235 -32.93 -27.79 -7.47
N VAL D 236 -31.60 -27.86 -7.41
CA VAL D 236 -30.70 -27.04 -8.22
C VAL D 236 -30.86 -27.39 -9.70
N ALA D 237 -30.97 -28.68 -9.98
CA ALA D 237 -31.15 -29.17 -11.35
C ALA D 237 -32.50 -28.74 -11.93
N ASP D 238 -33.55 -28.85 -11.13
CA ASP D 238 -34.89 -28.40 -11.51
C ASP D 238 -34.91 -26.90 -11.79
N GLU D 239 -34.10 -26.16 -11.03
CA GLU D 239 -33.92 -24.73 -11.23
C GLU D 239 -33.08 -24.42 -12.47
N MET D 240 -32.12 -25.30 -12.76
CA MET D 240 -31.26 -25.15 -13.94
C MET D 240 -32.06 -25.33 -15.24
N VAL D 241 -32.91 -26.36 -15.27
CA VAL D 241 -33.79 -26.63 -16.41
C VAL D 241 -34.71 -25.43 -16.66
N GLN D 242 -35.21 -24.84 -15.57
CA GLN D 242 -36.03 -23.64 -15.63
C GLN D 242 -35.28 -22.49 -16.32
N MET D 243 -34.00 -22.34 -16.00
CA MET D 243 -33.17 -21.29 -16.59
C MET D 243 -32.84 -21.52 -18.05
N MET D 244 -32.56 -22.77 -18.40
CA MET D 244 -32.03 -23.12 -19.72
C MET D 244 -33.08 -23.49 -20.76
N LEU D 245 -34.34 -23.13 -20.50
CA LEU D 245 -35.44 -23.42 -21.42
C LEU D 245 -35.20 -22.77 -22.78
N PRO D 246 -35.35 -23.54 -23.88
CA PRO D 246 -35.09 -23.06 -25.24
C PRO D 246 -36.04 -21.96 -25.71
N GLY D 247 -35.57 -21.15 -26.66
CA GLY D 247 -36.38 -20.12 -27.29
C GLY D 247 -36.47 -18.80 -26.56
N GLN D 248 -35.47 -18.49 -25.74
CA GLN D 248 -35.51 -17.28 -24.91
C GLN D 248 -34.42 -16.25 -25.25
N GLU D 249 -33.54 -16.61 -26.19
CA GLU D 249 -32.47 -15.72 -26.66
C GLU D 249 -31.57 -15.19 -25.55
N ILE D 250 -31.29 -16.04 -24.55
CA ILE D 250 -30.49 -15.61 -23.39
C ILE D 250 -29.00 -15.47 -23.70
N ASP D 251 -28.57 -16.06 -24.82
CA ASP D 251 -27.21 -15.89 -25.32
C ASP D 251 -27.15 -14.90 -26.48
N LYS D 252 -28.28 -14.26 -26.78
CA LYS D 252 -28.36 -13.25 -27.82
C LYS D 252 -28.16 -11.87 -27.18
N ALA D 253 -27.07 -11.21 -27.56
CA ALA D 253 -26.70 -9.90 -27.01
C ALA D 253 -27.63 -8.79 -27.48
N ASP D 254 -28.07 -8.87 -28.73
CA ASP D 254 -28.98 -7.89 -29.32
C ASP D 254 -30.42 -8.39 -29.23
N SER D 255 -30.99 -8.35 -28.02
CA SER D 255 -32.31 -8.94 -27.77
C SER D 255 -33.14 -8.12 -26.79
N TYR D 256 -34.44 -8.37 -26.80
CA TYR D 256 -35.37 -7.77 -25.83
C TYR D 256 -35.26 -8.44 -24.47
N MET D 257 -34.73 -9.67 -24.45
CA MET D 257 -34.72 -10.51 -23.26
C MET D 257 -33.97 -9.96 -22.03
N PRO D 258 -32.86 -9.21 -22.24
CA PRO D 258 -32.17 -8.64 -21.06
C PRO D 258 -33.00 -7.58 -20.31
N TYR D 259 -34.08 -7.10 -20.91
CA TYR D 259 -34.94 -6.11 -20.26
C TYR D 259 -36.37 -6.63 -20.12
N LEU D 260 -36.51 -7.86 -19.67
CA LEU D 260 -37.82 -8.47 -19.45
C LEU D 260 -38.62 -7.73 -18.38
N ILE D 261 -37.91 -7.22 -17.38
CA ILE D 261 -38.54 -6.51 -16.26
C ILE D 261 -38.94 -5.08 -16.64
N ASP D 262 -38.01 -4.31 -17.20
CA ASP D 262 -38.24 -2.89 -17.48
C ASP D 262 -39.11 -2.58 -18.70
N PHE D 263 -39.09 -3.46 -19.69
CA PHE D 263 -40.00 -3.36 -20.84
C PHE D 263 -41.38 -3.90 -20.51
N GLY D 264 -41.48 -4.67 -19.41
CA GLY D 264 -42.74 -5.24 -18.96
C GLY D 264 -43.08 -6.57 -19.61
N LEU D 265 -42.05 -7.26 -20.10
CA LEU D 265 -42.21 -8.56 -20.77
C LEU D 265 -42.51 -9.68 -19.77
N SER D 266 -42.05 -9.50 -18.54
CA SER D 266 -42.22 -10.51 -17.50
C SER D 266 -42.64 -9.88 -16.18
N SER D 267 -43.51 -10.58 -15.46
CA SER D 267 -43.90 -10.17 -14.11
C SER D 267 -43.04 -10.90 -13.09
N LYS D 268 -42.71 -12.14 -13.40
CA LYS D 268 -41.81 -12.96 -12.59
C LYS D 268 -40.68 -13.47 -13.46
N SER D 269 -39.47 -12.98 -13.21
CA SER D 269 -38.29 -13.39 -13.97
C SER D 269 -37.90 -14.82 -13.63
N PRO D 270 -37.75 -15.67 -14.67
CA PRO D 270 -37.31 -17.05 -14.47
C PRO D 270 -35.82 -17.15 -14.11
N TYR D 271 -35.14 -16.00 -14.09
CA TYR D 271 -33.69 -15.96 -13.90
C TYR D 271 -33.27 -15.23 -12.62
N SER D 272 -34.24 -14.85 -11.79
CA SER D 272 -33.96 -14.17 -10.53
C SER D 272 -33.40 -15.14 -9.48
N SER D 273 -32.63 -14.58 -8.54
CA SER D 273 -32.04 -15.37 -7.46
C SER D 273 -33.10 -15.89 -6.49
N VAL D 274 -34.19 -15.13 -6.34
CA VAL D 274 -35.32 -15.54 -5.52
C VAL D 274 -36.10 -16.70 -6.15
N LYS D 275 -35.94 -16.86 -7.46
CA LYS D 275 -36.61 -17.93 -8.21
C LYS D 275 -35.71 -19.15 -8.37
N ASN D 276 -34.41 -18.95 -8.17
CA ASN D 276 -33.45 -20.05 -8.20
C ASN D 276 -32.61 -20.08 -6.91
N PRO D 277 -33.28 -20.23 -5.74
CA PRO D 277 -32.62 -20.04 -4.46
C PRO D 277 -31.62 -21.15 -4.10
N ALA D 278 -31.84 -22.36 -4.63
CA ALA D 278 -30.93 -23.47 -4.37
C ALA D 278 -29.66 -23.35 -5.22
N PHE D 279 -29.83 -22.94 -6.48
CA PHE D 279 -28.69 -22.71 -7.37
C PHE D 279 -27.90 -21.48 -6.94
N HIS D 280 -28.59 -20.44 -6.51
CA HIS D 280 -27.94 -19.21 -6.07
C HIS D 280 -27.05 -19.47 -4.86
N PHE D 281 -27.63 -20.06 -3.81
CA PHE D 281 -26.91 -20.41 -2.58
C PHE D 281 -25.71 -21.31 -2.88
N TRP D 282 -25.97 -22.44 -3.55
CA TRP D 282 -24.95 -23.43 -3.86
C TRP D 282 -23.85 -22.85 -4.76
N GLY D 283 -24.24 -22.12 -5.79
CA GLY D 283 -23.31 -21.54 -6.74
C GLY D 283 -22.40 -20.48 -6.15
N GLN D 284 -22.95 -19.65 -5.26
CA GLN D 284 -22.21 -18.59 -4.60
C GLN D 284 -21.31 -19.12 -3.48
N LEU D 285 -21.79 -20.13 -2.76
CA LEU D 285 -21.02 -20.76 -1.69
C LEU D 285 -19.77 -21.44 -2.23
N THR D 286 -19.93 -22.15 -3.35
CA THR D 286 -18.80 -22.80 -4.05
C THR D 286 -17.81 -21.74 -4.54
N ALA D 287 -18.34 -20.62 -5.05
CA ALA D 287 -17.53 -19.51 -5.52
C ALA D 287 -16.72 -18.88 -4.38
N LEU D 288 -17.35 -18.70 -3.23
CA LEU D 288 -16.71 -18.10 -2.05
C LEU D 288 -15.54 -18.93 -1.54
N LEU D 289 -15.73 -20.26 -1.48
CA LEU D 289 -14.69 -21.19 -1.04
C LEU D 289 -13.51 -21.19 -2.01
N LEU D 290 -13.76 -20.80 -3.25
CA LEU D 290 -12.73 -20.67 -4.27
C LEU D 290 -12.28 -19.20 -4.42
N ARG D 291 -12.29 -18.49 -3.30
CA ARG D 291 -11.72 -17.14 -3.14
C ARG D 291 -12.38 -16.01 -3.95
N SER D 292 -13.70 -16.01 -4.01
CA SER D 292 -14.43 -14.92 -4.65
C SER D 292 -14.52 -13.73 -3.69
N THR D 293 -14.25 -12.54 -4.22
CA THR D 293 -14.28 -11.31 -3.42
C THR D 293 -15.71 -10.78 -3.28
N ARG D 294 -16.60 -11.21 -4.17
CA ARG D 294 -17.97 -10.71 -4.21
C ARG D 294 -19.00 -11.65 -3.58
N ALA D 295 -18.69 -12.95 -3.56
CA ALA D 295 -19.63 -13.97 -3.08
C ALA D 295 -19.94 -13.86 -1.59
N ARG D 296 -19.06 -13.20 -0.83
CA ARG D 296 -19.23 -13.01 0.60
C ARG D 296 -20.47 -12.19 0.97
N ASN D 297 -20.80 -11.21 0.12
CA ASN D 297 -21.93 -10.32 0.37
C ASN D 297 -23.24 -10.78 -0.28
N ALA D 298 -23.21 -11.94 -0.93
CA ALA D 298 -24.40 -12.51 -1.57
C ALA D 298 -25.44 -12.92 -0.53
N ARG D 299 -26.69 -12.55 -0.77
CA ARG D 299 -27.81 -12.83 0.14
C ARG D 299 -28.02 -14.33 0.36
N GLN D 300 -28.40 -14.69 1.58
CA GLN D 300 -28.69 -16.08 1.93
C GLN D 300 -30.19 -16.35 1.74
N PRO D 301 -30.53 -17.22 0.77
CA PRO D 301 -31.94 -17.55 0.48
C PRO D 301 -32.65 -18.22 1.64
N ASP D 302 -33.98 -18.13 1.63
CA ASP D 302 -34.82 -18.74 2.66
C ASP D 302 -35.46 -20.02 2.11
N ASP D 303 -35.86 -20.91 3.02
CA ASP D 303 -36.57 -22.14 2.69
C ASP D 303 -35.86 -23.03 1.65
N ILE D 304 -34.60 -23.33 1.92
CA ILE D 304 -33.82 -24.23 1.06
C ILE D 304 -33.11 -25.31 1.87
N GLU D 305 -32.54 -26.29 1.16
CA GLU D 305 -31.89 -27.43 1.78
C GLU D 305 -30.42 -27.15 2.07
N TYR D 306 -30.17 -26.41 3.16
CA TYR D 306 -28.83 -25.92 3.49
C TYR D 306 -27.75 -27.00 3.59
N THR D 307 -28.03 -28.08 4.33
CA THR D 307 -27.04 -29.12 4.60
C THR D 307 -26.58 -29.86 3.35
N SER D 308 -27.52 -30.16 2.45
CA SER D 308 -27.21 -30.87 1.21
C SER D 308 -26.47 -29.98 0.22
N LEU D 309 -26.89 -28.72 0.11
CA LEU D 309 -26.29 -27.76 -0.81
C LEU D 309 -24.88 -27.36 -0.37
N THR D 310 -24.66 -27.34 0.94
CA THR D 310 -23.35 -27.03 1.52
C THR D 310 -22.34 -28.16 1.26
N THR D 311 -22.80 -29.40 1.43
CA THR D 311 -21.95 -30.57 1.21
C THR D 311 -21.54 -30.73 -0.25
N ALA D 312 -22.47 -30.43 -1.16
CA ALA D 312 -22.20 -30.46 -2.60
C ALA D 312 -21.29 -29.33 -3.03
N GLY D 313 -21.43 -28.18 -2.36
CA GLY D 313 -20.58 -27.02 -2.61
C GLY D 313 -19.16 -27.25 -2.15
N LEU D 314 -19.02 -27.97 -1.04
CA LEU D 314 -17.73 -28.33 -0.49
C LEU D 314 -16.99 -29.35 -1.37
N LEU D 315 -17.70 -30.37 -1.82
CA LEU D 315 -17.13 -31.40 -2.70
C LEU D 315 -16.67 -30.81 -4.03
N TYR D 316 -17.41 -29.83 -4.54
CA TYR D 316 -17.10 -29.15 -5.79
C TYR D 316 -15.88 -28.24 -5.61
N ALA D 317 -15.92 -27.39 -4.58
CA ALA D 317 -14.82 -26.46 -4.28
C ALA D 317 -13.53 -27.17 -3.90
N TYR D 318 -13.65 -28.30 -3.20
CA TYR D 318 -12.50 -29.11 -2.83
C TYR D 318 -11.87 -29.76 -4.06
N ALA D 319 -12.71 -30.15 -5.01
CA ALA D 319 -12.25 -30.76 -6.26
C ALA D 319 -11.47 -29.75 -7.11
N VAL D 320 -12.02 -28.54 -7.26
CA VAL D 320 -11.39 -27.47 -8.02
C VAL D 320 -10.12 -26.98 -7.32
N GLY D 321 -10.16 -26.95 -5.99
CA GLY D 321 -9.02 -26.52 -5.18
C GLY D 321 -7.83 -27.46 -5.23
N SER D 322 -8.09 -28.73 -4.97
CA SER D 322 -7.04 -29.77 -4.96
C SER D 322 -6.46 -30.02 -6.35
N SER D 323 -7.30 -29.93 -7.37
CA SER D 323 -6.90 -30.22 -8.74
C SER D 323 -6.80 -28.96 -9.60
N ALA D 324 -5.76 -28.17 -9.35
CA ALA D 324 -5.42 -27.05 -10.21
C ALA D 324 -4.65 -27.61 -11.40
N ASP D 325 -5.36 -27.83 -12.51
CA ASP D 325 -4.79 -28.51 -13.66
C ASP D 325 -3.73 -27.65 -14.37
N LEU D 326 -2.49 -27.84 -13.93
CA LEU D 326 -1.35 -27.10 -14.45
C LEU D 326 -0.66 -27.91 -15.54
N ALA D 327 -0.50 -27.30 -16.72
CA ALA D 327 0.17 -27.92 -17.84
C ALA D 327 0.99 -26.89 -18.62
N GLN D 328 2.10 -27.33 -19.20
CA GLN D 328 2.99 -26.46 -19.97
C GLN D 328 2.26 -25.85 -21.16
N GLN D 329 2.38 -24.53 -21.30
CA GLN D 329 1.69 -23.79 -22.36
C GLN D 329 2.64 -23.37 -23.48
N PHE D 330 3.87 -23.04 -23.12
CA PHE D 330 4.89 -22.61 -24.09
C PHE D 330 6.22 -23.33 -23.85
N CYS D 331 6.99 -23.52 -24.92
CA CYS D 331 8.27 -24.23 -24.83
C CYS D 331 9.30 -23.76 -25.85
N VAL D 332 10.57 -24.03 -25.55
CA VAL D 332 11.65 -23.89 -26.53
C VAL D 332 11.80 -25.21 -27.29
N GLY D 333 11.41 -25.18 -28.57
CA GLY D 333 11.32 -26.37 -29.43
C GLY D 333 12.21 -27.54 -29.07
N ASP D 334 11.56 -28.65 -28.66
CA ASP D 334 12.20 -29.93 -28.31
C ASP D 334 11.94 -30.31 -26.86
N ASN D 335 12.31 -29.44 -25.92
CA ASN D 335 12.11 -29.69 -24.49
C ASN D 335 10.65 -29.50 -24.09
N LYS D 336 9.88 -30.57 -24.26
CA LYS D 336 8.44 -30.55 -23.97
C LYS D 336 8.09 -31.47 -22.82
N TYR D 337 7.09 -31.08 -22.04
CA TYR D 337 6.63 -31.86 -20.91
C TYR D 337 5.42 -32.73 -21.29
N THR D 338 5.52 -34.02 -20.97
CA THR D 338 4.43 -34.95 -21.15
C THR D 338 4.21 -35.74 -19.87
N PRO D 339 3.01 -35.62 -19.26
CA PRO D 339 2.72 -36.35 -18.04
C PRO D 339 2.53 -37.86 -18.27
N ASP D 340 3.56 -38.62 -17.93
CA ASP D 340 3.45 -40.08 -17.84
C ASP D 340 2.74 -40.41 -16.53
N ASP D 341 2.45 -39.36 -15.77
CA ASP D 341 1.77 -39.39 -14.46
C ASP D 341 1.82 -40.68 -13.64
N SER D 342 1.29 -41.77 -14.20
CA SER D 342 1.01 -43.02 -13.49
C SER D 342 -0.42 -42.97 -12.95
N THR D 343 -0.99 -41.76 -12.97
CA THR D 343 -2.41 -41.48 -12.63
C THR D 343 -2.96 -42.26 -11.41
N GLY D 344 -2.11 -42.43 -10.39
CA GLY D 344 -2.49 -43.13 -9.16
C GLY D 344 -1.65 -42.68 -7.98
N GLY D 345 -2.30 -42.56 -6.82
CA GLY D 345 -1.64 -42.11 -5.60
C GLY D 345 -1.79 -43.08 -4.44
N LEU D 346 -2.22 -42.55 -3.30
CA LEU D 346 -2.40 -43.35 -2.07
C LEU D 346 -3.75 -44.07 -2.05
N THR D 347 -3.75 -45.28 -2.63
CA THR D 347 -4.91 -46.19 -2.67
C THR D 347 -6.30 -45.55 -2.94
N THR D 348 -7.31 -46.05 -2.23
CA THR D 348 -8.69 -45.60 -2.36
C THR D 348 -8.91 -44.20 -1.76
N ASN D 349 -8.01 -43.79 -0.87
CA ASN D 349 -8.14 -42.52 -0.15
C ASN D 349 -7.45 -41.33 -0.82
N ALA D 350 -6.77 -41.58 -1.94
CA ALA D 350 -6.18 -40.53 -2.74
C ALA D 350 -7.25 -39.89 -3.63
N PRO D 351 -7.41 -38.55 -3.54
CA PRO D 351 -8.42 -37.83 -4.31
C PRO D 351 -8.15 -37.89 -5.81
N PRO D 352 -9.22 -37.88 -6.64
CA PRO D 352 -9.10 -37.89 -8.10
C PRO D 352 -8.19 -36.79 -8.66
N GLN D 353 -7.51 -37.11 -9.76
CA GLN D 353 -6.50 -36.22 -10.35
C GLN D 353 -7.12 -35.13 -11.23
N GLY D 354 -8.35 -35.36 -11.69
CA GLY D 354 -9.04 -34.41 -12.55
C GLY D 354 -10.22 -33.73 -11.88
N ARG D 355 -11.21 -33.37 -12.69
CA ARG D 355 -12.43 -32.74 -12.20
C ARG D 355 -13.69 -33.46 -12.69
N ASP D 356 -13.53 -34.73 -13.05
CA ASP D 356 -14.65 -35.57 -13.44
C ASP D 356 -15.53 -35.85 -12.22
N VAL D 357 -16.77 -35.36 -12.28
CA VAL D 357 -17.73 -35.51 -11.18
C VAL D 357 -17.95 -36.98 -10.81
N VAL D 358 -17.92 -37.86 -11.81
CA VAL D 358 -18.09 -39.30 -11.63
C VAL D 358 -16.95 -39.90 -10.79
N GLU D 359 -15.72 -39.49 -11.07
CA GLU D 359 -14.56 -39.96 -10.32
C GLU D 359 -14.57 -39.47 -8.88
N TRP D 360 -15.02 -38.23 -8.67
CA TRP D 360 -15.09 -37.65 -7.34
C TRP D 360 -16.26 -38.20 -6.52
N LEU D 361 -17.37 -38.51 -7.19
CA LEU D 361 -18.52 -39.13 -6.54
C LEU D 361 -18.20 -40.52 -5.99
N GLY D 362 -17.45 -41.29 -6.78
CA GLY D 362 -16.99 -42.62 -6.38
C GLY D 362 -16.03 -42.57 -5.22
N TRP D 363 -15.13 -41.60 -5.26
CA TRP D 363 -14.19 -41.35 -4.16
C TRP D 363 -14.94 -40.94 -2.89
N PHE D 364 -15.99 -40.13 -3.07
CA PHE D 364 -16.82 -39.66 -1.97
C PHE D 364 -17.61 -40.80 -1.32
N GLU D 365 -18.06 -41.75 -2.14
CA GLU D 365 -18.74 -42.94 -1.64
C GLU D 365 -17.80 -43.82 -0.82
N ASP D 366 -16.53 -43.86 -1.24
CA ASP D 366 -15.50 -44.61 -0.53
C ASP D 366 -15.08 -43.92 0.77
N GLN D 367 -15.42 -42.63 0.89
CA GLN D 367 -15.19 -41.87 2.12
C GLN D 367 -16.39 -41.96 3.06
N ASN D 368 -17.30 -42.89 2.75
CA ASN D 368 -18.56 -43.08 3.49
C ASN D 368 -19.51 -41.89 3.41
N ARG D 369 -19.39 -41.11 2.34
CA ARG D 369 -20.21 -39.92 2.10
C ARG D 369 -20.17 -38.88 3.23
N LYS D 370 -18.98 -38.77 3.85
CA LYS D 370 -18.73 -37.78 4.90
C LYS D 370 -17.53 -36.92 4.49
N PRO D 371 -17.68 -35.59 4.54
CA PRO D 371 -16.56 -34.70 4.27
C PRO D 371 -15.36 -35.05 5.15
N THR D 372 -14.20 -35.25 4.50
CA THR D 372 -12.97 -35.64 5.19
C THR D 372 -12.39 -34.48 6.02
N PRO D 373 -11.43 -34.77 6.93
CA PRO D 373 -10.75 -33.72 7.68
C PRO D 373 -10.08 -32.67 6.79
N ASP D 374 -9.40 -33.14 5.73
CA ASP D 374 -8.74 -32.25 4.77
C ASP D 374 -9.77 -31.43 4.01
N MET D 375 -10.92 -32.04 3.75
CA MET D 375 -12.05 -31.38 3.10
C MET D 375 -12.57 -30.25 3.98
N MET D 376 -12.72 -30.54 5.27
CA MET D 376 -13.19 -29.54 6.26
C MET D 376 -12.11 -28.50 6.54
N GLN D 377 -10.85 -28.91 6.46
CA GLN D 377 -9.72 -28.00 6.65
C GLN D 377 -9.56 -27.02 5.49
N TYR D 378 -9.87 -27.49 4.28
CA TYR D 378 -9.84 -26.64 3.09
C TYR D 378 -10.85 -25.50 3.24
N ALA D 379 -12.04 -25.84 3.70
CA ALA D 379 -13.14 -24.89 3.87
C ALA D 379 -12.89 -23.93 5.03
N LYS D 380 -12.31 -24.45 6.12
CA LYS D 380 -11.98 -23.63 7.28
C LYS D 380 -11.00 -22.53 6.92
N ARG D 381 -9.94 -22.90 6.20
CA ARG D 381 -8.90 -21.96 5.78
C ARG D 381 -9.40 -20.91 4.81
N ALA D 382 -10.39 -21.26 4.01
CA ALA D 382 -10.99 -20.34 3.05
C ALA D 382 -11.86 -19.30 3.73
N VAL D 383 -12.60 -19.71 4.77
CA VAL D 383 -13.54 -18.81 5.45
C VAL D 383 -12.89 -17.93 6.53
N MET D 384 -11.89 -18.47 7.23
CA MET D 384 -11.14 -17.66 8.18
C MET D 384 -10.34 -16.62 7.41
N SER D 385 -10.23 -15.42 7.98
CA SER D 385 -9.65 -14.24 7.31
C SER D 385 -10.74 -13.33 6.74
N LEU D 386 -11.95 -13.87 6.57
CA LEU D 386 -13.09 -13.06 6.16
C LEU D 386 -13.52 -12.15 7.32
N GLN D 387 -13.33 -10.85 7.12
CA GLN D 387 -13.66 -9.86 8.13
C GLN D 387 -14.74 -8.91 7.63
N GLY D 388 -15.58 -8.43 8.54
CA GLY D 388 -16.64 -7.49 8.20
C GLY D 388 -17.80 -8.14 7.47
N LEU D 389 -18.16 -9.35 7.89
CA LEU D 389 -19.26 -10.09 7.30
C LEU D 389 -20.60 -9.60 7.79
N ARG D 390 -21.54 -9.47 6.87
CA ARG D 390 -22.88 -8.96 7.15
C ARG D 390 -23.83 -10.11 7.44
N GLU D 391 -24.80 -9.87 8.31
CA GLU D 391 -25.77 -10.88 8.72
C GLU D 391 -26.65 -11.31 7.53
N LYS D 392 -27.00 -12.60 7.51
CA LYS D 392 -27.86 -13.20 6.48
C LYS D 392 -27.23 -13.19 5.08
N THR D 393 -25.91 -13.39 5.04
CA THR D 393 -25.19 -13.51 3.77
C THR D 393 -24.48 -14.86 3.68
N ILE D 394 -24.20 -15.30 2.46
CA ILE D 394 -23.47 -16.54 2.22
C ILE D 394 -22.08 -16.52 2.87
N GLY D 395 -21.46 -15.34 2.90
CA GLY D 395 -20.18 -15.13 3.56
C GLY D 395 -20.19 -15.45 5.04
N LYS D 396 -21.16 -14.88 5.76
CA LYS D 396 -21.30 -15.09 7.20
C LYS D 396 -21.70 -16.53 7.53
N TYR D 397 -22.60 -17.09 6.73
CA TYR D 397 -23.00 -18.49 6.86
C TYR D 397 -21.80 -19.42 6.78
N ALA D 398 -20.96 -19.20 5.76
CA ALA D 398 -19.79 -20.04 5.51
C ALA D 398 -18.77 -20.00 6.64
N LYS D 399 -18.62 -18.84 7.27
CA LYS D 399 -17.68 -18.69 8.39
C LYS D 399 -18.18 -19.43 9.63
N SER D 400 -19.47 -19.25 9.95
CA SER D 400 -20.10 -19.96 11.07
C SER D 400 -20.12 -21.47 10.85
N GLU D 401 -20.25 -21.87 9.59
CA GLU D 401 -20.32 -23.29 9.23
C GLU D 401 -18.96 -24.00 9.36
N PHE D 402 -17.88 -23.33 8.97
CA PHE D 402 -16.57 -23.99 8.83
C PHE D 402 -15.47 -23.54 9.78
N ASP D 403 -15.55 -22.29 10.27
CA ASP D 403 -14.52 -21.76 11.16
C ASP D 403 -14.67 -22.29 12.59
N LYS D 404 -14.35 -23.57 12.75
CA LYS D 404 -14.43 -24.25 14.05
C LYS D 404 -13.22 -25.14 14.27
N GLY E 1 -12.88 -10.21 -27.18
CA GLY E 1 -13.68 -9.82 -25.99
C GLY E 1 -15.18 -9.77 -26.22
N ALA E 2 -15.63 -10.49 -27.27
CA ALA E 2 -17.04 -10.61 -27.64
C ALA E 2 -17.80 -9.27 -27.80
N MET E 3 -18.28 -8.71 -26.69
CA MET E 3 -18.97 -7.42 -26.69
C MET E 3 -18.23 -6.39 -25.84
N GLU E 4 -18.32 -5.12 -26.23
CA GLU E 4 -17.68 -3.99 -25.54
C GLU E 4 -16.16 -4.12 -25.47
N ASP E 5 -15.71 -5.32 -25.14
CA ASP E 5 -14.31 -5.63 -24.89
C ASP E 5 -13.44 -5.87 -26.14
N PRO E 6 -14.05 -6.09 -27.33
CA PRO E 6 -13.25 -6.22 -28.55
C PRO E 6 -12.05 -5.28 -28.59
N VAL E 7 -10.88 -5.86 -28.37
CA VAL E 7 -9.62 -5.15 -28.35
C VAL E 7 -9.33 -4.48 -29.68
N GLU E 8 -8.89 -3.23 -29.62
CA GLU E 8 -8.51 -2.49 -30.82
C GLU E 8 -7.00 -2.24 -30.81
N TYR E 9 -6.34 -2.62 -31.89
CA TYR E 9 -4.89 -2.53 -31.98
C TYR E 9 -4.41 -1.22 -32.58
N PRO E 10 -3.19 -0.78 -32.18
CA PRO E 10 -2.60 0.45 -32.72
C PRO E 10 -2.45 0.42 -34.24
N ALA E 11 -2.00 -0.71 -34.78
CA ALA E 11 -1.76 -0.87 -36.21
C ALA E 11 -3.04 -0.81 -37.05
N ASP E 12 -4.15 -1.25 -36.47
CA ASP E 12 -5.43 -1.28 -37.17
C ASP E 12 -6.03 0.10 -37.42
N TYR E 13 -5.66 1.06 -36.58
CA TYR E 13 -6.08 2.45 -36.76
C TYR E 13 -5.52 3.04 -38.04
N PHE E 14 -4.28 2.71 -38.35
CA PHE E 14 -3.56 3.26 -39.50
C PHE E 14 -3.92 2.57 -40.82
N ARG E 15 -4.63 1.44 -40.72
CA ARG E 15 -5.24 0.80 -41.88
C ARG E 15 -6.38 1.65 -42.41
N LYS E 16 -7.07 2.33 -41.49
CA LYS E 16 -8.26 3.12 -41.82
C LYS E 16 -7.96 4.59 -42.11
N SER E 17 -7.06 5.19 -41.33
CA SER E 17 -6.70 6.60 -41.49
C SER E 17 -5.19 6.82 -41.40
N LYS E 18 -4.69 7.75 -42.22
CA LYS E 18 -3.26 8.04 -42.29
C LYS E 18 -2.86 9.31 -41.53
N GLU E 19 -3.77 9.82 -40.70
CA GLU E 19 -3.52 11.04 -39.94
C GLU E 19 -4.27 11.10 -38.61
N ILE E 20 -3.71 11.81 -37.66
CA ILE E 20 -4.35 12.07 -36.37
C ILE E 20 -4.86 13.51 -36.33
N PRO E 21 -6.18 13.69 -36.44
CA PRO E 21 -6.77 15.04 -36.48
C PRO E 21 -6.81 15.71 -35.10
N LEU E 22 -6.16 16.87 -35.01
CA LEU E 22 -6.21 17.69 -33.80
C LEU E 22 -7.10 18.89 -34.05
N TYR E 23 -8.29 18.85 -33.45
CA TYR E 23 -9.26 19.93 -33.60
C TYR E 23 -8.91 21.08 -32.69
N ILE E 24 -8.07 21.99 -33.20
CA ILE E 24 -7.74 23.21 -32.50
C ILE E 24 -8.65 24.32 -33.03
N ASN E 25 -9.45 24.89 -32.12
CA ASN E 25 -10.56 25.75 -32.52
C ASN E 25 -10.25 27.24 -32.43
N THR E 26 -10.96 28.03 -33.25
CA THR E 26 -10.91 29.50 -33.28
C THR E 26 -9.56 30.09 -33.72
N THR E 27 -8.47 29.63 -33.09
CA THR E 27 -7.10 30.02 -33.45
C THR E 27 -6.95 31.54 -33.59
N LYS E 28 -7.09 32.24 -32.46
CA LYS E 28 -7.17 33.72 -32.47
C LYS E 28 -6.22 34.43 -31.48
N SER E 29 -4.99 34.68 -31.93
CA SER E 29 -3.99 35.48 -31.20
C SER E 29 -3.53 34.89 -29.85
N LEU E 30 -2.21 34.78 -29.70
CA LEU E 30 -1.62 34.24 -28.48
C LEU E 30 -1.79 35.19 -27.29
N SER E 31 -1.68 36.49 -27.54
CA SER E 31 -1.81 37.52 -26.49
C SER E 31 -3.14 37.48 -25.76
N ASP E 32 -4.23 37.31 -26.52
CA ASP E 32 -5.58 37.23 -25.96
C ASP E 32 -5.81 35.93 -25.18
N LEU E 33 -5.35 34.81 -25.75
CA LEU E 33 -5.49 33.49 -25.15
C LEU E 33 -4.67 33.35 -23.86
N ARG E 34 -3.52 34.01 -23.84
CA ARG E 34 -2.66 34.05 -22.65
C ARG E 34 -3.37 34.76 -21.49
N GLY E 35 -4.10 35.83 -21.82
CA GLY E 35 -4.93 36.54 -20.84
C GLY E 35 -6.11 35.71 -20.37
N TYR E 36 -6.70 34.94 -21.30
CA TYR E 36 -7.78 34.01 -20.98
C TYR E 36 -7.33 32.90 -20.03
N VAL E 37 -6.19 32.29 -20.34
CA VAL E 37 -5.66 31.18 -19.55
C VAL E 37 -5.16 31.65 -18.18
N TYR E 38 -4.30 32.67 -18.17
CA TYR E 38 -3.73 33.19 -16.92
C TYR E 38 -4.80 33.55 -15.90
N GLN E 39 -5.71 34.46 -16.28
CA GLN E 39 -6.79 34.88 -15.41
C GLN E 39 -7.82 33.78 -15.15
N GLY E 40 -8.01 32.91 -16.14
CA GLY E 40 -8.95 31.79 -16.03
C GLY E 40 -8.57 30.81 -14.93
N LEU E 41 -7.29 30.44 -14.92
CA LEU E 41 -6.74 29.56 -13.89
C LEU E 41 -6.82 30.22 -12.52
N LYS E 42 -6.42 31.48 -12.45
CA LYS E 42 -6.41 32.27 -11.22
C LYS E 42 -7.82 32.53 -10.70
N SER E 43 -8.77 32.63 -11.61
CA SER E 43 -10.18 32.88 -11.26
C SER E 43 -10.85 31.65 -10.66
N GLY E 44 -10.50 30.47 -11.18
CA GLY E 44 -11.08 29.22 -10.72
C GLY E 44 -11.85 28.49 -11.81
N ASN E 45 -11.91 29.09 -12.99
CA ASN E 45 -12.59 28.50 -14.15
C ASN E 45 -11.98 28.93 -15.48
N VAL E 46 -11.65 27.95 -16.32
CA VAL E 46 -11.12 28.21 -17.65
C VAL E 46 -11.63 27.19 -18.68
N SER E 47 -12.07 27.70 -19.82
CA SER E 47 -12.56 26.85 -20.91
C SER E 47 -11.43 26.04 -21.50
N ILE E 48 -11.69 24.75 -21.73
CA ILE E 48 -10.70 23.83 -22.28
C ILE E 48 -10.29 24.21 -23.71
N ILE E 49 -11.22 24.80 -24.45
CA ILE E 49 -10.97 25.27 -25.83
C ILE E 49 -9.90 26.36 -25.83
N HIS E 50 -9.95 27.25 -24.84
CA HIS E 50 -8.92 28.27 -24.65
C HIS E 50 -7.57 27.67 -24.28
N VAL E 51 -7.58 26.70 -23.36
CA VAL E 51 -6.38 25.99 -22.94
C VAL E 51 -5.75 25.29 -24.15
N ASN E 52 -6.57 24.60 -24.94
CA ASN E 52 -6.13 23.96 -26.17
C ASN E 52 -5.57 24.95 -27.18
N SER E 53 -6.35 25.98 -27.50
CA SER E 53 -5.94 27.01 -28.46
C SER E 53 -4.68 27.76 -28.04
N TYR E 54 -4.50 27.94 -26.73
CA TYR E 54 -3.28 28.53 -26.20
C TYR E 54 -2.10 27.56 -26.28
N LEU E 55 -2.33 26.31 -25.85
CA LEU E 55 -1.28 25.28 -25.86
C LEU E 55 -0.68 25.07 -27.24
N TYR E 56 -1.52 25.06 -28.27
CA TYR E 56 -1.07 24.96 -29.66
C TYR E 56 -0.16 26.13 -30.02
N GLY E 57 -0.67 27.35 -29.89
CA GLY E 57 0.04 28.57 -30.27
C GLY E 57 1.34 28.82 -29.53
N ALA E 58 1.46 28.28 -28.32
CA ALA E 58 2.66 28.46 -27.50
C ALA E 58 3.71 27.36 -27.74
N LEU E 59 3.30 26.28 -28.39
CA LEU E 59 4.18 25.13 -28.62
C LEU E 59 4.53 24.90 -30.09
N LYS E 60 4.36 25.92 -30.91
CA LYS E 60 4.68 25.82 -32.35
C LYS E 60 6.16 26.06 -32.63
N ASP E 61 7.03 25.58 -31.75
CA ASP E 61 8.47 25.65 -31.98
C ASP E 61 8.91 24.52 -32.92
N ILE E 62 9.33 24.89 -34.13
CA ILE E 62 9.83 23.93 -35.10
C ILE E 62 11.29 23.60 -34.74
N ARG E 63 11.46 23.09 -33.52
CA ARG E 63 12.78 22.82 -32.97
C ARG E 63 13.09 21.32 -32.99
N GLY E 64 14.35 20.98 -32.79
CA GLY E 64 14.78 19.59 -32.82
C GLY E 64 15.03 19.11 -34.24
N LYS E 65 16.28 18.74 -34.50
CA LYS E 65 16.69 18.24 -35.80
C LYS E 65 17.00 16.75 -35.72
N LEU E 66 16.37 15.98 -36.61
CA LEU E 66 16.55 14.53 -36.66
C LEU E 66 17.91 14.17 -37.25
N ASP E 67 18.59 13.21 -36.62
CA ASP E 67 19.82 12.64 -37.18
C ASP E 67 19.55 11.21 -37.67
N LYS E 68 18.31 10.76 -37.50
CA LYS E 68 17.85 9.46 -37.94
C LYS E 68 16.37 9.55 -38.29
N ASP E 69 15.93 8.69 -39.23
CA ASP E 69 14.57 8.74 -39.78
C ASP E 69 13.48 8.52 -38.72
N TRP E 70 12.29 9.03 -39.03
CA TRP E 70 11.14 9.00 -38.13
C TRP E 70 9.96 8.36 -38.89
N SER E 71 9.58 7.15 -38.47
CA SER E 71 8.43 6.46 -39.08
C SER E 71 7.79 5.43 -38.14
N SER E 72 6.47 5.39 -38.13
CA SER E 72 5.70 4.44 -37.31
C SER E 72 4.38 4.06 -37.97
N PHE E 73 4.17 2.75 -38.13
CA PHE E 73 2.97 2.18 -38.76
C PHE E 73 2.72 2.68 -40.20
N GLY E 74 3.81 2.99 -40.90
CA GLY E 74 3.73 3.46 -42.28
C GLY E 74 3.68 4.97 -42.44
N ILE E 75 3.53 5.67 -41.32
CA ILE E 75 3.51 7.13 -41.32
C ILE E 75 4.93 7.66 -41.22
N ASN E 76 5.37 8.35 -42.27
CA ASN E 76 6.71 8.97 -42.29
C ASN E 76 6.66 10.39 -41.77
N ILE E 77 7.04 10.56 -40.51
CA ILE E 77 7.00 11.86 -39.83
C ILE E 77 8.14 12.76 -40.30
N GLY E 78 9.35 12.19 -40.38
CA GLY E 78 10.52 12.92 -40.84
C GLY E 78 11.54 12.02 -41.51
N LYS E 79 12.34 12.61 -42.40
CA LYS E 79 13.35 11.87 -43.14
C LYS E 79 14.72 12.54 -43.04
N ALA E 80 15.73 11.76 -42.66
CA ALA E 80 17.13 12.20 -42.54
C ALA E 80 17.33 13.40 -41.60
N GLY E 81 17.84 14.51 -42.14
CA GLY E 81 18.13 15.70 -41.35
C GLY E 81 17.06 16.78 -41.42
N ASP E 82 15.82 16.39 -41.15
CA ASP E 82 14.68 17.31 -41.18
C ASP E 82 14.42 17.96 -39.83
N THR E 83 14.05 19.23 -39.86
CA THR E 83 13.67 19.97 -38.65
C THR E 83 12.14 20.02 -38.56
N ILE E 84 11.60 19.43 -37.50
CA ILE E 84 10.15 19.33 -37.32
C ILE E 84 9.68 19.84 -35.97
N GLY E 85 8.40 20.23 -35.89
CA GLY E 85 7.79 20.69 -34.64
C GLY E 85 7.00 19.59 -33.96
N ILE E 86 6.44 19.91 -32.80
CA ILE E 86 5.68 18.94 -32.00
C ILE E 86 4.34 18.58 -32.65
N PHE E 87 3.90 19.41 -33.60
CA PHE E 87 2.61 19.24 -34.26
C PHE E 87 2.69 18.60 -35.64
N ASP E 88 3.89 18.17 -36.03
CA ASP E 88 4.08 17.39 -37.25
C ASP E 88 3.65 15.93 -37.01
N LEU E 89 3.36 15.61 -35.76
CA LEU E 89 2.86 14.30 -35.36
C LEU E 89 1.33 14.22 -35.49
N VAL E 90 0.70 15.38 -35.67
CA VAL E 90 -0.76 15.47 -35.80
C VAL E 90 -1.18 16.25 -37.05
N SER E 91 -2.48 16.48 -37.21
CA SER E 91 -3.03 17.19 -38.36
C SER E 91 -4.25 18.05 -38.00
N LEU E 92 -4.55 19.03 -38.85
CA LEU E 92 -5.85 19.73 -38.87
C LEU E 92 -6.03 20.99 -38.01
N LYS E 93 -7.21 21.60 -38.17
CA LYS E 93 -7.68 22.79 -37.47
C LYS E 93 -9.19 22.88 -37.71
N ALA E 94 -9.96 23.21 -36.68
CA ALA E 94 -11.43 23.29 -36.81
C ALA E 94 -12.09 24.40 -35.99
N LEU E 95 -12.08 25.62 -36.52
CA LEU E 95 -12.74 26.79 -35.91
C LEU E 95 -14.24 26.54 -35.67
N ASP E 96 -14.73 26.99 -34.51
CA ASP E 96 -16.15 26.86 -34.16
C ASP E 96 -16.82 28.19 -33.80
N GLY E 97 -16.28 28.87 -32.80
CA GLY E 97 -16.88 30.08 -32.24
C GLY E 97 -16.89 30.00 -30.72
N VAL E 98 -15.99 30.75 -30.08
CA VAL E 98 -15.73 30.62 -28.64
C VAL E 98 -16.72 31.36 -27.72
N LEU E 99 -16.37 31.44 -26.45
CA LEU E 99 -17.21 32.01 -25.39
C LEU E 99 -16.39 32.84 -24.40
N PRO E 100 -17.02 33.85 -23.76
CA PRO E 100 -16.35 34.78 -22.83
C PRO E 100 -15.76 34.13 -21.56
N ASP E 101 -14.80 34.83 -20.96
CA ASP E 101 -14.10 34.42 -19.73
C ASP E 101 -13.29 35.61 -19.20
N GLY E 102 -12.84 35.52 -17.95
CA GLY E 102 -11.99 36.55 -17.34
C GLY E 102 -10.62 36.65 -17.98
N VAL E 103 -10.19 37.87 -18.27
CA VAL E 103 -8.92 38.12 -18.98
C VAL E 103 -8.04 39.14 -18.26
N SER E 104 -6.73 38.89 -18.29
CA SER E 104 -5.74 39.86 -17.83
C SER E 104 -4.97 40.41 -19.02
N ASP E 105 -4.97 41.74 -19.15
CA ASP E 105 -4.17 42.40 -20.17
C ASP E 105 -2.75 42.63 -19.65
N ALA E 106 -2.59 42.51 -18.34
CA ALA E 106 -1.29 42.67 -17.68
C ALA E 106 -0.32 41.52 -17.97
N SER E 107 -0.83 40.46 -18.60
CA SER E 107 -0.03 39.28 -18.92
C SER E 107 1.07 39.56 -19.96
N ARG E 108 2.18 38.85 -19.82
CA ARG E 108 3.39 39.16 -20.57
C ARG E 108 3.70 38.22 -21.74
N THR E 109 4.12 38.81 -22.84
CA THR E 109 4.55 38.09 -24.04
C THR E 109 5.87 37.34 -23.79
N SER E 110 6.60 37.77 -22.76
CA SER E 110 7.93 37.25 -22.45
C SER E 110 7.93 36.35 -21.22
N ALA E 111 7.49 36.91 -20.10
CA ALA E 111 7.52 36.25 -18.79
C ALA E 111 6.73 34.94 -18.77
N ASP E 112 5.51 34.99 -19.28
CA ASP E 112 4.68 33.81 -19.47
C ASP E 112 5.09 33.16 -20.78
N ASP E 113 4.60 31.94 -21.03
CA ASP E 113 4.89 31.16 -22.25
C ASP E 113 6.11 30.25 -22.13
N LYS E 114 7.01 30.57 -21.20
CA LYS E 114 8.20 29.74 -20.96
C LYS E 114 7.99 28.79 -19.78
N TRP E 115 6.90 28.97 -19.05
CA TRP E 115 6.53 28.10 -17.93
C TRP E 115 5.05 27.74 -17.93
N LEU E 116 4.22 28.61 -18.51
CA LEU E 116 2.76 28.44 -18.51
C LEU E 116 2.25 27.19 -19.23
N PRO E 117 2.80 26.89 -20.44
CA PRO E 117 2.41 25.64 -21.10
C PRO E 117 2.83 24.41 -20.29
N LEU E 118 3.96 24.53 -19.58
CA LEU E 118 4.44 23.49 -18.67
C LEU E 118 3.49 23.33 -17.47
N TYR E 119 2.96 24.45 -16.99
CA TYR E 119 2.02 24.44 -15.87
C TYR E 119 0.68 23.79 -16.24
N LEU E 120 0.21 24.05 -17.45
CA LEU E 120 -1.05 23.51 -17.95
C LEU E 120 -0.97 22.00 -18.21
N LEU E 121 0.11 21.57 -18.86
CA LEU E 121 0.35 20.17 -19.17
C LEU E 121 0.65 19.35 -17.91
N GLY E 122 1.20 20.01 -16.90
CA GLY E 122 1.47 19.38 -15.61
C GLY E 122 0.21 19.08 -14.82
N LEU E 123 -0.82 19.90 -15.04
CA LEU E 123 -2.13 19.70 -14.40
C LEU E 123 -2.82 18.43 -14.88
N TYR E 124 -2.34 17.88 -16.00
CA TYR E 124 -2.81 16.61 -16.52
C TYR E 124 -2.42 15.47 -15.56
N ARG E 125 -1.16 15.48 -15.11
CA ARG E 125 -0.64 14.45 -14.21
C ARG E 125 -1.26 14.53 -12.81
N VAL E 126 -1.46 15.76 -12.33
CA VAL E 126 -2.03 16.00 -11.00
C VAL E 126 -3.51 15.56 -10.94
N GLY E 127 -4.24 15.82 -12.03
CA GLY E 127 -5.67 15.51 -12.11
C GLY E 127 -5.99 14.02 -12.10
N ARG E 128 -5.11 13.21 -12.69
CA ARG E 128 -5.31 11.76 -12.78
C ARG E 128 -5.20 11.09 -11.42
N THR E 129 -4.36 11.66 -10.56
CA THR E 129 -4.16 11.20 -9.20
C THR E 129 -5.42 11.45 -8.36
N GLN E 130 -5.68 10.55 -7.42
CA GLN E 130 -6.90 10.63 -6.60
C GLN E 130 -6.63 10.85 -5.12
N MET E 131 -5.61 10.16 -4.60
CA MET E 131 -5.25 10.25 -3.18
C MET E 131 -4.65 11.63 -2.86
N PRO E 132 -5.37 12.42 -2.04
CA PRO E 132 -5.10 13.85 -1.78
C PRO E 132 -3.70 14.13 -1.22
N GLU E 133 -3.18 13.22 -0.41
CA GLU E 133 -1.84 13.36 0.16
C GLU E 133 -0.76 13.24 -0.91
N TYR E 134 -1.04 12.43 -1.94
CA TYR E 134 -0.10 12.23 -3.05
C TYR E 134 -0.30 13.25 -4.16
N ARG E 135 -1.50 13.83 -4.25
CA ARG E 135 -1.79 14.90 -5.20
C ARG E 135 -0.88 16.11 -4.98
N LYS E 136 -0.59 16.38 -3.70
CA LYS E 136 0.25 17.51 -3.31
C LYS E 136 1.71 17.31 -3.73
N LYS E 137 2.18 16.07 -3.65
CA LYS E 137 3.54 15.72 -4.04
C LYS E 137 3.86 16.10 -5.49
N LEU E 138 2.93 15.80 -6.39
CA LEU E 138 3.08 16.15 -7.81
C LEU E 138 2.87 17.64 -8.03
N MET E 139 1.99 18.24 -7.23
CA MET E 139 1.70 19.67 -7.29
C MET E 139 2.92 20.49 -6.88
N ASP E 140 3.60 20.06 -5.82
CA ASP E 140 4.81 20.71 -5.33
C ASP E 140 5.98 20.55 -6.30
N GLY E 141 6.06 19.38 -6.94
CA GLY E 141 7.04 19.13 -7.99
C GLY E 141 6.80 20.04 -9.18
N LEU E 142 5.53 20.22 -9.52
CA LEU E 142 5.11 21.13 -10.59
C LEU E 142 5.39 22.59 -10.24
N THR E 143 5.18 22.94 -8.97
CA THR E 143 5.48 24.29 -8.46
C THR E 143 6.97 24.58 -8.63
N ASN E 144 7.81 23.61 -8.28
CA ASN E 144 9.26 23.72 -8.43
C ASN E 144 9.68 23.83 -9.89
N GLN E 145 9.10 23.00 -10.75
CA GLN E 145 9.45 22.95 -12.16
C GLN E 145 9.28 24.28 -12.87
N CYS E 146 8.20 25.00 -12.54
CA CYS E 146 7.93 26.32 -13.10
C CYS E 146 8.75 27.40 -12.39
N LYS E 147 9.05 27.17 -11.10
CA LYS E 147 9.91 28.06 -10.33
C LYS E 147 11.35 27.96 -10.82
N MET E 148 11.66 26.86 -11.51
CA MET E 148 12.93 26.68 -12.20
C MET E 148 13.02 27.57 -13.44
N ILE E 149 11.86 28.02 -13.94
CA ILE E 149 11.82 29.04 -14.98
C ILE E 149 11.45 30.41 -14.38
N ASN E 150 12.16 30.77 -13.30
CA ASN E 150 12.10 32.11 -12.70
C ASN E 150 10.74 32.48 -12.10
N GLU E 151 10.54 33.79 -11.91
CA GLU E 151 9.25 34.41 -11.55
C GLU E 151 8.80 34.18 -10.09
N GLN E 152 9.55 33.39 -9.33
CA GLN E 152 9.10 32.87 -8.04
C GLN E 152 7.66 32.37 -8.19
N PHE E 153 7.45 31.55 -9.21
CA PHE E 153 6.13 31.06 -9.60
C PHE E 153 5.32 30.57 -8.39
N GLU E 154 4.08 31.05 -8.30
CA GLU E 154 3.17 30.63 -7.26
C GLU E 154 1.89 30.11 -7.92
N PRO E 155 1.48 28.86 -7.58
CA PRO E 155 0.37 28.17 -8.25
C PRO E 155 -0.82 29.08 -8.53
N LEU E 156 -1.23 29.14 -9.80
CA LEU E 156 -2.33 29.99 -10.23
C LEU E 156 -3.69 29.47 -9.77
N VAL E 157 -3.90 28.17 -9.95
CA VAL E 157 -5.18 27.53 -9.61
C VAL E 157 -5.39 27.48 -8.10
N PRO E 158 -6.54 28.00 -7.62
CA PRO E 158 -6.91 27.89 -6.21
C PRO E 158 -7.24 26.45 -5.83
N GLU E 159 -7.53 26.22 -4.56
CA GLU E 159 -7.79 24.86 -4.05
C GLU E 159 -9.13 24.28 -4.52
N GLY E 160 -9.76 24.93 -5.50
CA GLY E 160 -10.98 24.44 -6.13
C GLY E 160 -10.75 23.09 -6.79
N ARG E 161 -9.69 23.01 -7.60
CA ARG E 161 -9.16 21.75 -8.13
C ARG E 161 -10.05 20.95 -9.08
N ASP E 162 -11.35 21.28 -9.12
CA ASP E 162 -12.32 20.55 -9.94
C ASP E 162 -12.05 20.68 -11.44
N ILE E 163 -11.51 21.83 -11.84
CA ILE E 163 -11.41 22.19 -13.25
C ILE E 163 -10.44 21.36 -14.10
N PHE E 164 -9.26 21.03 -13.58
CA PHE E 164 -8.26 20.31 -14.36
C PHE E 164 -8.36 18.79 -14.31
N ASP E 165 -9.23 18.27 -13.45
CA ASP E 165 -9.48 16.83 -13.38
C ASP E 165 -10.36 16.33 -14.52
N VAL E 166 -11.15 17.24 -15.09
CA VAL E 166 -12.05 16.92 -16.21
C VAL E 166 -11.33 17.05 -17.55
N TRP E 167 -10.19 17.75 -17.54
CA TRP E 167 -9.37 17.99 -18.73
C TRP E 167 -8.97 16.70 -19.44
N GLY E 168 -8.73 15.65 -18.67
CA GLY E 168 -8.33 14.34 -19.19
C GLY E 168 -9.40 13.66 -20.04
N ASN E 169 -10.58 14.27 -20.12
CA ASN E 169 -11.68 13.76 -20.93
C ASN E 169 -11.83 14.50 -22.25
N ASP E 170 -11.04 15.55 -22.45
CA ASP E 170 -11.03 16.28 -23.71
C ASP E 170 -10.20 15.55 -24.75
N SER E 171 -10.81 15.31 -25.91
CA SER E 171 -10.19 14.56 -27.01
C SER E 171 -8.93 15.23 -27.55
N ASN E 172 -8.91 16.55 -27.53
CA ASN E 172 -7.82 17.32 -28.14
C ASN E 172 -6.71 17.67 -27.15
N TYR E 173 -7.08 17.88 -25.89
CA TYR E 173 -6.12 18.16 -24.83
C TYR E 173 -5.11 17.02 -24.70
N THR E 174 -5.62 15.80 -24.64
CA THR E 174 -4.79 14.59 -24.48
C THR E 174 -3.92 14.31 -25.71
N LYS E 175 -4.35 14.80 -26.87
CA LYS E 175 -3.57 14.66 -28.10
C LYS E 175 -2.33 15.56 -28.10
N ILE E 176 -2.45 16.73 -27.48
CA ILE E 176 -1.31 17.63 -27.29
C ILE E 176 -0.37 17.04 -26.24
N VAL E 177 -0.95 16.48 -25.17
CA VAL E 177 -0.21 15.77 -24.13
C VAL E 177 0.65 14.66 -24.74
N ALA E 178 0.06 13.91 -25.68
CA ALA E 178 0.75 12.83 -26.37
C ALA E 178 1.78 13.35 -27.37
N ALA E 179 1.46 14.45 -28.03
CA ALA E 179 2.36 15.07 -29.00
C ALA E 179 3.62 15.62 -28.31
N VAL E 180 3.43 16.27 -27.18
CA VAL E 180 4.53 16.84 -26.38
C VAL E 180 5.48 15.75 -25.88
N ASP E 181 4.91 14.71 -25.26
CA ASP E 181 5.71 13.62 -24.70
C ASP E 181 6.47 12.84 -25.77
N MET E 182 5.78 12.51 -26.86
CA MET E 182 6.38 11.78 -27.98
C MET E 182 7.50 12.59 -28.63
N PHE E 183 7.30 13.91 -28.73
CA PHE E 183 8.28 14.79 -29.33
C PHE E 183 9.56 14.90 -28.50
N PHE E 184 9.42 15.22 -27.22
CA PHE E 184 10.58 15.35 -26.33
C PHE E 184 11.09 14.00 -25.83
N HIS E 185 10.54 12.92 -26.38
CA HIS E 185 11.13 11.60 -26.23
C HIS E 185 12.22 11.43 -27.29
N MET E 186 11.97 11.97 -28.48
CA MET E 186 12.94 11.96 -29.56
C MET E 186 14.06 12.95 -29.27
N PHE E 187 13.68 14.11 -28.77
CA PHE E 187 14.64 15.17 -28.43
C PHE E 187 14.67 15.38 -26.92
N LYS E 188 15.24 14.41 -26.21
CA LYS E 188 15.32 14.44 -24.75
C LYS E 188 16.34 15.44 -24.22
N LYS E 189 17.21 15.92 -25.10
CA LYS E 189 18.22 16.93 -24.75
C LYS E 189 17.76 18.35 -25.09
N HIS E 190 16.55 18.48 -25.64
CA HIS E 190 16.00 19.78 -26.03
C HIS E 190 15.69 20.68 -24.83
N GLU E 191 15.81 21.99 -25.05
CA GLU E 191 15.59 23.02 -24.03
C GLU E 191 14.25 22.89 -23.30
N CYS E 192 13.19 22.56 -24.06
CA CYS E 192 11.85 22.42 -23.51
C CYS E 192 11.46 20.96 -23.22
N ALA E 193 12.46 20.13 -22.91
CA ALA E 193 12.23 18.73 -22.55
C ALA E 193 11.58 18.59 -21.17
N SER E 194 11.68 19.65 -20.37
CA SER E 194 11.09 19.69 -19.03
C SER E 194 9.55 19.67 -19.08
N PHE E 195 8.99 20.07 -20.21
CA PHE E 195 7.55 20.06 -20.46
C PHE E 195 6.96 18.65 -20.32
N ARG E 196 7.83 17.66 -20.23
CA ARG E 196 7.45 16.26 -20.07
C ARG E 196 7.14 15.86 -18.63
N TYR E 197 7.13 16.84 -17.72
CA TYR E 197 6.82 16.58 -16.32
C TYR E 197 5.45 15.92 -16.19
N GLY E 198 4.45 16.54 -16.80
CA GLY E 198 3.07 16.06 -16.70
C GLY E 198 2.63 15.15 -17.82
N THR E 199 3.39 15.09 -18.90
CA THR E 199 3.01 14.32 -20.08
C THR E 199 3.60 12.90 -20.10
N ILE E 200 4.53 12.62 -19.18
CA ILE E 200 5.17 11.30 -19.08
C ILE E 200 4.16 10.18 -18.82
N VAL E 201 3.09 10.49 -18.07
CA VAL E 201 2.07 9.51 -17.72
C VAL E 201 1.10 9.17 -18.87
N SER E 202 1.24 9.88 -20.00
CA SER E 202 0.48 9.58 -21.20
C SER E 202 1.11 8.42 -21.96
N ARG E 203 2.39 8.18 -21.69
CA ARG E 203 3.17 7.11 -22.33
C ARG E 203 2.91 5.76 -21.64
N PHE E 204 2.53 4.78 -22.46
CA PHE E 204 2.16 3.43 -21.97
C PHE E 204 0.95 3.47 -21.03
N LYS E 205 0.10 4.48 -21.22
CA LYS E 205 -1.13 4.63 -20.46
C LYS E 205 -2.07 3.46 -20.77
N ASP E 206 -2.63 2.88 -19.71
CA ASP E 206 -3.55 1.73 -19.81
C ASP E 206 -2.87 0.51 -20.46
N CYS E 207 -1.59 0.32 -20.13
CA CYS E 207 -0.82 -0.82 -20.60
C CYS E 207 -0.14 -1.49 -19.41
N ALA E 208 -0.94 -1.79 -18.39
CA ALA E 208 -0.42 -2.31 -17.11
C ALA E 208 0.10 -3.75 -17.20
N ALA E 209 -0.47 -4.53 -18.12
CA ALA E 209 -0.08 -5.94 -18.29
C ALA E 209 1.31 -6.08 -18.91
N LEU E 210 1.67 -5.14 -19.80
CA LEU E 210 3.03 -5.09 -20.35
C LEU E 210 4.03 -4.62 -19.29
N ALA E 211 3.56 -3.73 -18.41
CA ALA E 211 4.35 -3.27 -17.27
C ALA E 211 4.53 -4.40 -16.25
N THR E 212 3.48 -5.20 -16.08
CA THR E 212 3.53 -6.38 -15.22
C THR E 212 4.49 -7.41 -15.78
N PHE E 213 4.43 -7.61 -17.10
CA PHE E 213 5.35 -8.53 -17.79
C PHE E 213 6.80 -8.11 -17.60
N GLY E 214 7.03 -6.80 -17.58
CA GLY E 214 8.34 -6.23 -17.33
C GLY E 214 8.78 -6.33 -15.88
N HIS E 215 7.84 -6.11 -14.97
CA HIS E 215 8.09 -6.21 -13.52
C HIS E 215 8.55 -7.62 -13.17
N LEU E 216 7.81 -8.61 -13.66
CA LEU E 216 8.07 -10.02 -13.39
C LEU E 216 9.42 -10.47 -13.93
N CYS E 217 9.81 -9.95 -15.10
CA CYS E 217 11.09 -10.28 -15.72
C CYS E 217 12.28 -9.76 -14.92
N LYS E 218 12.08 -8.65 -14.21
CA LYS E 218 13.12 -8.03 -13.40
C LYS E 218 13.28 -8.71 -12.04
N ILE E 219 12.15 -9.03 -11.40
CA ILE E 219 12.15 -9.67 -10.08
C ILE E 219 12.70 -11.10 -10.13
N THR E 220 12.32 -11.84 -11.19
CA THR E 220 12.82 -13.20 -11.41
C THR E 220 14.25 -13.20 -11.93
N GLY E 221 14.57 -12.18 -12.73
CA GLY E 221 15.87 -12.09 -13.39
C GLY E 221 15.96 -12.95 -14.62
N MET E 222 14.81 -13.16 -15.25
CA MET E 222 14.69 -14.02 -16.43
C MET E 222 14.32 -13.23 -17.67
N SER E 223 14.53 -13.84 -18.83
CA SER E 223 14.16 -13.25 -20.12
C SER E 223 12.64 -13.35 -20.35
N THR E 224 12.15 -12.59 -21.34
CA THR E 224 10.74 -12.65 -21.74
C THR E 224 10.38 -14.07 -22.21
N GLU E 225 11.30 -14.71 -22.93
CA GLU E 225 11.13 -16.07 -23.41
C GLU E 225 11.00 -17.06 -22.25
N ASP E 226 11.93 -16.98 -21.30
CA ASP E 226 11.99 -17.90 -20.15
C ASP E 226 10.81 -17.75 -19.19
N VAL E 227 10.32 -16.52 -19.03
CA VAL E 227 9.13 -16.27 -18.21
C VAL E 227 7.90 -16.93 -18.84
N THR E 228 7.80 -16.81 -20.16
CA THR E 228 6.66 -17.33 -20.92
C THR E 228 6.52 -18.86 -20.82
N THR E 229 7.65 -19.56 -20.70
CA THR E 229 7.64 -21.01 -20.55
C THR E 229 7.04 -21.44 -19.21
N TRP E 230 7.12 -20.54 -18.23
CA TRP E 230 6.62 -20.80 -16.88
C TRP E 230 5.13 -20.52 -16.69
N ILE E 231 4.46 -20.16 -17.78
CA ILE E 231 3.01 -20.00 -17.79
C ILE E 231 2.37 -21.38 -17.82
N LEU E 232 1.56 -21.67 -16.81
CA LEU E 232 0.99 -23.01 -16.61
C LEU E 232 -0.54 -23.04 -16.70
N ASN E 233 -1.13 -21.86 -16.92
CA ASN E 233 -2.58 -21.74 -17.08
C ASN E 233 -2.94 -21.31 -18.50
N ARG E 234 -4.04 -21.85 -19.02
CA ARG E 234 -4.46 -21.59 -20.39
C ARG E 234 -4.90 -20.14 -20.63
N GLU E 235 -5.68 -19.58 -19.70
CA GLU E 235 -6.17 -18.21 -19.85
C GLU E 235 -5.03 -17.18 -19.85
N VAL E 236 -4.00 -17.43 -19.04
CA VAL E 236 -2.80 -16.60 -19.03
C VAL E 236 -2.09 -16.70 -20.38
N ALA E 237 -2.03 -17.92 -20.92
CA ALA E 237 -1.43 -18.19 -22.22
C ALA E 237 -2.20 -17.52 -23.36
N ASP E 238 -3.52 -17.61 -23.31
CA ASP E 238 -4.40 -16.97 -24.29
C ASP E 238 -4.24 -15.45 -24.26
N GLU E 239 -4.12 -14.89 -23.06
CA GLU E 239 -3.91 -13.45 -22.87
C GLU E 239 -2.51 -13.01 -23.29
N MET E 240 -1.55 -13.93 -23.20
CA MET E 240 -0.17 -13.66 -23.60
C MET E 240 -0.07 -13.46 -25.12
N VAL E 241 -0.74 -14.32 -25.87
CA VAL E 241 -0.78 -14.23 -27.34
C VAL E 241 -1.46 -12.92 -27.76
N GLN E 242 -2.53 -12.55 -27.06
CA GLN E 242 -3.24 -11.30 -27.30
C GLN E 242 -2.29 -10.11 -27.17
N MET E 243 -1.42 -10.15 -26.16
CA MET E 243 -0.44 -9.11 -25.93
C MET E 243 0.69 -9.13 -26.96
N MET E 244 1.07 -10.33 -27.41
CA MET E 244 2.25 -10.52 -28.25
C MET E 244 1.95 -10.64 -29.74
N LEU E 245 0.80 -10.13 -30.18
CA LEU E 245 0.44 -10.13 -31.60
C LEU E 245 1.43 -9.27 -32.39
N PRO E 246 1.96 -9.80 -33.49
CA PRO E 246 2.98 -9.11 -34.31
C PRO E 246 2.49 -7.83 -34.98
N GLY E 247 3.44 -6.94 -35.27
CA GLY E 247 3.17 -5.71 -36.02
C GLY E 247 2.47 -4.61 -35.24
N GLN E 248 2.80 -4.49 -33.95
CA GLN E 248 2.21 -3.46 -33.10
C GLN E 248 3.26 -2.52 -32.51
N GLU E 249 4.52 -2.73 -32.89
CA GLU E 249 5.66 -1.88 -32.51
C GLU E 249 5.79 -1.66 -31.01
N ILE E 250 5.55 -2.72 -30.23
CA ILE E 250 5.59 -2.63 -28.77
C ILE E 250 7.01 -2.54 -28.21
N ASP E 251 7.99 -2.91 -29.04
CA ASP E 251 9.40 -2.82 -28.66
C ASP E 251 10.08 -1.55 -29.19
N LYS E 252 9.42 -0.86 -30.11
CA LYS E 252 9.92 0.39 -30.67
C LYS E 252 9.73 1.54 -29.68
N ALA E 253 10.84 2.14 -29.26
CA ALA E 253 10.82 3.28 -28.33
C ALA E 253 10.23 4.52 -29.00
N ASP E 254 10.64 4.76 -30.24
CA ASP E 254 10.09 5.85 -31.04
C ASP E 254 8.91 5.33 -31.88
N SER E 255 7.72 5.38 -31.29
CA SER E 255 6.51 4.87 -31.93
C SER E 255 5.25 5.58 -31.43
N TYR E 256 4.16 5.42 -32.18
CA TYR E 256 2.85 5.94 -31.77
C TYR E 256 2.16 5.04 -30.75
N MET E 257 2.64 3.80 -30.63
CA MET E 257 1.96 2.76 -29.86
C MET E 257 1.78 3.05 -28.35
N PRO E 258 2.77 3.70 -27.70
CA PRO E 258 2.58 3.99 -26.27
C PRO E 258 1.41 4.94 -25.94
N TYR E 259 1.03 5.77 -26.90
CA TYR E 259 -0.03 6.77 -26.71
C TYR E 259 -1.31 6.38 -27.43
N LEU E 260 -1.56 5.07 -27.50
CA LEU E 260 -2.72 4.54 -28.22
C LEU E 260 -4.05 5.02 -27.63
N ILE E 261 -4.09 5.19 -26.31
CA ILE E 261 -5.28 5.67 -25.62
C ILE E 261 -5.46 7.18 -25.81
N ASP E 262 -4.40 7.94 -25.56
CA ASP E 262 -4.46 9.41 -25.61
C ASP E 262 -4.52 9.99 -27.03
N PHE E 263 -3.99 9.27 -28.01
CA PHE E 263 -4.11 9.67 -29.42
C PHE E 263 -5.45 9.23 -30.02
N GLY E 264 -6.16 8.36 -29.32
CA GLY E 264 -7.43 7.81 -29.79
C GLY E 264 -7.24 6.77 -30.87
N LEU E 265 -6.15 6.02 -30.79
CA LEU E 265 -5.85 4.96 -31.75
C LEU E 265 -6.58 3.68 -31.35
N SER E 266 -6.90 3.57 -30.06
CA SER E 266 -7.56 2.39 -29.52
C SER E 266 -8.60 2.77 -28.46
N SER E 267 -9.82 2.27 -28.63
CA SER E 267 -10.88 2.47 -27.64
C SER E 267 -10.69 1.50 -26.47
N LYS E 268 -10.33 0.26 -26.81
CA LYS E 268 -10.00 -0.75 -25.81
C LYS E 268 -8.57 -1.23 -25.99
N SER E 269 -7.75 -1.03 -24.96
CA SER E 269 -6.35 -1.43 -25.00
C SER E 269 -6.19 -2.95 -24.90
N PRO E 270 -5.27 -3.52 -25.70
CA PRO E 270 -4.93 -4.95 -25.61
C PRO E 270 -4.07 -5.24 -24.38
N TYR E 271 -3.35 -4.21 -23.93
CA TYR E 271 -2.29 -4.37 -22.94
C TYR E 271 -2.71 -3.90 -21.55
N SER E 272 -3.99 -3.56 -21.40
CA SER E 272 -4.54 -3.15 -20.12
C SER E 272 -4.67 -4.34 -19.17
N SER E 273 -4.50 -4.08 -17.88
CA SER E 273 -4.62 -5.10 -16.84
C SER E 273 -6.03 -5.69 -16.78
N VAL E 274 -7.01 -4.88 -17.16
CA VAL E 274 -8.42 -5.27 -17.13
C VAL E 274 -8.72 -6.29 -18.23
N LYS E 275 -8.00 -6.18 -19.34
CA LYS E 275 -8.17 -7.09 -20.47
C LYS E 275 -7.21 -8.29 -20.39
N ASN E 276 -6.28 -8.23 -19.44
CA ASN E 276 -5.41 -9.36 -19.13
C ASN E 276 -5.46 -9.69 -17.63
N PRO E 277 -6.65 -10.01 -17.10
CA PRO E 277 -6.79 -10.17 -15.65
C PRO E 277 -6.06 -11.39 -15.09
N ALA E 278 -6.01 -12.47 -15.88
CA ALA E 278 -5.34 -13.71 -15.47
C ALA E 278 -3.83 -13.54 -15.40
N PHE E 279 -3.25 -12.92 -16.43
CA PHE E 279 -1.82 -12.63 -16.47
C PHE E 279 -1.42 -11.64 -15.38
N HIS E 280 -2.27 -10.64 -15.15
CA HIS E 280 -2.00 -9.61 -14.15
C HIS E 280 -2.00 -10.19 -12.73
N PHE E 281 -2.97 -11.05 -12.45
CA PHE E 281 -3.05 -11.71 -11.14
C PHE E 281 -1.86 -12.62 -10.91
N TRP E 282 -1.61 -13.51 -11.87
CA TRP E 282 -0.51 -14.47 -11.80
C TRP E 282 0.84 -13.77 -11.72
N GLY E 283 1.05 -12.79 -12.59
CA GLY E 283 2.30 -12.03 -12.65
C GLY E 283 2.59 -11.26 -11.38
N GLN E 284 1.61 -10.53 -10.88
CA GLN E 284 1.78 -9.72 -9.67
C GLN E 284 1.89 -10.53 -8.38
N LEU E 285 1.18 -11.65 -8.31
CA LEU E 285 1.27 -12.54 -7.14
C LEU E 285 2.64 -13.20 -7.03
N THR E 286 3.11 -13.76 -8.16
CA THR E 286 4.43 -14.37 -8.22
C THR E 286 5.51 -13.36 -7.83
N ALA E 287 5.39 -12.15 -8.37
CA ALA E 287 6.34 -11.07 -8.09
C ALA E 287 6.35 -10.67 -6.62
N LEU E 288 5.16 -10.66 -6.01
CA LEU E 288 5.01 -10.30 -4.59
C LEU E 288 5.68 -11.34 -3.68
N LEU E 289 5.52 -12.62 -4.04
CA LEU E 289 6.13 -13.71 -3.29
C LEU E 289 7.65 -13.67 -3.41
N LEU E 290 8.14 -12.99 -4.43
CA LEU E 290 9.58 -12.83 -4.67
C LEU E 290 10.11 -11.47 -4.21
N ARG E 291 9.43 -10.89 -3.21
CA ARG E 291 9.91 -9.72 -2.45
C ARG E 291 9.69 -8.35 -3.12
N SER E 292 8.62 -8.23 -3.90
CA SER E 292 8.27 -6.95 -4.52
C SER E 292 7.60 -6.01 -3.51
N THR E 293 8.00 -4.74 -3.55
CA THR E 293 7.45 -3.72 -2.67
C THR E 293 6.27 -2.98 -3.30
N ARG E 294 6.08 -3.19 -4.60
CA ARG E 294 5.01 -2.54 -5.37
C ARG E 294 3.82 -3.44 -5.64
N ALA E 295 4.07 -4.75 -5.67
CA ALA E 295 3.06 -5.74 -6.01
C ALA E 295 1.95 -5.86 -4.98
N ARG E 296 2.24 -5.46 -3.75
CA ARG E 296 1.29 -5.53 -2.64
C ARG E 296 0.03 -4.68 -2.85
N ASN E 297 0.18 -3.57 -3.58
CA ASN E 297 -0.93 -2.64 -3.83
C ASN E 297 -1.67 -2.89 -5.13
N ALA E 298 -1.22 -3.88 -5.90
CA ALA E 298 -1.79 -4.20 -7.20
C ALA E 298 -3.25 -4.63 -7.08
N ARG E 299 -4.06 -4.20 -8.05
CA ARG E 299 -5.50 -4.45 -8.06
C ARG E 299 -5.83 -5.91 -8.33
N GLN E 300 -6.52 -6.55 -7.39
CA GLN E 300 -6.95 -7.93 -7.53
C GLN E 300 -8.14 -8.03 -8.48
N PRO E 301 -7.94 -8.64 -9.67
CA PRO E 301 -8.97 -8.69 -10.71
C PRO E 301 -10.13 -9.60 -10.34
N ASP E 302 -11.26 -9.41 -11.02
CA ASP E 302 -12.47 -10.17 -10.80
C ASP E 302 -12.67 -11.21 -11.90
N ASP E 303 -13.41 -12.28 -11.57
CA ASP E 303 -13.76 -13.35 -12.52
C ASP E 303 -12.55 -14.06 -13.12
N ILE E 304 -11.68 -14.55 -12.24
CA ILE E 304 -10.50 -15.32 -12.64
C ILE E 304 -10.34 -16.53 -11.72
N GLU E 305 -9.54 -17.50 -12.16
CA GLU E 305 -9.33 -18.74 -11.43
C GLU E 305 -8.33 -18.55 -10.28
N TYR E 306 -8.76 -17.88 -9.22
CA TYR E 306 -7.89 -17.57 -8.07
C TYR E 306 -7.10 -18.78 -7.58
N THR E 307 -7.80 -19.88 -7.29
CA THR E 307 -7.18 -21.09 -6.75
C THR E 307 -6.08 -21.65 -7.65
N SER E 308 -6.39 -21.81 -8.93
CA SER E 308 -5.46 -22.40 -9.90
C SER E 308 -4.28 -21.50 -10.22
N LEU E 309 -4.55 -20.20 -10.38
CA LEU E 309 -3.52 -19.21 -10.68
C LEU E 309 -2.55 -19.02 -9.52
N THR E 310 -3.00 -19.35 -8.31
CA THR E 310 -2.19 -19.27 -7.10
C THR E 310 -1.18 -20.41 -7.02
N THR E 311 -1.59 -21.60 -7.44
CA THR E 311 -0.72 -22.79 -7.44
C THR E 311 0.41 -22.65 -8.46
N ALA E 312 0.10 -22.06 -9.62
CA ALA E 312 1.09 -21.82 -10.66
C ALA E 312 2.05 -20.70 -10.28
N GLY E 313 1.54 -19.71 -9.55
CA GLY E 313 2.34 -18.60 -9.05
C GLY E 313 3.26 -19.02 -7.92
N LEU E 314 2.78 -19.92 -7.08
CA LEU E 314 3.55 -20.44 -5.95
C LEU E 314 4.71 -21.32 -6.42
N LEU E 315 4.43 -22.21 -7.38
CA LEU E 315 5.45 -23.10 -7.92
C LEU E 315 6.56 -22.32 -8.63
N TYR E 316 6.16 -21.29 -9.38
CA TYR E 316 7.10 -20.42 -10.08
C TYR E 316 7.96 -19.62 -9.10
N ALA E 317 7.32 -19.05 -8.08
CA ALA E 317 8.04 -18.30 -7.05
C ALA E 317 8.96 -19.18 -6.21
N TYR E 318 8.51 -20.40 -5.94
CA TYR E 318 9.28 -21.37 -5.16
C TYR E 318 10.49 -21.89 -5.93
N ALA E 319 10.37 -21.94 -7.26
CA ALA E 319 11.47 -22.34 -8.12
C ALA E 319 12.57 -21.29 -8.16
N VAL E 320 12.17 -20.02 -8.27
CA VAL E 320 13.12 -18.90 -8.26
C VAL E 320 13.75 -18.73 -6.88
N GLY E 321 12.93 -18.86 -5.83
CA GLY E 321 13.38 -18.68 -4.46
C GLY E 321 14.32 -19.75 -3.94
N SER E 322 14.15 -20.97 -4.43
CA SER E 322 14.98 -22.11 -4.02
C SER E 322 16.22 -22.27 -4.89
N SER E 323 16.16 -21.72 -6.10
CA SER E 323 17.27 -21.81 -7.04
C SER E 323 17.90 -20.44 -7.29
N ALA E 324 18.52 -19.87 -6.26
CA ALA E 324 19.32 -18.67 -6.40
C ALA E 324 20.62 -19.08 -7.07
N ASP E 325 20.63 -19.05 -8.40
CA ASP E 325 21.74 -19.58 -9.18
C ASP E 325 23.00 -18.73 -9.03
N LEU E 326 23.81 -19.09 -8.05
CA LEU E 326 25.04 -18.37 -7.75
C LEU E 326 26.26 -19.04 -8.38
N ALA E 327 27.06 -18.25 -9.08
CA ALA E 327 28.29 -18.73 -9.71
C ALA E 327 29.34 -17.63 -9.77
N GLN E 328 30.60 -18.03 -9.88
CA GLN E 328 31.72 -17.09 -9.97
C GLN E 328 31.59 -16.15 -11.16
N GLN E 329 31.89 -14.88 -10.92
CA GLN E 329 31.88 -13.87 -11.98
C GLN E 329 33.30 -13.36 -12.25
N PHE E 330 34.12 -13.34 -11.20
CA PHE E 330 35.51 -12.90 -11.28
C PHE E 330 36.41 -13.82 -10.45
N CYS E 331 37.64 -14.03 -10.91
CA CYS E 331 38.60 -14.90 -10.24
C CYS E 331 40.03 -14.34 -10.27
N VAL E 332 40.77 -14.53 -9.18
CA VAL E 332 42.15 -14.05 -9.09
C VAL E 332 43.15 -14.86 -9.94
N GLY E 333 42.70 -15.31 -11.11
CA GLY E 333 43.51 -16.14 -11.99
C GLY E 333 43.65 -17.56 -11.45
N ASP E 334 43.40 -18.54 -12.31
CA ASP E 334 43.51 -19.97 -11.97
C ASP E 334 42.42 -20.50 -11.03
N ASN E 335 42.26 -19.87 -9.86
CA ASN E 335 41.28 -20.32 -8.87
C ASN E 335 39.83 -20.12 -9.34
N LYS E 336 39.34 -21.10 -10.09
CA LYS E 336 38.01 -21.03 -10.68
C LYS E 336 37.08 -22.10 -10.10
N TYR E 337 35.78 -21.83 -10.13
CA TYR E 337 34.78 -22.77 -9.64
C TYR E 337 34.01 -23.43 -10.78
N THR E 338 34.02 -24.77 -10.78
CA THR E 338 33.25 -25.57 -11.71
C THR E 338 32.38 -26.55 -10.91
N PRO E 339 31.05 -26.46 -11.06
CA PRO E 339 30.11 -27.22 -10.23
C PRO E 339 29.86 -28.65 -10.72
N ASP E 340 28.58 -29.05 -10.70
CA ASP E 340 28.13 -30.39 -11.10
C ASP E 340 28.72 -31.52 -10.24
N ASP E 341 28.86 -31.26 -8.94
CA ASP E 341 29.22 -32.29 -7.98
C ASP E 341 27.93 -32.93 -7.46
N SER E 342 27.82 -34.24 -7.68
CA SER E 342 26.59 -35.01 -7.39
C SER E 342 25.41 -34.60 -8.28
N THR E 343 24.91 -33.37 -8.10
CA THR E 343 23.70 -32.85 -8.77
C THR E 343 22.44 -33.73 -8.63
N GLY E 344 22.60 -34.89 -8.01
CA GLY E 344 21.49 -35.79 -7.70
C GLY E 344 21.19 -35.73 -6.22
N GLY E 345 20.01 -35.19 -5.90
CA GLY E 345 19.65 -34.92 -4.50
C GLY E 345 19.03 -36.09 -3.76
N LEU E 346 18.17 -35.76 -2.80
CA LEU E 346 17.51 -36.73 -1.93
C LEU E 346 16.45 -37.54 -2.69
N THR E 347 16.91 -38.60 -3.36
CA THR E 347 16.07 -39.57 -4.09
C THR E 347 15.05 -38.92 -5.05
N THR E 348 13.76 -39.16 -4.79
CA THR E 348 12.67 -38.62 -5.60
C THR E 348 12.28 -37.23 -5.10
N ASN E 349 12.67 -36.92 -3.86
CA ASN E 349 12.14 -35.75 -3.14
C ASN E 349 12.81 -34.40 -3.46
N ALA E 350 14.12 -34.41 -3.69
CA ALA E 350 14.88 -33.17 -3.90
C ALA E 350 14.39 -32.35 -5.09
N PRO E 351 14.17 -31.03 -4.88
CA PRO E 351 13.75 -30.11 -5.93
C PRO E 351 14.86 -29.85 -6.94
N PRO E 352 14.51 -29.62 -8.22
CA PRO E 352 15.49 -29.33 -9.28
C PRO E 352 16.40 -28.15 -8.94
N GLN E 353 17.63 -28.19 -9.47
CA GLN E 353 18.62 -27.16 -9.20
C GLN E 353 18.47 -25.94 -10.11
N GLY E 354 18.04 -26.17 -11.34
CA GLY E 354 17.84 -25.08 -12.30
C GLY E 354 16.50 -24.38 -12.10
N ARG E 355 16.03 -23.74 -13.17
CA ARG E 355 14.72 -23.12 -13.19
C ARG E 355 13.95 -23.58 -14.42
N ASP E 356 14.22 -24.82 -14.84
CA ASP E 356 13.55 -25.43 -15.98
C ASP E 356 12.12 -25.79 -15.61
N VAL E 357 11.17 -25.25 -16.37
CA VAL E 357 9.74 -25.48 -16.12
C VAL E 357 9.39 -26.98 -16.16
N VAL E 358 9.99 -27.71 -17.10
CA VAL E 358 9.72 -29.12 -17.32
C VAL E 358 10.14 -29.99 -16.13
N GLU E 359 11.35 -29.74 -15.61
CA GLU E 359 11.86 -30.46 -14.45
C GLU E 359 10.99 -30.23 -13.22
N TRP E 360 10.60 -28.97 -13.00
CA TRP E 360 9.75 -28.61 -11.87
C TRP E 360 8.32 -29.15 -12.03
N LEU E 361 7.86 -29.23 -13.28
CA LEU E 361 6.57 -29.86 -13.59
C LEU E 361 6.60 -31.34 -13.27
N GLY E 362 7.70 -32.01 -13.60
CA GLY E 362 7.90 -33.42 -13.30
C GLY E 362 8.04 -33.67 -11.81
N TRP E 363 8.74 -32.75 -11.13
CA TRP E 363 8.89 -32.79 -9.67
C TRP E 363 7.54 -32.63 -8.99
N PHE E 364 6.69 -31.76 -9.54
CA PHE E 364 5.38 -31.47 -8.98
C PHE E 364 4.47 -32.69 -8.98
N GLU E 365 4.63 -33.55 -10.00
CA GLU E 365 3.93 -34.83 -10.08
C GLU E 365 4.26 -35.73 -8.89
N ASP E 366 5.55 -35.82 -8.57
CA ASP E 366 6.03 -36.65 -7.47
C ASP E 366 5.46 -36.19 -6.13
N GLN E 367 5.18 -34.89 -6.04
CA GLN E 367 4.58 -34.30 -4.84
C GLN E 367 3.05 -34.41 -4.89
N ASN E 368 2.55 -35.25 -5.80
CA ASN E 368 1.12 -35.47 -6.03
C ASN E 368 0.34 -34.22 -6.43
N ARG E 369 1.04 -33.27 -7.04
CA ARG E 369 0.47 -31.98 -7.48
C ARG E 369 -0.19 -31.19 -6.34
N LYS E 370 0.41 -31.27 -5.16
CA LYS E 370 -0.07 -30.56 -3.98
C LYS E 370 1.09 -29.79 -3.35
N PRO E 371 0.90 -28.47 -3.12
CA PRO E 371 1.93 -27.65 -2.48
C PRO E 371 2.58 -28.33 -1.29
N THR E 372 3.91 -28.38 -1.31
CA THR E 372 4.72 -28.98 -0.24
C THR E 372 4.61 -28.15 1.04
N PRO E 373 4.66 -28.82 2.22
CA PRO E 373 4.78 -28.11 3.49
C PRO E 373 5.87 -27.03 3.47
N ASP E 374 6.93 -27.24 2.70
CA ASP E 374 8.00 -26.26 2.52
C ASP E 374 7.60 -25.14 1.56
N MET E 375 6.79 -25.48 0.56
CA MET E 375 6.26 -24.49 -0.38
C MET E 375 5.28 -23.54 0.31
N MET E 376 4.45 -24.10 1.19
CA MET E 376 3.50 -23.32 1.98
C MET E 376 4.23 -22.41 2.97
N GLN E 377 5.37 -22.88 3.49
CA GLN E 377 6.23 -22.09 4.35
C GLN E 377 6.83 -20.90 3.62
N TYR E 378 7.41 -21.16 2.45
CA TYR E 378 8.06 -20.13 1.64
C TYR E 378 7.12 -18.95 1.42
N ALA E 379 5.88 -19.25 1.01
CA ALA E 379 4.87 -18.22 0.76
C ALA E 379 4.39 -17.58 2.06
N LYS E 380 4.26 -18.39 3.11
CA LYS E 380 3.87 -17.89 4.44
C LYS E 380 4.88 -16.87 4.96
N ARG E 381 6.15 -17.16 4.75
CA ARG E 381 7.25 -16.31 5.22
C ARG E 381 7.40 -15.03 4.39
N ALA E 382 6.80 -15.02 3.21
CA ALA E 382 6.84 -13.86 2.33
C ALA E 382 5.65 -12.91 2.54
N VAL E 383 4.56 -13.45 3.08
CA VAL E 383 3.33 -12.67 3.24
C VAL E 383 3.14 -12.10 4.65
N MET E 384 3.70 -12.77 5.65
CA MET E 384 3.73 -12.25 7.02
C MET E 384 4.63 -11.02 7.04
N SER E 385 4.47 -10.19 8.07
CA SER E 385 5.21 -8.92 8.20
C SER E 385 4.73 -7.82 7.24
N LEU E 386 3.89 -8.20 6.28
CA LEU E 386 3.20 -7.22 5.44
C LEU E 386 2.14 -6.51 6.28
N GLN E 387 2.28 -5.20 6.38
CA GLN E 387 1.35 -4.39 7.18
C GLN E 387 0.73 -3.28 6.35
N GLY E 388 -0.45 -2.82 6.76
CA GLY E 388 -1.17 -1.74 6.08
C GLY E 388 -1.69 -2.12 4.71
N LEU E 389 -2.14 -3.37 4.57
CA LEU E 389 -2.70 -3.86 3.31
C LEU E 389 -4.14 -3.38 3.12
N ARG E 390 -4.49 -3.11 1.86
CA ARG E 390 -5.82 -2.62 1.52
C ARG E 390 -6.71 -3.71 0.94
N GLU E 391 -8.03 -3.53 1.04
CA GLU E 391 -9.00 -4.49 0.51
C GLU E 391 -8.90 -4.64 -1.02
N LYS E 392 -9.14 -5.86 -1.49
CA LYS E 392 -9.07 -6.24 -2.92
C LYS E 392 -7.72 -5.94 -3.59
N THR E 393 -6.64 -6.15 -2.85
CA THR E 393 -5.28 -6.04 -3.40
C THR E 393 -4.62 -7.41 -3.42
N ILE E 394 -3.63 -7.56 -4.30
CA ILE E 394 -2.83 -8.79 -4.37
C ILE E 394 -2.15 -9.07 -3.02
N GLY E 395 -1.74 -8.00 -2.35
CA GLY E 395 -1.12 -8.09 -1.02
C GLY E 395 -2.04 -8.67 0.03
N LYS E 396 -3.25 -8.12 0.13
CA LYS E 396 -4.25 -8.60 1.09
C LYS E 396 -4.64 -10.05 0.80
N TYR E 397 -4.86 -10.36 -0.48
CA TYR E 397 -5.18 -11.71 -0.91
C TYR E 397 -4.09 -12.71 -0.51
N ALA E 398 -2.84 -12.37 -0.84
CA ALA E 398 -1.69 -13.23 -0.59
C ALA E 398 -1.48 -13.52 0.89
N LYS E 399 -1.65 -12.51 1.74
CA LYS E 399 -1.48 -12.69 3.18
C LYS E 399 -2.60 -13.55 3.78
N SER E 400 -3.84 -13.28 3.35
CA SER E 400 -4.99 -14.07 3.80
C SER E 400 -4.88 -15.52 3.32
N GLU E 401 -4.20 -15.72 2.20
CA GLU E 401 -4.03 -17.03 1.59
C GLU E 401 -3.01 -17.89 2.35
N PHE E 402 -1.82 -17.35 2.55
CA PHE E 402 -0.69 -18.14 3.05
C PHE E 402 -0.37 -17.95 4.53
N ASP E 403 -0.68 -16.78 5.08
CA ASP E 403 -0.55 -16.56 6.52
C ASP E 403 -1.79 -17.13 7.20
N LYS E 404 -1.80 -18.45 7.38
CA LYS E 404 -2.95 -19.23 7.89
C LYS E 404 -3.96 -19.55 6.77
N LYS F 6 3.30 -26.78 -25.30
CA LYS F 6 2.18 -27.25 -26.16
C LYS F 6 2.18 -26.52 -27.50
N VAL F 7 2.43 -25.20 -27.45
CA VAL F 7 2.59 -24.38 -28.66
C VAL F 7 3.99 -23.78 -28.68
N ARG F 8 4.56 -23.64 -29.88
CA ARG F 8 5.95 -23.21 -30.04
C ARG F 8 6.11 -21.71 -29.81
N GLU F 9 7.16 -21.36 -29.07
CA GLU F 9 7.55 -19.97 -28.79
C GLU F 9 7.97 -19.24 -30.07
N TYR F 10 7.64 -17.95 -30.15
CA TYR F 10 8.05 -17.13 -31.29
C TYR F 10 8.45 -15.71 -30.86
N LEU F 11 9.47 -15.16 -31.51
CA LEU F 11 9.94 -13.80 -31.25
C LEU F 11 8.85 -12.77 -31.55
N LYS F 12 8.02 -13.08 -32.54
CA LYS F 12 6.86 -12.26 -32.93
C LYS F 12 7.24 -10.82 -33.32
N SER F 13 8.34 -10.71 -34.07
CA SER F 13 8.85 -9.43 -34.60
C SER F 13 9.46 -8.52 -33.53
N TYR F 14 9.35 -8.89 -32.27
CA TYR F 14 9.86 -8.08 -31.17
C TYR F 14 11.17 -8.62 -30.61
N SER F 15 12.27 -8.09 -31.13
CA SER F 15 13.62 -8.50 -30.73
C SER F 15 14.17 -7.63 -29.60
N ARG F 16 13.64 -6.41 -29.47
CA ARG F 16 14.02 -5.53 -28.38
C ARG F 16 12.94 -5.54 -27.30
N LEU F 17 12.26 -6.68 -27.17
CA LEU F 17 11.14 -6.86 -26.25
C LEU F 17 11.55 -6.84 -24.78
N ASP F 18 12.67 -7.50 -24.47
CA ASP F 18 13.19 -7.56 -23.10
C ASP F 18 13.55 -6.17 -22.55
N GLN F 19 14.10 -5.33 -23.42
CA GLN F 19 14.47 -3.97 -23.08
C GLN F 19 13.23 -3.10 -22.93
N ALA F 20 12.25 -3.33 -23.79
CA ALA F 20 11.02 -2.53 -23.84
C ALA F 20 10.15 -2.68 -22.60
N VAL F 21 9.92 -3.92 -22.16
CA VAL F 21 9.06 -4.20 -21.00
C VAL F 21 9.63 -3.65 -19.70
N GLY F 22 10.97 -3.61 -19.59
CA GLY F 22 11.66 -3.02 -18.45
C GLY F 22 11.47 -1.51 -18.39
N GLU F 23 11.40 -0.88 -19.56
CA GLU F 23 11.17 0.55 -19.69
C GLU F 23 9.72 0.91 -19.34
N ILE F 24 8.79 0.03 -19.66
CA ILE F 24 7.37 0.24 -19.39
C ILE F 24 7.07 0.22 -17.90
N ASP F 25 7.75 -0.66 -17.17
CA ASP F 25 7.56 -0.78 -15.73
C ASP F 25 8.13 0.41 -14.95
N GLU F 26 9.17 1.04 -15.51
CA GLU F 26 9.77 2.24 -14.92
C GLU F 26 8.78 3.41 -14.87
N ILE F 27 8.05 3.60 -15.97
CA ILE F 27 7.03 4.63 -16.08
C ILE F 27 5.82 4.26 -15.22
N GLU F 28 5.53 2.97 -15.12
CA GLU F 28 4.43 2.45 -14.30
C GLU F 28 4.68 2.68 -12.80
N ALA F 29 5.94 2.60 -12.39
CA ALA F 29 6.33 2.85 -11.00
C ALA F 29 6.11 4.31 -10.61
N GLN F 30 6.23 5.21 -11.59
CA GLN F 30 6.07 6.64 -11.39
C GLN F 30 4.62 7.04 -11.14
N ARG F 31 3.69 6.25 -11.69
CA ARG F 31 2.25 6.53 -11.52
C ARG F 31 1.62 5.75 -10.36
N ALA F 32 2.43 5.38 -9.37
CA ALA F 32 1.96 4.66 -8.19
C ALA F 32 1.67 5.62 -7.03
N GLU F 33 0.41 5.65 -6.61
CA GLU F 33 -0.05 6.56 -5.55
C GLU F 33 0.11 5.93 -4.17
N LYS F 34 0.61 6.72 -3.22
CA LYS F 34 0.77 6.27 -1.83
C LYS F 34 0.44 7.38 -0.83
N SER F 35 -0.02 6.96 0.37
CA SER F 35 -0.32 7.85 1.49
C SER F 35 -1.42 8.87 1.22
N THR G 5 -30.10 -40.39 -12.55
CA THR G 5 -30.06 -39.23 -13.50
C THR G 5 -31.48 -38.79 -13.86
N LYS G 6 -31.73 -37.49 -13.73
CA LYS G 6 -33.02 -36.92 -14.14
C LYS G 6 -33.05 -36.64 -15.65
N VAL G 7 -31.91 -36.20 -16.20
CA VAL G 7 -31.78 -35.94 -17.64
C VAL G 7 -30.30 -35.74 -18.04
N ARG G 8 -29.98 -36.04 -19.30
CA ARG G 8 -28.64 -35.89 -19.85
C ARG G 8 -28.46 -34.49 -20.46
N GLU G 9 -27.25 -33.96 -20.37
CA GLU G 9 -26.91 -32.63 -20.90
C GLU G 9 -27.24 -32.48 -22.38
N TYR G 10 -28.13 -31.54 -22.67
CA TYR G 10 -28.47 -31.17 -24.03
C TYR G 10 -28.11 -29.70 -24.23
N LEU G 11 -27.21 -29.42 -25.16
CA LEU G 11 -26.80 -28.05 -25.46
C LEU G 11 -28.03 -27.26 -25.90
N LYS G 12 -28.71 -26.67 -24.91
CA LYS G 12 -30.00 -26.01 -25.12
C LYS G 12 -29.83 -24.71 -25.90
N SER G 13 -30.27 -24.73 -27.16
CA SER G 13 -30.29 -23.56 -28.06
C SER G 13 -29.10 -22.61 -27.98
N TYR G 14 -28.73 -22.25 -26.75
CA TYR G 14 -27.74 -21.24 -26.47
C TYR G 14 -26.31 -21.77 -26.63
N SER G 15 -25.83 -21.74 -27.87
CA SER G 15 -24.48 -22.19 -28.21
C SER G 15 -23.43 -21.20 -27.73
N ARG G 16 -23.82 -19.93 -27.64
CA ARG G 16 -22.94 -18.86 -27.19
C ARG G 16 -23.21 -18.52 -25.72
N LEU G 17 -23.58 -19.53 -24.94
CA LEU G 17 -23.92 -19.35 -23.53
C LEU G 17 -22.74 -18.92 -22.67
N ASP G 18 -21.58 -19.52 -22.91
CA ASP G 18 -20.37 -19.27 -22.12
C ASP G 18 -19.90 -17.81 -22.15
N GLN G 19 -19.92 -17.21 -23.35
CA GLN G 19 -19.59 -15.80 -23.49
C GLN G 19 -20.68 -14.92 -22.87
N ALA G 20 -21.93 -15.36 -22.98
CA ALA G 20 -23.08 -14.60 -22.53
C ALA G 20 -23.19 -14.48 -21.00
N VAL G 21 -23.03 -15.60 -20.30
CA VAL G 21 -23.16 -15.62 -18.84
C VAL G 21 -22.06 -14.82 -18.13
N GLY G 22 -20.89 -14.72 -18.75
CA GLY G 22 -19.78 -13.92 -18.24
C GLY G 22 -20.03 -12.43 -18.37
N GLU G 23 -20.72 -12.05 -19.44
CA GLU G 23 -21.11 -10.66 -19.68
C GLU G 23 -22.21 -10.20 -18.72
N ILE G 24 -23.05 -11.15 -18.31
CA ILE G 24 -24.12 -10.91 -17.34
C ILE G 24 -23.53 -10.65 -15.95
N ASP G 25 -22.45 -11.37 -15.63
CA ASP G 25 -21.77 -11.20 -14.35
C ASP G 25 -21.02 -9.87 -14.27
N GLU G 26 -20.55 -9.38 -15.41
CA GLU G 26 -19.88 -8.08 -15.51
C GLU G 26 -20.81 -6.94 -15.09
N ILE G 27 -22.07 -7.03 -15.50
CA ILE G 27 -23.07 -6.02 -15.16
C ILE G 27 -23.53 -6.17 -13.70
N GLU G 28 -23.61 -7.42 -13.24
CA GLU G 28 -23.93 -7.71 -11.84
C GLU G 28 -22.81 -7.25 -10.90
N ALA G 29 -21.59 -7.19 -11.43
CA ALA G 29 -20.43 -6.70 -10.67
C ALA G 29 -20.50 -5.21 -10.39
N GLN G 30 -21.26 -4.48 -11.21
CA GLN G 30 -21.41 -3.03 -11.07
C GLN G 30 -22.57 -2.64 -10.16
N ARG G 31 -23.15 -3.62 -9.47
CA ARG G 31 -24.29 -3.41 -8.59
C ARG G 31 -23.96 -3.60 -7.11
N ALA G 32 -22.70 -3.96 -6.85
CA ALA G 32 -22.22 -4.14 -5.47
C ALA G 32 -21.93 -2.80 -4.81
N GLU G 33 -22.24 -2.70 -3.52
CA GLU G 33 -22.09 -1.47 -2.74
C GLU G 33 -20.63 -0.97 -2.73
N LYS H 6 54.49 -11.81 14.33
CA LYS H 6 54.77 -11.29 12.96
C LYS H 6 55.76 -10.12 13.00
N VAL H 7 55.49 -9.16 13.90
CA VAL H 7 56.42 -8.06 14.16
C VAL H 7 56.88 -8.15 15.60
N ARG H 8 58.19 -8.27 15.78
CA ARG H 8 58.82 -8.34 17.10
C ARG H 8 58.55 -7.09 17.92
N GLU H 9 58.29 -7.27 19.22
CA GLU H 9 58.05 -6.16 20.14
C GLU H 9 59.30 -5.30 20.28
N TYR H 10 59.14 -4.03 19.92
CA TYR H 10 60.22 -3.06 19.99
C TYR H 10 59.94 -2.15 21.18
N LEU H 11 60.99 -1.81 21.94
CA LEU H 11 60.87 -0.93 23.11
C LEU H 11 60.10 0.34 22.76
N LYS H 12 60.12 0.68 21.47
CA LYS H 12 59.39 1.83 20.91
C LYS H 12 59.81 3.16 21.50
N SER H 13 61.04 3.21 22.03
CA SER H 13 61.68 4.44 22.52
C SER H 13 61.13 4.99 23.84
N TYR H 14 59.84 4.73 24.10
CA TYR H 14 59.17 5.31 25.25
C TYR H 14 59.23 4.39 26.47
N SER H 15 60.20 4.66 27.34
CA SER H 15 60.46 3.85 28.52
C SER H 15 59.53 4.18 29.68
N ARG H 16 58.83 5.31 29.59
CA ARG H 16 57.85 5.69 30.59
C ARG H 16 56.46 5.76 29.98
N LEU H 17 56.21 4.89 29.00
CA LEU H 17 54.94 4.82 28.28
C LEU H 17 53.80 4.35 29.19
N ASP H 18 54.04 3.27 29.94
CA ASP H 18 53.07 2.73 30.88
C ASP H 18 52.57 3.75 31.90
N GLN H 19 53.48 4.62 32.32
CA GLN H 19 53.19 5.66 33.30
C GLN H 19 52.41 6.80 32.66
N ALA H 20 52.80 7.18 31.45
CA ALA H 20 52.20 8.32 30.75
C ALA H 20 50.76 8.06 30.28
N VAL H 21 50.54 6.89 29.67
CA VAL H 21 49.21 6.55 29.12
C VAL H 21 48.11 6.53 30.17
N GLY H 22 48.47 6.19 31.41
CA GLY H 22 47.53 6.20 32.53
C GLY H 22 47.18 7.61 32.95
N GLU H 23 48.16 8.51 32.83
CA GLU H 23 47.97 9.93 33.13
C GLU H 23 47.17 10.63 32.03
N ILE H 24 47.33 10.14 30.80
CA ILE H 24 46.57 10.63 29.65
C ILE H 24 45.08 10.30 29.82
N ASP H 25 44.79 9.10 30.32
CA ASP H 25 43.41 8.66 30.53
C ASP H 25 42.74 9.39 31.69
N GLU H 26 43.54 9.79 32.69
CA GLU H 26 43.04 10.56 33.83
C GLU H 26 42.44 11.90 33.38
N ILE H 27 43.13 12.58 32.47
CA ILE H 27 42.68 13.85 31.92
C ILE H 27 41.50 13.64 30.96
N GLU H 28 41.55 12.55 30.20
CA GLU H 28 40.44 12.13 29.33
C GLU H 28 39.17 11.88 30.14
N ALA H 29 39.33 11.28 31.31
CA ALA H 29 38.21 10.99 32.22
C ALA H 29 37.51 12.26 32.69
N GLN H 30 38.27 13.35 32.80
CA GLN H 30 37.72 14.65 33.21
C GLN H 30 36.86 15.30 32.13
N ARG H 31 37.12 14.93 30.87
CA ARG H 31 36.39 15.49 29.73
C ARG H 31 34.99 14.90 29.56
N ALA H 32 34.79 13.66 30.02
CA ALA H 32 33.52 12.95 29.86
C ALA H 32 32.32 13.77 30.31
N GLU H 33 31.28 13.79 29.47
CA GLU H 33 30.12 14.64 29.71
C GLU H 33 29.02 13.91 30.49
N LYS H 34 28.80 14.37 31.73
CA LYS H 34 27.89 13.71 32.67
C LYS H 34 26.43 14.08 32.43
N THR I 5 27.53 -17.14 -13.59
CA THR I 5 27.67 -17.77 -14.93
C THR I 5 29.12 -18.14 -15.23
N LYS I 6 29.55 -17.90 -16.47
CA LYS I 6 30.95 -18.11 -16.87
C LYS I 6 31.83 -16.98 -16.32
N VAL I 7 33.12 -17.24 -16.22
CA VAL I 7 34.03 -16.33 -15.50
C VAL I 7 34.95 -15.49 -16.39
N ARG I 8 35.13 -14.23 -15.99
CA ARG I 8 36.06 -13.30 -16.62
C ARG I 8 36.79 -12.56 -15.48
N GLU I 9 38.02 -12.13 -15.74
CA GLU I 9 38.72 -11.31 -14.76
C GLU I 9 39.76 -10.37 -15.36
N TYR I 10 39.89 -9.21 -14.72
CA TYR I 10 40.87 -8.20 -15.08
C TYR I 10 41.26 -7.40 -13.84
N LEU I 11 42.56 -7.11 -13.74
CA LEU I 11 43.08 -6.25 -12.68
C LEU I 11 42.76 -4.81 -13.07
N LYS I 12 42.00 -4.12 -12.23
CA LYS I 12 41.52 -2.77 -12.54
C LYS I 12 42.67 -1.82 -12.84
N SER I 13 42.46 -0.95 -13.83
CA SER I 13 43.49 -0.01 -14.28
C SER I 13 43.80 1.09 -13.25
N TYR I 14 42.95 1.19 -12.23
CA TYR I 14 43.03 2.29 -11.28
C TYR I 14 44.08 2.12 -10.17
N SER I 15 44.18 0.93 -9.59
CA SER I 15 45.18 0.60 -8.55
C SER I 15 45.01 1.37 -7.24
N ARG I 16 45.07 2.70 -7.32
CA ARG I 16 44.81 3.58 -6.17
C ARG I 16 43.32 3.56 -5.81
N LEU I 17 42.62 2.57 -6.34
CA LEU I 17 41.17 2.40 -6.18
C LEU I 17 40.76 2.16 -4.73
N ASP I 18 41.52 1.34 -4.01
CA ASP I 18 41.23 1.00 -2.61
C ASP I 18 41.20 2.23 -1.70
N GLN I 19 42.10 3.17 -1.95
CA GLN I 19 42.18 4.42 -1.18
C GLN I 19 41.05 5.36 -1.59
N ALA I 20 40.69 5.34 -2.87
CA ALA I 20 39.69 6.24 -3.43
C ALA I 20 38.28 5.95 -2.94
N VAL I 21 37.84 4.69 -3.08
CA VAL I 21 36.48 4.30 -2.70
C VAL I 21 36.18 4.53 -1.22
N GLY I 22 37.20 4.36 -0.37
CA GLY I 22 37.09 4.62 1.06
C GLY I 22 36.88 6.10 1.37
N GLU I 23 37.46 6.95 0.54
CA GLU I 23 37.31 8.40 0.66
C GLU I 23 35.96 8.88 0.15
N ILE I 24 35.45 8.21 -0.90
CA ILE I 24 34.13 8.53 -1.46
C ILE I 24 33.03 8.23 -0.45
N ASP I 25 33.22 7.16 0.32
CA ASP I 25 32.26 6.76 1.35
C ASP I 25 32.30 7.69 2.57
N GLU I 26 33.45 8.32 2.80
CA GLU I 26 33.60 9.31 3.86
C GLU I 26 32.73 10.52 3.62
N ILE I 27 32.69 10.98 2.37
CA ILE I 27 31.86 12.11 1.96
C ILE I 27 30.39 11.71 1.94
N GLU I 28 30.11 10.46 1.55
CA GLU I 28 28.75 9.91 1.54
C GLU I 28 28.15 9.81 2.94
N ALA I 29 29.00 9.54 3.92
CA ALA I 29 28.58 9.49 5.33
C ALA I 29 28.16 10.87 5.84
N GLN I 30 28.60 11.91 5.14
CA GLN I 30 28.33 13.30 5.54
C GLN I 30 27.01 13.86 5.01
N ARG I 31 26.46 13.21 3.98
CA ARG I 31 25.18 13.65 3.40
C ARG I 31 23.96 12.89 3.97
N ALA I 32 24.22 11.91 4.82
CA ALA I 32 23.16 11.15 5.50
C ALA I 32 22.43 12.02 6.53
N GLU I 33 21.12 11.80 6.64
CA GLU I 33 20.24 12.69 7.43
C GLU I 33 19.63 12.00 8.65
N LYS I 34 19.39 12.78 9.71
CA LYS I 34 18.67 12.31 10.89
C LYS I 34 17.41 13.14 11.16
N LYS J 6 -46.72 -47.04 13.26
CA LYS J 6 -47.88 -47.61 13.99
C LYS J 6 -49.16 -47.47 13.15
N VAL J 7 -49.59 -46.24 12.91
CA VAL J 7 -50.75 -45.96 12.08
C VAL J 7 -50.32 -45.50 10.69
N ARG J 8 -51.10 -45.88 9.68
CA ARG J 8 -50.78 -45.61 8.28
C ARG J 8 -50.88 -44.15 7.89
N GLU J 9 -49.94 -43.71 7.05
CA GLU J 9 -50.01 -42.40 6.39
C GLU J 9 -51.23 -42.39 5.48
N TYR J 10 -52.15 -41.45 5.73
CA TYR J 10 -53.43 -41.44 5.05
C TYR J 10 -53.34 -40.90 3.63
N LEU J 11 -52.46 -39.92 3.42
CA LEU J 11 -52.41 -39.13 2.19
C LEU J 11 -53.79 -38.50 2.01
N LYS J 12 -54.08 -37.55 2.90
CA LYS J 12 -55.41 -36.95 3.03
C LYS J 12 -55.85 -36.23 1.75
N SER J 13 -57.09 -35.75 1.74
CA SER J 13 -57.67 -35.05 0.59
C SER J 13 -56.76 -33.95 0.04
N TYR J 14 -55.76 -33.56 0.83
CA TYR J 14 -54.81 -32.52 0.46
C TYR J 14 -53.70 -33.09 -0.42
N SER J 15 -54.00 -33.22 -1.70
CA SER J 15 -53.06 -33.71 -2.70
C SER J 15 -52.10 -32.61 -3.15
N ARG J 16 -52.43 -31.37 -2.81
CA ARG J 16 -51.57 -30.23 -3.07
C ARG J 16 -51.05 -29.67 -1.73
N LEU J 17 -50.76 -30.58 -0.80
CA LEU J 17 -50.31 -30.20 0.54
C LEU J 17 -48.89 -29.64 0.56
N ASP J 18 -48.01 -30.22 -0.26
CA ASP J 18 -46.61 -29.80 -0.32
C ASP J 18 -46.42 -28.38 -0.82
N GLN J 19 -47.18 -28.00 -1.85
CA GLN J 19 -47.13 -26.65 -2.41
C GLN J 19 -47.77 -25.63 -1.48
N ALA J 20 -48.82 -26.06 -0.78
CA ALA J 20 -49.59 -25.17 0.11
C ALA J 20 -48.79 -24.76 1.34
N VAL J 21 -48.22 -25.74 2.04
CA VAL J 21 -47.48 -25.48 3.28
C VAL J 21 -46.21 -24.63 3.07
N GLY J 22 -45.61 -24.77 1.89
CA GLY J 22 -44.47 -23.95 1.49
C GLY J 22 -44.88 -22.51 1.25
N GLU J 23 -46.09 -22.31 0.72
CA GLU J 23 -46.65 -20.99 0.49
C GLU J 23 -47.10 -20.31 1.78
N ILE J 24 -47.50 -21.12 2.75
CA ILE J 24 -47.93 -20.61 4.07
C ILE J 24 -46.73 -20.04 4.85
N ASP J 25 -45.57 -20.68 4.69
CA ASP J 25 -44.35 -20.24 5.36
C ASP J 25 -43.77 -18.96 4.73
N GLU J 26 -44.04 -18.76 3.45
CA GLU J 26 -43.63 -17.54 2.74
C GLU J 26 -44.25 -16.27 3.33
N ILE J 27 -45.45 -16.42 3.90
CA ILE J 27 -46.13 -15.33 4.56
C ILE J 27 -45.70 -15.23 6.03
N GLU J 28 -45.44 -16.38 6.65
CA GLU J 28 -44.91 -16.43 8.01
C GLU J 28 -43.52 -15.79 8.09
N ALA J 29 -42.77 -15.90 6.99
CA ALA J 29 -41.46 -15.26 6.86
C ALA J 29 -41.58 -13.74 6.74
N GLN J 30 -42.73 -13.27 6.26
CA GLN J 30 -42.98 -11.84 6.07
C GLN J 30 -43.46 -11.14 7.35
N ARG J 31 -43.86 -11.93 8.35
CA ARG J 31 -44.30 -11.40 9.63
C ARG J 31 -43.14 -11.15 10.58
N ALA J 32 -42.03 -11.83 10.35
CA ALA J 32 -40.85 -11.79 11.20
C ALA J 32 -40.38 -10.36 11.49
N GLU J 33 -40.14 -10.08 12.77
CA GLU J 33 -39.81 -8.73 13.23
C GLU J 33 -38.32 -8.56 13.53
N LYS J 34 -37.81 -7.35 13.32
CA LYS J 34 -36.44 -7.00 13.72
C LYS J 34 -36.48 -6.07 14.93
#